data_7ACX
#
_entry.id   7ACX
#
_cell.length_a   78.052
_cell.length_b   137.940
_cell.length_c   84.734
_cell.angle_alpha   90.000
_cell.angle_beta   100.700
_cell.angle_gamma   90.000
#
_symmetry.space_group_name_H-M   'P 1 21 1'
#
loop_
_entity.id
_entity.type
_entity.pdbx_description
1 polymer 'S-layer protein'
2 polymer 'S-layer protein'
3 non-polymer 2-acetamido-2-deoxy-beta-D-glucopyranose
4 non-polymer 'SULFATE ION'
5 water water
#
loop_
_entity_poly.entity_id
_entity_poly.type
_entity_poly.pdbx_seq_one_letter_code
_entity_poly.pdbx_strand_id
1 'polypeptide(L)'
;DSTTPGYTVVKNDWKKAVKQLQDGLKNKTISTIKVSFNGNSVGEVTPASSGAKKADRDAAAEKLYNLVNTQLDKLGDGDY
VDFEVTYNLATQIITKAEAEAVLTKLQQYNDKVLINSATDTVKGMVSDTQVDSKNVAANPLKVSDMYTIPSAITGSDDSG
YSIAKPTEKTTSLLYGTVGDATAGKAITVDTASNEAFAGNGKVIDYNKSFKATVQGDGTVKTSGVVLKDASDMAATGTIK
VRVTSAKEESIDVDSSSYISAENLAKKYVFNPKEVSEAYNAIVALQNDGIESDLVQLVNGKYQVIFYPEGKRLETKS
;
A,C
2 'polypeptide(L)'
;ADIIADADSPAKITIKANKLKDLKDYVDDLKTYNNTYSNVVTVAGEDRIETAIELSSKYYNSDDKNAITDDAVNNIVLVG
STSIVDGLVASPLASEKTAPLLLTSKDKLDSSVKSEIKRVMNLKSDTGINTSKKVYLAGGVNSISKDVENELKNMGLKVT
RLSGEDRYETSLAIADEIGLDNDKAFVVGGTGLADAMSIAPVASQLKDGDATPIVVVDGKAKEISDDAKSFLGTSDVDII
GGKNSVSKEIEESIDSATGKTPDRISGDDRQATNAEVLKEDDYFKDGEVVNYFVAKDGSTKEDQLVDALAAAPIAGRFKE
SPAPIILATDTLSSDQNVAVSKAVPKDGGTNLVQVGKGIASSVINKMKDLLDM
;
B,D
#
loop_
_chem_comp.id
_chem_comp.type
_chem_comp.name
_chem_comp.formula
NAG D-saccharide, beta linking 2-acetamido-2-deoxy-beta-D-glucopyranose 'C8 H15 N O6'
SO4 non-polymer 'SULFATE ION' 'O4 S -2'
#
# COMPACT_ATOMS: atom_id res chain seq x y z
N THR A 3 -7.45 6.49 -22.72
CA THR A 3 -6.71 7.54 -23.41
C THR A 3 -6.16 7.08 -24.76
N THR A 4 -6.62 5.92 -25.23
CA THR A 4 -6.13 5.37 -26.50
C THR A 4 -7.24 5.41 -27.53
N PRO A 5 -7.06 6.09 -28.66
CA PRO A 5 -8.09 6.09 -29.71
C PRO A 5 -8.22 4.72 -30.38
N GLY A 6 -9.44 4.44 -30.84
CA GLY A 6 -9.72 3.17 -31.49
C GLY A 6 -11.20 2.87 -31.49
N TYR A 7 -11.51 1.58 -31.59
CA TYR A 7 -12.89 1.09 -31.62
C TYR A 7 -12.98 -0.18 -30.80
N THR A 8 -14.06 -0.32 -30.04
CA THR A 8 -14.24 -1.44 -29.13
C THR A 8 -15.54 -2.16 -29.45
N VAL A 9 -15.46 -3.47 -29.65
CA VAL A 9 -16.57 -4.31 -30.08
C VAL A 9 -16.93 -5.25 -28.94
N VAL A 10 -18.20 -5.29 -28.57
CA VAL A 10 -18.64 -6.30 -27.60
C VAL A 10 -18.62 -7.67 -28.27
N LYS A 11 -18.40 -8.71 -27.45
CA LYS A 11 -18.27 -10.07 -27.95
C LYS A 11 -19.42 -10.46 -28.87
N ASN A 12 -20.65 -10.21 -28.43
CA ASN A 12 -21.85 -10.59 -29.19
C ASN A 12 -21.87 -10.05 -30.62
N ASP A 13 -21.04 -9.05 -30.95
CA ASP A 13 -21.02 -8.47 -32.29
C ASP A 13 -19.78 -8.85 -33.10
N TRP A 14 -18.99 -9.83 -32.64
CA TRP A 14 -17.68 -10.04 -33.24
C TRP A 14 -17.77 -10.45 -34.71
N LYS A 15 -18.73 -11.31 -35.06
CA LYS A 15 -18.88 -11.72 -36.45
C LYS A 15 -19.15 -10.52 -37.36
N LYS A 16 -20.10 -9.67 -36.97
CA LYS A 16 -20.36 -8.41 -37.67
C LYS A 16 -19.07 -7.66 -37.99
N ALA A 17 -18.23 -7.45 -36.98
CA ALA A 17 -17.00 -6.68 -37.15
C ALA A 17 -16.01 -7.43 -38.04
N VAL A 18 -15.81 -8.73 -37.80
CA VAL A 18 -14.89 -9.52 -38.62
C VAL A 18 -15.30 -9.46 -40.09
N LYS A 19 -16.61 -9.62 -40.37
CA LYS A 19 -17.11 -9.48 -41.74
C LYS A 19 -16.67 -8.16 -42.39
N GLN A 20 -16.67 -7.07 -41.61
CA GLN A 20 -16.25 -5.79 -42.15
C GLN A 20 -14.80 -5.84 -42.61
N LEU A 21 -13.91 -6.34 -41.75
CA LEU A 21 -12.50 -6.49 -42.11
C LEU A 21 -12.33 -7.37 -43.35
N GLN A 22 -13.11 -8.44 -43.45
CA GLN A 22 -13.04 -9.30 -44.62
C GLN A 22 -13.40 -8.54 -45.89
N ASP A 23 -14.51 -7.81 -45.88
CA ASP A 23 -14.90 -7.02 -47.04
C ASP A 23 -13.83 -5.98 -47.38
N GLY A 24 -13.26 -5.34 -46.36
CA GLY A 24 -12.14 -4.44 -46.61
C GLY A 24 -10.98 -5.10 -47.35
N LEU A 25 -10.64 -6.33 -46.96
CA LEU A 25 -9.55 -7.03 -47.65
C LEU A 25 -9.91 -7.34 -49.10
N LYS A 26 -11.17 -7.69 -49.36
CA LYS A 26 -11.56 -8.13 -50.69
C LYS A 26 -11.58 -6.99 -51.72
N ASN A 27 -11.79 -5.73 -51.29
CA ASN A 27 -11.88 -4.63 -52.24
C ASN A 27 -10.62 -3.76 -52.24
N LYS A 28 -9.48 -4.32 -51.81
CA LYS A 28 -8.17 -3.67 -51.81
C LYS A 28 -8.08 -2.46 -50.89
N THR A 29 -9.02 -2.30 -49.96
CA THR A 29 -8.92 -1.20 -49.01
C THR A 29 -7.90 -1.49 -47.92
N ILE A 30 -7.86 -2.73 -47.43
CA ILE A 30 -6.96 -3.10 -46.35
C ILE A 30 -5.76 -3.82 -46.95
N SER A 31 -4.56 -3.39 -46.57
CA SER A 31 -3.32 -4.03 -47.02
C SER A 31 -2.79 -5.06 -46.03
N THR A 32 -2.90 -4.80 -44.73
CA THR A 32 -2.41 -5.72 -43.71
C THR A 32 -3.26 -5.58 -42.46
N ILE A 33 -3.39 -6.68 -41.72
CA ILE A 33 -4.00 -6.68 -40.39
C ILE A 33 -3.10 -7.47 -39.47
N LYS A 34 -2.76 -6.86 -38.32
CA LYS A 34 -1.94 -7.49 -37.30
C LYS A 34 -2.78 -7.88 -36.10
N VAL A 35 -2.82 -9.19 -35.80
CA VAL A 35 -3.69 -9.78 -34.79
C VAL A 35 -2.91 -10.13 -33.53
N SER A 36 -3.57 -10.01 -32.37
CA SER A 36 -2.94 -10.40 -31.12
C SER A 36 -4.01 -10.80 -30.10
N PHE A 37 -3.68 -11.78 -29.26
CA PHE A 37 -4.58 -12.32 -28.25
C PHE A 37 -4.04 -11.95 -26.87
N ASN A 38 -4.93 -11.40 -26.03
CA ASN A 38 -4.58 -10.92 -24.70
C ASN A 38 -3.24 -10.19 -24.63
N GLY A 39 -2.94 -9.36 -25.63
CA GLY A 39 -1.74 -8.55 -25.62
C GLY A 39 -0.52 -9.17 -26.27
N ASN A 40 -0.63 -10.37 -26.84
CA ASN A 40 0.51 -11.07 -27.44
C ASN A 40 0.29 -11.32 -28.92
N SER A 41 1.29 -10.99 -29.74
CA SER A 41 1.16 -11.12 -31.18
C SER A 41 1.06 -12.59 -31.58
N VAL A 42 0.09 -12.91 -32.44
CA VAL A 42 -0.11 -14.29 -32.86
C VAL A 42 -0.28 -14.40 -34.37
N GLY A 43 0.06 -13.36 -35.11
CA GLY A 43 -0.03 -13.45 -36.55
C GLY A 43 -0.41 -12.13 -37.20
N GLU A 44 -0.50 -12.21 -38.52
CA GLU A 44 -0.63 -11.05 -39.40
C GLU A 44 -1.19 -11.54 -40.73
N VAL A 45 -2.24 -10.87 -41.22
CA VAL A 45 -2.89 -11.23 -42.49
C VAL A 45 -2.58 -10.17 -43.53
N THR A 46 -2.10 -10.62 -44.70
CA THR A 46 -1.67 -9.73 -45.77
C THR A 46 -1.83 -10.40 -47.13
N PRO A 47 -2.71 -9.89 -47.99
CA PRO A 47 -2.87 -10.48 -49.33
C PRO A 47 -1.55 -10.45 -50.12
N ALA A 48 -1.35 -11.50 -50.90
CA ALA A 48 -0.12 -11.64 -51.67
C ALA A 48 -0.07 -10.69 -52.86
N SER A 49 1.09 -10.07 -53.06
CA SER A 49 1.35 -9.19 -54.20
C SER A 49 0.37 -8.01 -54.23
N SER A 50 0.32 -7.29 -53.11
CA SER A 50 -0.54 -6.10 -52.95
C SER A 50 -2.00 -6.39 -53.32
N GLY A 51 -2.45 -7.61 -53.07
CA GLY A 51 -3.83 -7.99 -53.38
C GLY A 51 -4.20 -7.81 -54.83
N ALA A 52 -3.28 -8.14 -55.75
CA ALA A 52 -3.57 -7.99 -57.18
C ALA A 52 -4.60 -9.01 -57.67
N LYS A 53 -4.63 -10.21 -57.10
CA LYS A 53 -5.51 -11.27 -57.57
C LYS A 53 -6.67 -11.48 -56.60
N LYS A 54 -7.86 -11.68 -57.16
CA LYS A 54 -9.03 -11.96 -56.35
C LYS A 54 -8.83 -13.21 -55.48
N ALA A 55 -8.19 -14.24 -56.03
CA ALA A 55 -7.94 -15.46 -55.27
C ALA A 55 -7.11 -15.20 -54.02
N ASP A 56 -6.11 -14.33 -54.12
CA ASP A 56 -5.27 -14.01 -52.96
C ASP A 56 -6.03 -13.17 -51.95
N ARG A 57 -6.87 -12.25 -52.41
CA ARG A 57 -7.65 -11.43 -51.49
C ARG A 57 -8.67 -12.28 -50.74
N ASP A 58 -9.31 -13.22 -51.44
CA ASP A 58 -10.26 -14.12 -50.79
C ASP A 58 -9.57 -15.04 -49.79
N ALA A 59 -8.34 -15.46 -50.11
CA ALA A 59 -7.56 -16.30 -49.21
C ALA A 59 -7.23 -15.57 -47.91
N ALA A 60 -6.87 -14.29 -48.00
CA ALA A 60 -6.61 -13.53 -46.79
C ALA A 60 -7.86 -13.38 -45.94
N ALA A 61 -9.01 -13.10 -46.58
CA ALA A 61 -10.28 -13.01 -45.86
C ALA A 61 -10.58 -14.28 -45.08
N GLU A 62 -10.33 -15.44 -45.70
CA GLU A 62 -10.55 -16.72 -45.00
C GLU A 62 -9.54 -16.91 -43.88
N LYS A 63 -8.27 -16.64 -44.15
CA LYS A 63 -7.24 -16.77 -43.12
C LYS A 63 -7.61 -16.01 -41.85
N LEU A 64 -8.19 -14.82 -42.01
CA LEU A 64 -8.59 -14.01 -40.85
C LEU A 64 -9.64 -14.72 -40.00
N TYR A 65 -10.76 -15.11 -40.61
CA TYR A 65 -11.80 -15.82 -39.87
C TYR A 65 -11.25 -17.10 -39.23
N ASN A 66 -10.52 -17.89 -40.01
CA ASN A 66 -9.94 -19.13 -39.50
C ASN A 66 -9.03 -18.88 -38.31
N LEU A 67 -8.22 -17.82 -38.36
CA LEU A 67 -7.30 -17.52 -37.27
C LEU A 67 -8.02 -17.23 -35.95
N VAL A 68 -9.11 -16.46 -35.99
CA VAL A 68 -9.64 -15.84 -34.78
C VAL A 68 -10.99 -16.40 -34.32
N ASN A 69 -11.71 -17.17 -35.15
CA ASN A 69 -13.10 -17.47 -34.80
C ASN A 69 -13.22 -18.23 -33.47
N THR A 70 -12.40 -19.26 -33.28
CA THR A 70 -12.54 -20.05 -32.06
C THR A 70 -12.11 -19.23 -30.84
N GLN A 71 -11.08 -18.40 -31.01
CA GLN A 71 -10.65 -17.53 -29.92
C GLN A 71 -11.79 -16.61 -29.50
N LEU A 72 -12.44 -15.97 -30.48
CA LEU A 72 -13.48 -14.98 -30.19
C LEU A 72 -14.74 -15.63 -29.64
N ASP A 73 -15.17 -16.75 -30.23
CA ASP A 73 -16.41 -17.39 -29.80
C ASP A 73 -16.30 -17.92 -28.37
N LYS A 74 -15.09 -18.31 -27.95
CA LYS A 74 -14.78 -18.81 -26.62
C LYS A 74 -14.18 -17.74 -25.70
N LEU A 75 -14.42 -16.48 -25.99
CA LEU A 75 -13.82 -15.38 -25.23
C LEU A 75 -14.47 -15.27 -23.85
N GLY A 76 -13.65 -15.28 -22.80
CA GLY A 76 -14.12 -15.19 -21.44
C GLY A 76 -13.73 -13.88 -20.77
N ASP A 77 -14.10 -13.78 -19.50
CA ASP A 77 -13.84 -12.59 -18.69
C ASP A 77 -12.37 -12.22 -18.70
N GLY A 78 -12.08 -10.98 -19.09
CA GLY A 78 -10.72 -10.45 -19.10
C GLY A 78 -9.97 -10.64 -20.40
N ASP A 79 -10.41 -11.53 -21.28
CA ASP A 79 -9.70 -11.80 -22.52
C ASP A 79 -10.06 -10.76 -23.58
N TYR A 80 -9.17 -10.60 -24.56
CA TYR A 80 -9.39 -9.62 -25.60
C TYR A 80 -8.51 -9.88 -26.81
N VAL A 81 -9.05 -9.56 -27.99
CA VAL A 81 -8.36 -9.70 -29.28
C VAL A 81 -8.20 -8.31 -29.89
N ASP A 82 -6.97 -7.96 -30.26
CA ASP A 82 -6.67 -6.66 -30.84
C ASP A 82 -6.32 -6.80 -32.31
N PHE A 83 -6.91 -5.93 -33.15
CA PHE A 83 -6.56 -5.83 -34.55
C PHE A 83 -5.88 -4.48 -34.82
N GLU A 84 -4.95 -4.49 -35.78
CA GLU A 84 -4.31 -3.28 -36.29
C GLU A 84 -4.50 -3.25 -37.81
N VAL A 85 -5.40 -2.39 -38.27
CA VAL A 85 -5.86 -2.38 -39.66
C VAL A 85 -5.19 -1.23 -40.39
N THR A 86 -4.34 -1.55 -41.38
CA THR A 86 -3.75 -0.55 -42.25
C THR A 86 -4.58 -0.44 -43.52
N TYR A 87 -5.04 0.78 -43.82
CA TYR A 87 -6.01 0.97 -44.90
C TYR A 87 -5.69 2.20 -45.73
N ASN A 88 -6.27 2.22 -46.93
CA ASN A 88 -6.17 3.36 -47.84
C ASN A 88 -7.41 3.32 -48.74
N LEU A 89 -8.31 4.30 -48.55
CA LEU A 89 -9.60 4.30 -49.26
C LEU A 89 -9.47 4.56 -50.75
N ALA A 90 -8.39 5.21 -51.19
CA ALA A 90 -8.23 5.50 -52.61
C ALA A 90 -8.24 4.23 -53.45
N THR A 91 -7.61 3.15 -52.96
CA THR A 91 -7.43 1.92 -53.73
C THR A 91 -8.69 1.07 -53.84
N GLN A 92 -9.77 1.41 -53.13
CA GLN A 92 -11.00 0.64 -53.15
C GLN A 92 -11.47 0.37 -54.58
N ILE A 93 -12.02 -0.83 -54.80
CA ILE A 93 -12.50 -1.25 -56.10
C ILE A 93 -13.92 -1.77 -55.94
N ILE A 94 -14.56 -2.09 -57.07
CA ILE A 94 -15.97 -2.49 -57.06
C ILE A 94 -16.15 -3.75 -57.91
N THR A 95 -17.11 -4.57 -57.50
CA THR A 95 -17.42 -5.82 -58.18
C THR A 95 -18.23 -5.56 -59.45
N LYS A 96 -18.39 -6.63 -60.24
CA LYS A 96 -19.24 -6.56 -61.43
C LYS A 96 -20.67 -6.17 -61.05
N ALA A 97 -21.20 -6.77 -60.00
CA ALA A 97 -22.57 -6.47 -59.58
C ALA A 97 -22.69 -5.04 -59.07
N GLU A 98 -21.65 -4.53 -58.41
CA GLU A 98 -21.72 -3.17 -57.88
C GLU A 98 -21.68 -2.13 -59.00
N ALA A 99 -20.75 -2.27 -59.95
CA ALA A 99 -20.69 -1.33 -61.06
C ALA A 99 -21.93 -1.40 -61.95
N GLU A 100 -22.46 -2.61 -62.20
CA GLU A 100 -23.67 -2.70 -63.00
C GLU A 100 -24.89 -2.21 -62.25
N ALA A 101 -24.83 -2.13 -60.93
CA ALA A 101 -25.95 -1.57 -60.19
C ALA A 101 -25.94 -0.05 -60.23
N VAL A 102 -24.76 0.57 -60.27
CA VAL A 102 -24.66 2.01 -60.46
C VAL A 102 -25.02 2.41 -61.89
N LEU A 103 -24.60 1.61 -62.86
CA LEU A 103 -24.86 1.93 -64.26
C LEU A 103 -26.35 2.10 -64.53
N THR A 104 -27.19 1.23 -63.96
CA THR A 104 -28.62 1.33 -64.20
C THR A 104 -29.20 2.60 -63.59
N LYS A 105 -28.75 2.97 -62.38
CA LYS A 105 -29.28 4.18 -61.75
C LYS A 105 -28.81 5.45 -62.47
N LEU A 106 -27.65 5.40 -63.13
CA LEU A 106 -27.20 6.53 -63.93
C LEU A 106 -28.06 6.69 -65.18
N GLN A 107 -28.42 5.58 -65.82
CA GLN A 107 -29.19 5.62 -67.06
C GLN A 107 -30.61 6.14 -66.87
N GLN A 108 -31.11 6.20 -65.64
CA GLN A 108 -32.43 6.78 -65.41
C GLN A 108 -32.44 8.29 -65.60
N TYR A 109 -31.27 8.94 -65.60
CA TYR A 109 -31.16 10.38 -65.82
C TYR A 109 -31.13 10.73 -67.31
N ASN A 110 -31.16 9.73 -68.19
CA ASN A 110 -31.08 9.96 -69.63
C ASN A 110 -32.18 10.92 -70.13
N ASP A 111 -33.40 10.75 -69.64
CA ASP A 111 -34.55 11.53 -70.11
C ASP A 111 -34.83 12.76 -69.26
N LYS A 112 -34.09 12.95 -68.17
CA LYS A 112 -34.25 14.13 -67.32
C LYS A 112 -34.01 15.43 -68.07
N VAL A 113 -34.82 16.45 -67.76
CA VAL A 113 -34.72 17.78 -68.37
C VAL A 113 -33.68 18.61 -67.61
N LEU A 114 -32.76 19.22 -68.36
CA LEU A 114 -31.76 20.14 -67.83
C LEU A 114 -32.26 21.58 -67.83
N ILE A 115 -32.76 22.05 -68.97
CA ILE A 115 -33.31 23.39 -69.12
C ILE A 115 -34.68 23.27 -69.77
N ASN A 116 -35.67 23.98 -69.20
CA ASN A 116 -37.01 24.07 -69.78
C ASN A 116 -37.03 25.07 -70.94
N SER A 117 -38.17 25.13 -71.61
CA SER A 117 -38.35 26.09 -72.68
C SER A 117 -38.64 27.44 -72.06
N ALA A 118 -38.28 28.50 -72.79
CA ALA A 118 -38.49 29.84 -72.27
C ALA A 118 -39.89 30.34 -72.57
N THR A 119 -40.40 31.18 -71.68
CA THR A 119 -41.58 31.99 -71.86
C THR A 119 -41.14 33.43 -72.04
N ASP A 120 -42.10 34.31 -72.30
CA ASP A 120 -41.78 35.73 -72.27
C ASP A 120 -41.35 36.20 -70.88
N THR A 121 -41.72 35.48 -69.82
CA THR A 121 -41.46 35.94 -68.46
C THR A 121 -40.34 35.18 -67.74
N VAL A 122 -39.94 33.99 -68.20
CA VAL A 122 -38.88 33.24 -67.54
C VAL A 122 -37.90 32.72 -68.59
N LYS A 123 -36.64 32.61 -68.18
CA LYS A 123 -35.55 32.25 -69.09
C LYS A 123 -35.46 30.74 -69.28
N GLY A 124 -35.10 30.33 -70.49
CA GLY A 124 -34.97 28.92 -70.82
C GLY A 124 -34.39 28.71 -72.20
N MET A 125 -34.77 27.62 -72.87
CA MET A 125 -34.24 27.35 -74.20
C MET A 125 -34.93 28.22 -75.24
N VAL A 126 -34.12 28.89 -76.07
CA VAL A 126 -34.58 29.74 -77.15
C VAL A 126 -33.80 29.37 -78.42
N SER A 127 -34.44 29.52 -79.57
CA SER A 127 -33.76 29.21 -80.82
C SER A 127 -32.53 30.09 -81.01
N ASP A 128 -31.60 29.61 -81.83
CA ASP A 128 -30.40 30.39 -82.13
C ASP A 128 -30.66 31.43 -83.21
N THR A 129 -31.71 31.27 -84.00
CA THR A 129 -32.15 32.29 -84.94
C THR A 129 -33.48 32.87 -84.45
N GLN A 130 -33.68 34.16 -84.71
CA GLN A 130 -34.80 34.97 -84.24
C GLN A 130 -35.83 35.21 -85.33
N VAL A 131 -37.02 35.67 -84.92
CA VAL A 131 -38.06 36.16 -85.81
C VAL A 131 -38.33 37.62 -85.45
N ASP A 132 -38.39 38.48 -86.46
CA ASP A 132 -38.56 39.93 -86.27
C ASP A 132 -37.55 40.49 -85.27
N SER A 133 -36.32 39.95 -85.30
CA SER A 133 -35.21 40.41 -84.46
C SER A 133 -35.54 40.31 -82.97
N LYS A 134 -36.03 39.15 -82.54
CA LYS A 134 -36.57 38.98 -81.19
C LYS A 134 -36.82 37.49 -80.96
N ASN A 135 -36.46 37.00 -79.76
CA ASN A 135 -36.26 35.56 -79.52
C ASN A 135 -37.55 34.75 -79.49
N VAL A 136 -37.49 33.53 -80.06
CA VAL A 136 -38.59 32.56 -79.95
C VAL A 136 -38.12 31.35 -79.15
N ALA A 137 -39.10 30.56 -78.70
CA ALA A 137 -38.83 29.44 -77.81
C ALA A 137 -38.38 28.21 -78.59
N ALA A 138 -37.73 27.30 -77.87
CA ALA A 138 -37.28 26.02 -78.39
C ALA A 138 -37.69 24.91 -77.42
N ASN A 139 -37.51 23.67 -77.86
CA ASN A 139 -37.87 22.51 -77.06
C ASN A 139 -36.88 22.32 -75.90
N PRO A 140 -37.30 21.69 -74.80
CA PRO A 140 -36.41 21.57 -73.64
C PRO A 140 -35.17 20.74 -73.94
N LEU A 141 -34.14 20.98 -73.13
CA LEU A 141 -32.85 20.31 -73.28
C LEU A 141 -32.83 19.04 -72.44
N LYS A 142 -32.68 17.89 -73.09
CA LYS A 142 -32.52 16.62 -72.38
C LYS A 142 -31.05 16.38 -72.06
N VAL A 143 -30.81 15.51 -71.08
CA VAL A 143 -29.46 15.06 -70.79
C VAL A 143 -28.89 14.28 -71.97
N SER A 144 -29.73 13.51 -72.66
CA SER A 144 -29.30 12.76 -73.84
C SER A 144 -28.77 13.68 -74.94
N ASP A 145 -29.16 14.95 -74.93
CA ASP A 145 -28.66 15.89 -75.93
C ASP A 145 -27.22 16.33 -75.64
N MET A 146 -26.88 16.48 -74.36
CA MET A 146 -25.55 16.95 -74.00
C MET A 146 -24.58 15.83 -73.68
N TYR A 147 -25.06 14.65 -73.28
CA TYR A 147 -24.19 13.57 -72.83
C TYR A 147 -24.68 12.23 -73.38
N THR A 148 -23.74 11.32 -73.62
CA THR A 148 -24.05 9.95 -74.01
C THR A 148 -23.55 9.01 -72.90
N ILE A 149 -24.50 8.53 -72.09
CA ILE A 149 -24.17 7.59 -71.00
C ILE A 149 -23.81 6.23 -71.58
N PRO A 150 -22.81 5.54 -71.02
CA PRO A 150 -22.44 4.22 -71.55
C PRO A 150 -23.54 3.18 -71.39
N SER A 151 -23.40 2.10 -72.16
CA SER A 151 -24.31 0.96 -72.11
C SER A 151 -23.79 -0.21 -71.30
N ALA A 152 -22.47 -0.36 -71.17
CA ALA A 152 -21.88 -1.51 -70.51
C ALA A 152 -20.71 -1.05 -69.65
N ILE A 153 -20.13 -2.01 -68.94
CA ILE A 153 -19.05 -1.74 -67.99
C ILE A 153 -17.76 -2.39 -68.48
N THR A 154 -16.66 -1.96 -67.88
CA THR A 154 -15.32 -2.31 -68.33
C THR A 154 -14.47 -2.76 -67.14
N GLY A 155 -13.82 -3.92 -67.27
CA GLY A 155 -12.93 -4.39 -66.21
C GLY A 155 -12.90 -5.90 -66.01
N SER A 156 -12.12 -6.37 -65.02
CA SER A 156 -11.99 -7.78 -64.69
C SER A 156 -12.14 -7.97 -63.19
N ASP A 157 -12.20 -9.25 -62.76
CA ASP A 157 -12.35 -9.55 -61.33
C ASP A 157 -11.11 -9.20 -60.54
N ASP A 158 -9.92 -9.38 -61.14
CA ASP A 158 -8.69 -9.10 -60.39
C ASP A 158 -8.53 -7.60 -60.13
N SER A 159 -8.70 -6.77 -61.16
CA SER A 159 -8.43 -5.35 -61.06
C SER A 159 -9.64 -4.50 -60.72
N GLY A 160 -10.85 -5.01 -60.92
CA GLY A 160 -12.06 -4.27 -60.63
C GLY A 160 -12.75 -3.78 -61.89
N TYR A 161 -13.93 -3.21 -61.69
CA TYR A 161 -14.77 -2.75 -62.79
C TYR A 161 -14.94 -1.23 -62.74
N SER A 162 -15.36 -0.67 -63.88
CA SER A 162 -15.36 0.77 -64.03
C SER A 162 -16.51 1.20 -64.93
N ILE A 163 -16.93 2.46 -64.73
CA ILE A 163 -17.89 3.15 -65.57
C ILE A 163 -17.15 4.25 -66.31
N ALA A 164 -17.21 4.23 -67.64
CA ALA A 164 -16.63 5.33 -68.42
C ALA A 164 -17.45 6.60 -68.22
N LYS A 165 -16.76 7.74 -68.28
CA LYS A 165 -17.47 9.03 -68.25
C LYS A 165 -18.35 9.19 -69.50
N PRO A 166 -19.59 9.64 -69.35
CA PRO A 166 -20.45 9.87 -70.52
C PRO A 166 -19.81 10.86 -71.48
N THR A 167 -19.80 10.48 -72.76
CA THR A 167 -19.16 11.30 -73.79
C THR A 167 -19.95 12.58 -74.05
N GLU A 168 -19.23 13.69 -74.10
CA GLU A 168 -19.81 15.02 -74.13
C GLU A 168 -20.17 15.44 -75.55
N LYS A 169 -21.26 16.21 -75.67
CA LYS A 169 -21.79 16.67 -76.95
C LYS A 169 -22.13 18.15 -76.87
N THR A 170 -22.42 18.75 -78.03
CA THR A 170 -22.68 20.17 -78.13
C THR A 170 -24.14 20.43 -78.48
N THR A 171 -24.58 21.66 -78.22
CA THR A 171 -25.85 22.16 -78.71
C THR A 171 -25.68 23.56 -79.27
N SER A 172 -26.35 23.83 -80.39
CA SER A 172 -26.34 25.15 -80.99
C SER A 172 -27.50 26.02 -80.51
N LEU A 173 -28.41 25.46 -79.72
CA LEU A 173 -29.49 26.23 -79.11
C LEU A 173 -28.94 27.11 -77.99
N LEU A 174 -29.79 28.02 -77.51
CA LEU A 174 -29.36 29.11 -76.64
C LEU A 174 -30.29 29.22 -75.43
N TYR A 175 -29.86 30.08 -74.50
CA TYR A 175 -30.54 30.29 -73.22
C TYR A 175 -30.88 31.78 -73.11
N GLY A 176 -32.18 32.08 -73.03
CA GLY A 176 -32.60 33.46 -73.02
C GLY A 176 -34.08 33.58 -72.74
N THR A 177 -34.60 34.78 -72.98
CA THR A 177 -36.00 35.09 -72.73
C THR A 177 -36.74 35.26 -74.06
N VAL A 178 -37.97 34.75 -74.14
CA VAL A 178 -38.77 34.92 -75.34
C VAL A 178 -39.24 36.37 -75.42
N GLY A 179 -39.10 36.97 -76.59
CA GLY A 179 -39.47 38.36 -76.78
C GLY A 179 -38.40 39.37 -76.41
N ASP A 180 -37.14 38.96 -76.34
CA ASP A 180 -36.04 39.87 -76.10
C ASP A 180 -35.32 40.14 -77.41
N ALA A 181 -34.89 41.39 -77.60
CA ALA A 181 -33.98 41.69 -78.70
C ALA A 181 -32.69 40.89 -78.56
N THR A 182 -31.99 41.07 -77.43
CA THR A 182 -30.71 40.40 -77.19
C THR A 182 -30.83 38.89 -77.36
N ALA A 183 -29.88 38.33 -78.11
CA ALA A 183 -29.90 36.91 -78.46
C ALA A 183 -29.57 36.06 -77.23
N GLY A 184 -29.99 34.80 -77.28
CA GLY A 184 -29.69 33.89 -76.20
C GLY A 184 -28.21 33.60 -76.07
N LYS A 185 -27.79 33.23 -74.87
CA LYS A 185 -26.40 32.95 -74.58
C LYS A 185 -26.11 31.45 -74.68
N ALA A 186 -24.85 31.12 -74.97
CA ALA A 186 -24.47 29.75 -75.31
C ALA A 186 -24.56 28.81 -74.11
N ILE A 187 -24.77 27.53 -74.41
CA ILE A 187 -24.78 26.46 -73.40
C ILE A 187 -23.73 25.42 -73.78
N THR A 188 -22.78 25.20 -72.88
CA THR A 188 -21.68 24.27 -73.12
C THR A 188 -21.51 23.34 -71.94
N VAL A 189 -20.82 22.21 -72.19
CA VAL A 189 -20.54 21.28 -71.10
C VAL A 189 -19.42 21.83 -70.23
N ASP A 190 -19.41 21.38 -68.98
CA ASP A 190 -18.30 21.63 -68.06
C ASP A 190 -17.43 20.38 -68.09
N THR A 191 -16.22 20.50 -68.65
CA THR A 191 -15.29 19.38 -68.68
C THR A 191 -14.78 19.04 -67.28
N ALA A 192 -14.78 20.01 -66.37
CA ALA A 192 -14.31 19.79 -65.02
C ALA A 192 -15.42 19.24 -64.13
N SER A 193 -16.52 18.77 -64.73
CA SER A 193 -17.67 18.20 -64.03
C SER A 193 -18.23 16.99 -64.77
N ASN A 194 -17.33 16.11 -65.22
CA ASN A 194 -17.74 14.86 -65.87
C ASN A 194 -16.57 13.91 -65.74
N GLU A 195 -16.74 12.84 -64.98
CA GLU A 195 -15.59 12.00 -64.72
C GLU A 195 -16.06 10.55 -64.63
N ALA A 196 -15.13 9.62 -64.81
CA ALA A 196 -15.41 8.18 -64.72
C ALA A 196 -15.54 7.72 -63.28
N PHE A 197 -16.20 6.58 -63.08
CA PHE A 197 -16.43 6.03 -61.75
C PHE A 197 -15.93 4.60 -61.66
N ALA A 198 -15.13 4.31 -60.64
CA ALA A 198 -14.61 2.97 -60.38
C ALA A 198 -14.26 2.82 -58.89
N GLY A 199 -15.22 3.11 -58.02
CA GLY A 199 -14.98 3.01 -56.60
C GLY A 199 -14.04 4.09 -56.10
N ASN A 200 -12.85 3.66 -55.68
CA ASN A 200 -11.79 4.56 -55.23
C ASN A 200 -12.26 5.46 -54.09
N GLY A 201 -13.07 4.89 -53.18
CA GLY A 201 -13.54 5.62 -52.03
C GLY A 201 -14.49 6.76 -52.34
N LYS A 202 -15.27 6.65 -53.42
CA LYS A 202 -16.17 7.72 -53.83
C LYS A 202 -17.50 7.11 -54.27
N VAL A 203 -18.51 7.99 -54.34
CA VAL A 203 -19.84 7.62 -54.80
C VAL A 203 -20.35 8.72 -55.75
N ILE A 204 -21.49 8.46 -56.37
CA ILE A 204 -22.08 9.40 -57.31
C ILE A 204 -22.78 10.51 -56.54
N ASP A 205 -22.38 11.76 -56.79
CA ASP A 205 -23.02 12.93 -56.17
C ASP A 205 -24.22 13.35 -56.99
N TYR A 206 -25.41 12.84 -56.61
CA TYR A 206 -26.62 13.11 -57.37
C TYR A 206 -27.13 14.54 -57.18
N ASN A 207 -26.66 15.26 -56.14
CA ASN A 207 -27.04 16.66 -55.98
C ASN A 207 -26.37 17.56 -57.02
N LYS A 208 -25.16 17.21 -57.47
CA LYS A 208 -24.41 18.01 -58.43
C LYS A 208 -24.34 17.38 -59.81
N SER A 209 -24.75 16.13 -59.96
CA SER A 209 -24.66 15.45 -61.24
C SER A 209 -25.80 15.88 -62.16
N PHE A 210 -25.50 16.03 -63.45
CA PHE A 210 -26.49 16.26 -64.49
C PHE A 210 -27.32 17.52 -64.21
N LYS A 211 -26.64 18.60 -63.85
CA LYS A 211 -27.27 19.88 -63.56
C LYS A 211 -26.84 20.93 -64.58
N ALA A 212 -27.69 21.94 -64.77
CA ALA A 212 -27.35 23.12 -65.55
C ALA A 212 -27.17 24.29 -64.58
N THR A 213 -26.02 24.95 -64.68
CA THR A 213 -25.62 25.99 -63.73
C THR A 213 -25.34 27.29 -64.48
N VAL A 214 -26.16 28.30 -64.21
CA VAL A 214 -26.02 29.63 -64.83
C VAL A 214 -24.82 30.36 -64.25
N GLN A 215 -24.12 31.10 -65.10
CA GLN A 215 -22.88 31.78 -64.71
C GLN A 215 -23.10 33.28 -64.60
N GLY A 216 -22.05 33.96 -64.12
CA GLY A 216 -22.14 35.39 -63.88
C GLY A 216 -22.41 36.17 -65.14
N ASP A 217 -21.72 35.83 -66.23
CA ASP A 217 -21.94 36.49 -67.52
C ASP A 217 -23.26 36.11 -68.17
N GLY A 218 -23.97 35.10 -67.65
CA GLY A 218 -25.28 34.74 -68.16
C GLY A 218 -25.32 33.45 -68.94
N THR A 219 -24.17 32.87 -69.29
CA THR A 219 -24.13 31.61 -70.02
C THR A 219 -24.42 30.45 -69.08
N VAL A 220 -24.64 29.27 -69.66
CA VAL A 220 -24.99 28.07 -68.90
C VAL A 220 -23.94 26.99 -69.16
N LYS A 221 -23.47 26.36 -68.08
CA LYS A 221 -22.63 25.17 -68.14
C LYS A 221 -23.39 23.99 -67.55
N THR A 222 -23.21 22.82 -68.15
CA THR A 222 -23.83 21.60 -67.68
C THR A 222 -22.79 20.66 -67.10
N SER A 223 -23.19 19.92 -66.06
CA SER A 223 -22.34 18.90 -65.46
C SER A 223 -22.82 17.51 -65.89
N GLY A 224 -21.91 16.54 -65.77
CA GLY A 224 -22.21 15.15 -66.07
C GLY A 224 -22.22 14.28 -64.84
N VAL A 225 -21.27 13.35 -64.75
CA VAL A 225 -21.12 12.48 -63.58
C VAL A 225 -20.15 13.16 -62.62
N VAL A 226 -20.65 13.54 -61.45
CA VAL A 226 -19.85 14.20 -60.42
C VAL A 226 -19.80 13.32 -59.18
N LEU A 227 -18.63 13.27 -58.54
CA LEU A 227 -18.40 12.35 -57.44
C LEU A 227 -18.26 13.11 -56.12
N LYS A 228 -18.18 12.33 -55.04
CA LYS A 228 -17.95 12.85 -53.70
C LYS A 228 -17.40 11.74 -52.83
N ASP A 229 -16.69 12.14 -51.77
CA ASP A 229 -16.14 11.20 -50.81
C ASP A 229 -17.22 10.32 -50.20
N ALA A 230 -16.93 9.01 -50.08
CA ALA A 230 -17.86 8.11 -49.41
C ALA A 230 -17.96 8.41 -47.92
N SER A 231 -16.90 8.94 -47.33
CA SER A 231 -16.88 9.27 -45.90
C SER A 231 -15.86 10.36 -45.67
N ASP A 232 -15.98 11.02 -44.52
CA ASP A 232 -15.08 12.10 -44.15
C ASP A 232 -13.89 11.62 -43.33
N MET A 233 -13.75 10.31 -43.11
CA MET A 233 -12.58 9.79 -42.43
C MET A 233 -11.33 9.95 -43.30
N ALA A 234 -10.17 10.01 -42.64
CA ALA A 234 -8.90 10.22 -43.33
C ALA A 234 -8.68 9.17 -44.41
N ALA A 235 -7.94 9.57 -45.46
CA ALA A 235 -7.76 8.72 -46.62
C ALA A 235 -7.00 7.44 -46.28
N THR A 236 -5.93 7.56 -45.47
CA THR A 236 -5.08 6.44 -45.12
C THR A 236 -4.77 6.47 -43.62
N GLY A 237 -4.30 5.34 -43.10
CA GLY A 237 -3.87 5.23 -41.73
C GLY A 237 -4.01 3.81 -41.20
N THR A 238 -3.84 3.68 -39.88
CA THR A 238 -3.90 2.40 -39.19
C THR A 238 -4.85 2.52 -38.02
N ILE A 239 -5.89 1.67 -38.00
CA ILE A 239 -6.97 1.73 -37.02
C ILE A 239 -6.86 0.54 -36.08
N LYS A 240 -7.01 0.80 -34.78
CA LYS A 240 -7.05 -0.25 -33.76
C LYS A 240 -8.49 -0.64 -33.45
N VAL A 241 -8.74 -1.95 -33.36
CA VAL A 241 -10.06 -2.49 -33.05
C VAL A 241 -9.89 -3.58 -31.99
N ARG A 242 -10.65 -3.48 -30.91
CA ARG A 242 -10.61 -4.44 -29.83
C ARG A 242 -11.98 -5.10 -29.69
N VAL A 243 -11.97 -6.37 -29.29
CA VAL A 243 -13.18 -7.09 -28.90
C VAL A 243 -12.96 -7.55 -27.46
N THR A 244 -13.97 -7.36 -26.62
CA THR A 244 -13.91 -7.86 -25.24
C THR A 244 -15.17 -8.66 -24.95
N SER A 245 -15.23 -9.17 -23.73
CA SER A 245 -16.33 -9.98 -23.24
C SER A 245 -17.42 -9.14 -22.59
N ALA A 246 -17.28 -7.82 -22.62
CA ALA A 246 -18.28 -6.93 -22.06
C ALA A 246 -19.60 -7.10 -22.78
N LYS A 247 -20.66 -6.70 -22.08
CA LYS A 247 -22.00 -6.68 -22.62
C LYS A 247 -22.38 -5.23 -22.90
N GLU A 248 -23.19 -5.06 -23.94
CA GLU A 248 -23.66 -3.76 -24.41
C GLU A 248 -25.02 -3.41 -23.85
N GLU A 249 -25.12 -2.21 -23.27
CA GLU A 249 -26.34 -1.66 -22.69
C GLU A 249 -26.70 -0.36 -23.41
N SER A 250 -27.97 -0.23 -23.78
CA SER A 250 -28.48 0.93 -24.51
C SER A 250 -29.36 1.73 -23.58
N ILE A 251 -29.06 3.01 -23.41
CA ILE A 251 -29.85 3.90 -22.58
C ILE A 251 -30.43 4.98 -23.47
N ASP A 252 -31.72 4.85 -23.82
CA ASP A 252 -32.44 5.85 -24.59
C ASP A 252 -33.37 6.62 -23.66
N VAL A 253 -32.99 7.86 -23.34
CA VAL A 253 -33.78 8.65 -22.39
C VAL A 253 -35.15 9.00 -22.95
N ASP A 254 -35.30 8.98 -24.27
CA ASP A 254 -36.56 9.23 -24.95
C ASP A 254 -37.46 8.00 -25.03
N SER A 255 -36.94 6.83 -24.65
CA SER A 255 -37.74 5.61 -24.63
C SER A 255 -38.88 5.75 -23.62
N SER A 256 -39.85 4.84 -23.74
CA SER A 256 -40.91 4.79 -22.75
C SER A 256 -40.36 4.47 -21.36
N SER A 257 -39.61 3.37 -21.26
CA SER A 257 -38.96 2.98 -20.02
C SER A 257 -37.45 2.90 -20.23
N TYR A 258 -36.71 3.38 -19.24
CA TYR A 258 -35.26 3.34 -19.26
C TYR A 258 -34.74 3.56 -17.85
N ILE A 259 -33.61 2.93 -17.53
CA ILE A 259 -33.02 3.05 -16.20
C ILE A 259 -32.58 4.47 -15.95
N SER A 260 -32.95 5.01 -14.79
CA SER A 260 -32.63 6.39 -14.44
C SER A 260 -31.17 6.52 -14.10
N ALA A 261 -30.67 7.76 -14.15
CA ALA A 261 -29.29 8.03 -13.78
C ALA A 261 -28.99 7.56 -12.36
N GLU A 262 -29.98 7.60 -11.46
CA GLU A 262 -29.75 7.13 -10.09
C GLU A 262 -29.50 5.62 -10.08
N ASN A 263 -30.34 4.86 -10.76
CA ASN A 263 -30.16 3.43 -10.75
C ASN A 263 -28.93 3.01 -11.55
N LEU A 264 -28.41 3.88 -12.41
CA LEU A 264 -27.16 3.56 -13.09
C LEU A 264 -25.96 3.65 -12.14
N ALA A 265 -25.90 4.70 -11.31
CA ALA A 265 -24.84 4.76 -10.31
C ALA A 265 -25.03 3.71 -9.23
N LYS A 266 -26.28 3.30 -8.99
CA LYS A 266 -26.56 2.18 -8.10
C LYS A 266 -25.93 0.89 -8.61
N LYS A 267 -25.91 0.70 -9.91
CA LYS A 267 -25.50 -0.56 -10.52
C LYS A 267 -24.01 -0.63 -10.81
N TYR A 268 -23.41 0.48 -11.21
CA TYR A 268 -22.02 0.52 -11.63
C TYR A 268 -21.27 1.66 -10.95
N VAL A 269 -19.95 1.51 -10.86
CA VAL A 269 -19.05 2.61 -10.47
C VAL A 269 -18.40 3.17 -11.73
N PHE A 270 -18.36 4.49 -11.86
CA PHE A 270 -17.79 5.15 -13.02
C PHE A 270 -16.57 5.98 -12.62
N ASN A 271 -15.58 6.01 -13.50
CA ASN A 271 -14.41 6.87 -13.31
C ASN A 271 -14.83 8.34 -13.29
N PRO A 272 -14.65 9.05 -12.17
CA PRO A 272 -15.13 10.45 -12.11
C PRO A 272 -14.54 11.36 -13.18
N LYS A 273 -13.27 11.18 -13.54
CA LYS A 273 -12.69 12.03 -14.57
C LYS A 273 -13.37 11.81 -15.92
N GLU A 274 -13.72 10.55 -16.22
CA GLU A 274 -14.34 10.25 -17.50
C GLU A 274 -15.73 10.85 -17.63
N VAL A 275 -16.50 10.86 -16.53
CA VAL A 275 -17.86 11.38 -16.61
C VAL A 275 -17.85 12.90 -16.76
N SER A 276 -16.98 13.59 -16.03
CA SER A 276 -16.94 15.03 -16.14
C SER A 276 -16.37 15.48 -17.48
N GLU A 277 -15.43 14.71 -18.04
CA GLU A 277 -14.92 15.04 -19.36
C GLU A 277 -16.03 14.97 -20.40
N ALA A 278 -16.95 14.01 -20.26
CA ALA A 278 -18.11 13.95 -21.14
C ALA A 278 -19.02 15.16 -20.92
N TYR A 279 -19.39 15.43 -19.67
CA TYR A 279 -20.21 16.59 -19.35
C TYR A 279 -19.63 17.86 -19.96
N ASN A 280 -18.35 18.11 -19.73
CA ASN A 280 -17.72 19.32 -20.25
C ASN A 280 -17.75 19.35 -21.78
N ALA A 281 -17.61 18.18 -22.42
CA ALA A 281 -17.63 18.12 -23.89
C ALA A 281 -19.00 18.51 -24.44
N ILE A 282 -20.08 18.11 -23.75
CA ILE A 282 -21.43 18.46 -24.19
C ILE A 282 -21.63 19.97 -24.12
N VAL A 283 -21.22 20.58 -23.00
CA VAL A 283 -21.42 22.01 -22.80
C VAL A 283 -20.67 22.81 -23.86
N ALA A 284 -19.42 22.43 -24.14
CA ALA A 284 -18.63 23.17 -25.12
C ALA A 284 -19.22 23.04 -26.53
N LEU A 285 -19.97 21.98 -26.80
CA LEU A 285 -20.67 21.86 -28.07
C LEU A 285 -21.93 22.71 -28.09
N GLN A 286 -22.71 22.63 -27.01
CA GLN A 286 -23.98 23.34 -26.89
C GLN A 286 -23.81 24.86 -27.03
N ASN A 287 -22.75 25.41 -26.45
CA ASN A 287 -22.55 26.85 -26.39
C ASN A 287 -21.67 27.35 -27.53
N ASP A 288 -20.50 26.78 -27.67
CA ASP A 288 -19.48 27.29 -28.57
C ASP A 288 -19.41 26.55 -29.91
N GLY A 289 -20.18 25.48 -30.08
CA GLY A 289 -20.09 24.67 -31.29
C GLY A 289 -18.78 23.91 -31.43
N ILE A 290 -18.15 23.53 -30.34
CA ILE A 290 -16.85 22.85 -30.40
C ILE A 290 -17.06 21.35 -30.64
N GLU A 291 -16.40 20.77 -31.69
CA GLU A 291 -16.48 19.33 -31.98
C GLU A 291 -15.97 18.58 -30.77
N SER A 292 -16.46 17.36 -30.57
CA SER A 292 -15.71 16.53 -29.65
C SER A 292 -15.94 15.05 -29.94
N ASP A 293 -14.83 14.28 -29.96
CA ASP A 293 -14.91 12.84 -30.16
C ASP A 293 -15.81 12.18 -29.13
N LEU A 294 -15.85 12.74 -27.92
CA LEU A 294 -16.65 12.14 -26.83
C LEU A 294 -18.14 12.19 -27.13
N VAL A 295 -18.62 13.26 -27.79
CA VAL A 295 -20.03 13.42 -28.09
C VAL A 295 -20.22 13.31 -29.60
N GLN A 296 -21.01 12.33 -30.04
CA GLN A 296 -21.25 12.11 -31.45
C GLN A 296 -22.74 12.13 -31.73
N LEU A 297 -23.07 12.43 -32.99
CA LEU A 297 -24.44 12.42 -33.49
C LEU A 297 -24.57 11.28 -34.49
N VAL A 298 -25.25 10.22 -34.08
CA VAL A 298 -25.42 9.02 -34.89
C VAL A 298 -26.90 8.66 -34.89
N ASN A 299 -27.45 8.42 -36.08
CA ASN A 299 -28.86 8.03 -36.21
C ASN A 299 -29.79 9.07 -35.56
N GLY A 300 -29.47 10.34 -35.77
CA GLY A 300 -30.29 11.42 -35.23
C GLY A 300 -30.40 11.47 -33.72
N LYS A 301 -29.37 11.03 -33.00
CA LYS A 301 -29.36 11.03 -31.55
C LYS A 301 -27.94 11.32 -31.09
N TYR A 302 -27.76 12.30 -30.21
CA TYR A 302 -26.40 12.53 -29.73
C TYR A 302 -26.12 11.48 -28.65
N GLN A 303 -24.86 11.06 -28.54
CA GLN A 303 -24.57 9.95 -27.64
C GLN A 303 -23.17 10.08 -27.03
N VAL A 304 -23.04 9.50 -25.82
CA VAL A 304 -21.74 9.31 -25.18
C VAL A 304 -21.60 7.83 -24.80
N ILE A 305 -20.35 7.40 -24.65
CA ILE A 305 -20.01 6.00 -24.38
C ILE A 305 -19.19 5.92 -23.09
N PHE A 306 -19.68 5.17 -22.12
CA PHE A 306 -18.94 4.91 -20.89
C PHE A 306 -18.64 3.43 -20.74
N TYR A 307 -17.44 3.12 -20.27
CA TYR A 307 -17.10 1.79 -19.78
C TYR A 307 -16.87 1.88 -18.28
N PRO A 308 -17.79 1.42 -17.44
CA PRO A 308 -17.61 1.58 -15.99
C PRO A 308 -16.50 0.69 -15.46
N GLU A 309 -15.90 1.16 -14.35
CA GLU A 309 -14.86 0.41 -13.67
C GLU A 309 -15.29 -1.01 -13.34
N GLY A 310 -16.52 -1.16 -12.84
CA GLY A 310 -17.04 -2.45 -12.47
C GLY A 310 -18.42 -2.29 -11.88
N LYS A 311 -18.84 -3.28 -11.11
CA LYS A 311 -20.11 -3.20 -10.41
C LYS A 311 -19.92 -2.56 -9.04
N ARG A 312 -20.98 -1.94 -8.53
CA ARG A 312 -20.93 -1.35 -7.20
C ARG A 312 -21.36 -2.41 -6.20
N LEU A 313 -20.63 -2.48 -5.08
CA LEU A 313 -20.88 -3.53 -4.10
C LEU A 313 -22.09 -3.17 -3.25
N GLU A 314 -22.87 -4.21 -2.94
CA GLU A 314 -24.12 -4.05 -2.21
C GLU A 314 -23.86 -3.50 -0.82
N THR A 315 -24.89 -2.89 -0.24
CA THR A 315 -24.82 -2.37 1.12
C THR A 315 -25.95 -2.93 1.99
N ALA B 1 -12.31 7.67 -33.61
CA ALA B 1 -13.35 8.38 -32.88
C ALA B 1 -13.45 7.88 -31.44
N ASP B 2 -13.65 6.57 -31.29
CA ASP B 2 -13.94 5.97 -29.99
C ASP B 2 -12.63 5.69 -29.25
N ILE B 3 -12.63 4.75 -28.31
CA ILE B 3 -11.45 4.39 -27.54
C ILE B 3 -11.34 2.88 -27.37
N ILE B 4 -10.13 2.42 -27.02
CA ILE B 4 -9.87 1.02 -26.72
C ILE B 4 -10.14 0.76 -25.23
N ALA B 5 -11.21 0.04 -24.94
CA ALA B 5 -11.71 -0.13 -23.58
C ALA B 5 -10.84 -1.07 -22.74
N ASP B 6 -10.99 -0.93 -21.42
CA ASP B 6 -10.34 -1.81 -20.47
C ASP B 6 -10.99 -3.19 -20.48
N ALA B 7 -10.16 -4.23 -20.63
CA ALA B 7 -10.69 -5.58 -20.82
C ALA B 7 -11.47 -6.09 -19.60
N ASP B 8 -11.26 -5.49 -18.43
CA ASP B 8 -11.97 -5.91 -17.23
C ASP B 8 -13.32 -5.21 -17.05
N SER B 9 -13.66 -4.24 -17.89
CA SER B 9 -14.94 -3.56 -17.73
C SER B 9 -16.05 -4.50 -18.17
N PRO B 10 -17.15 -4.61 -17.41
CA PRO B 10 -18.21 -5.58 -17.74
C PRO B 10 -19.27 -5.08 -18.70
N ALA B 11 -19.27 -3.79 -19.06
CA ALA B 11 -20.37 -3.26 -19.85
C ALA B 11 -19.88 -2.13 -20.75
N LYS B 12 -20.53 -1.99 -21.90
CA LYS B 12 -20.35 -0.85 -22.81
C LYS B 12 -21.65 -0.04 -22.83
N ILE B 13 -21.69 1.04 -22.05
CA ILE B 13 -22.90 1.85 -21.89
C ILE B 13 -22.91 2.96 -22.93
N THR B 14 -23.98 3.03 -23.71
CA THR B 14 -24.21 4.16 -24.62
C THR B 14 -25.50 4.88 -24.21
N ILE B 15 -25.38 6.18 -23.94
CA ILE B 15 -26.52 7.00 -23.54
C ILE B 15 -26.91 7.88 -24.73
N LYS B 16 -28.20 7.86 -25.10
CA LYS B 16 -28.68 8.52 -26.32
C LYS B 16 -29.83 9.46 -26.00
N ALA B 17 -29.98 10.50 -26.84
CA ALA B 17 -31.00 11.53 -26.69
C ALA B 17 -31.11 12.32 -28.00
N ASN B 18 -32.31 12.86 -28.29
CA ASN B 18 -32.48 13.69 -29.47
C ASN B 18 -31.80 15.04 -29.31
N LYS B 19 -32.20 15.78 -28.28
CA LYS B 19 -31.66 17.07 -27.90
C LYS B 19 -30.48 16.88 -26.94
N LEU B 20 -29.31 17.46 -27.25
CA LEU B 20 -28.27 17.41 -26.23
C LEU B 20 -28.66 18.19 -24.98
N LYS B 21 -29.70 19.02 -25.03
CA LYS B 21 -30.58 19.05 -23.86
C LYS B 21 -30.56 17.88 -22.88
N ASP B 22 -31.42 16.90 -23.16
CA ASP B 22 -31.66 15.81 -22.23
C ASP B 22 -30.42 14.99 -21.99
N LEU B 23 -29.46 14.99 -22.93
CA LEU B 23 -28.22 14.24 -22.70
C LEU B 23 -27.41 14.88 -21.58
N LYS B 24 -27.14 16.20 -21.69
CA LYS B 24 -26.53 16.95 -20.61
C LYS B 24 -27.21 16.69 -19.26
N ASP B 25 -28.54 16.65 -19.25
CA ASP B 25 -29.25 16.44 -17.98
C ASP B 25 -28.96 15.06 -17.41
N TYR B 26 -28.95 14.02 -18.26
CA TYR B 26 -28.73 12.67 -17.76
C TYR B 26 -27.31 12.49 -17.27
N VAL B 27 -26.32 13.01 -18.00
CA VAL B 27 -24.93 12.92 -17.57
C VAL B 27 -24.71 13.71 -16.29
N ASP B 28 -25.36 14.88 -16.16
CA ASP B 28 -25.24 15.69 -14.95
C ASP B 28 -25.77 14.95 -13.74
N ASP B 29 -26.94 14.32 -13.88
CA ASP B 29 -27.46 13.53 -12.76
C ASP B 29 -26.55 12.36 -12.45
N LEU B 30 -26.02 11.71 -13.48
CA LEU B 30 -25.09 10.60 -13.26
C LEU B 30 -23.86 11.08 -12.50
N LYS B 31 -23.26 12.20 -12.93
CA LYS B 31 -22.07 12.74 -12.26
C LYS B 31 -22.29 12.89 -10.76
N THR B 32 -23.50 13.30 -10.36
CA THR B 32 -23.79 13.49 -8.95
C THR B 32 -24.09 12.18 -8.23
N TYR B 33 -25.01 11.39 -8.76
CA TYR B 33 -25.37 10.13 -8.12
C TYR B 33 -24.18 9.18 -8.04
N ASN B 34 -23.29 9.22 -9.05
CA ASN B 34 -22.05 8.44 -8.98
C ASN B 34 -21.22 8.88 -7.78
N ASN B 35 -21.03 10.20 -7.62
CA ASN B 35 -20.29 10.70 -6.47
C ASN B 35 -21.00 10.43 -5.15
N THR B 36 -22.32 10.32 -5.17
CA THR B 36 -23.05 10.13 -3.92
C THR B 36 -22.74 8.79 -3.28
N TYR B 37 -22.92 7.69 -4.03
CA TYR B 37 -22.70 6.36 -3.46
C TYR B 37 -21.23 6.13 -3.09
N SER B 38 -20.31 6.85 -3.72
CA SER B 38 -18.90 6.71 -3.37
C SER B 38 -18.54 7.53 -2.13
N ASN B 39 -19.11 8.72 -1.98
CA ASN B 39 -18.62 9.68 -1.00
C ASN B 39 -19.59 10.02 0.13
N VAL B 40 -20.75 9.36 0.21
CA VAL B 40 -21.67 9.56 1.33
C VAL B 40 -21.69 8.26 2.11
N VAL B 41 -21.10 8.27 3.31
CA VAL B 41 -20.82 7.05 4.06
C VAL B 41 -21.20 7.22 5.52
N THR B 42 -21.49 6.09 6.17
CA THR B 42 -21.66 6.01 7.62
C THR B 42 -20.46 5.28 8.22
N VAL B 43 -20.00 5.79 9.36
CA VAL B 43 -18.93 5.18 10.14
C VAL B 43 -19.45 5.01 11.56
N ALA B 44 -19.86 3.79 11.92
CA ALA B 44 -20.41 3.51 13.23
C ALA B 44 -20.09 2.08 13.61
N GLY B 45 -19.89 1.87 14.92
CA GLY B 45 -19.84 0.57 15.51
C GLY B 45 -21.08 0.29 16.34
N GLU B 46 -21.12 -0.81 17.09
CA GLU B 46 -22.33 -0.91 17.89
C GLU B 46 -22.15 -0.52 19.33
N ASP B 47 -21.27 0.42 19.58
CA ASP B 47 -20.88 0.83 20.91
C ASP B 47 -20.12 2.12 20.69
N ARG B 48 -20.15 2.99 21.70
CA ARG B 48 -19.39 4.22 21.60
C ARG B 48 -17.90 3.92 21.45
N ILE B 49 -17.40 2.96 22.24
CA ILE B 49 -16.00 2.55 22.16
C ILE B 49 -15.71 1.96 20.80
N GLU B 50 -16.67 1.19 20.26
CA GLU B 50 -16.50 0.49 18.99
C GLU B 50 -16.61 1.44 17.79
N THR B 51 -17.43 2.51 17.91
CA THR B 51 -17.50 3.53 16.87
C THR B 51 -16.19 4.33 16.78
N ALA B 52 -15.62 4.69 17.92
CA ALA B 52 -14.34 5.40 17.90
C ALA B 52 -13.26 4.59 17.22
N ILE B 53 -13.31 3.25 17.33
CA ILE B 53 -12.31 2.41 16.69
C ILE B 53 -12.51 2.41 15.18
N GLU B 54 -13.77 2.35 14.73
CA GLU B 54 -14.05 2.34 13.29
C GLU B 54 -13.55 3.62 12.61
N LEU B 55 -13.59 4.75 13.32
CA LEU B 55 -12.94 5.95 12.79
C LEU B 55 -11.45 5.73 12.63
N SER B 56 -10.82 5.17 13.67
CA SER B 56 -9.40 4.86 13.63
C SER B 56 -9.07 3.91 12.48
N SER B 57 -9.93 2.91 12.25
CA SER B 57 -9.68 1.94 11.18
C SER B 57 -9.69 2.61 9.81
N LYS B 58 -10.58 3.59 9.63
CA LYS B 58 -10.82 4.17 8.32
C LYS B 58 -9.80 5.25 7.97
N TYR B 59 -9.37 6.04 8.95
CA TYR B 59 -8.61 7.25 8.66
C TYR B 59 -7.15 7.22 9.08
N TYR B 60 -6.76 6.33 9.99
CA TYR B 60 -5.39 6.24 10.46
C TYR B 60 -4.82 4.87 10.11
N ASN B 61 -3.64 4.87 9.47
CA ASN B 61 -2.99 3.63 9.02
C ASN B 61 -3.90 2.84 8.10
N SER B 62 -4.42 3.52 7.07
CA SER B 62 -5.47 2.98 6.24
C SER B 62 -5.15 3.22 4.77
N ASP B 63 -5.73 2.37 3.91
CA ASP B 63 -5.67 2.51 2.46
C ASP B 63 -6.83 3.33 1.90
N ASP B 64 -7.68 3.86 2.76
CA ASP B 64 -8.82 4.67 2.36
C ASP B 64 -8.37 5.90 1.58
N LYS B 65 -9.31 6.43 0.77
CA LYS B 65 -9.02 7.60 -0.04
C LYS B 65 -8.68 8.82 0.79
N ASN B 66 -9.30 8.96 1.96
CA ASN B 66 -9.23 10.17 2.75
C ASN B 66 -8.56 9.93 4.08
N ALA B 67 -7.71 8.91 4.15
CA ALA B 67 -7.03 8.63 5.39
C ALA B 67 -6.12 9.81 5.75
N ILE B 68 -6.08 10.12 7.04
CA ILE B 68 -5.11 11.09 7.52
C ILE B 68 -3.69 10.57 7.29
N THR B 69 -3.46 9.31 7.65
CA THR B 69 -2.20 8.62 7.42
C THR B 69 -2.47 7.24 6.83
N ASP B 70 -1.57 6.81 5.95
CA ASP B 70 -1.61 5.46 5.41
C ASP B 70 -0.56 4.55 6.01
N ASP B 71 0.23 5.06 6.95
CA ASP B 71 1.27 4.31 7.66
C ASP B 71 0.94 4.28 9.15
N ALA B 72 1.80 3.61 9.91
CA ALA B 72 1.61 3.52 11.36
C ALA B 72 1.79 4.88 12.03
N VAL B 73 1.24 5.00 13.23
CA VAL B 73 1.29 6.24 14.01
C VAL B 73 2.06 5.97 15.29
N ASN B 74 2.64 7.03 15.85
CA ASN B 74 3.43 6.95 17.06
C ASN B 74 2.64 7.27 18.32
N ASN B 75 1.68 8.19 18.23
CA ASN B 75 0.95 8.68 19.38
C ASN B 75 -0.50 8.21 19.34
N ILE B 76 -1.11 8.15 20.52
CA ILE B 76 -2.53 7.83 20.68
C ILE B 76 -3.07 8.65 21.85
N VAL B 77 -4.28 9.18 21.70
CA VAL B 77 -4.99 9.87 22.78
C VAL B 77 -6.12 8.97 23.27
N LEU B 78 -6.25 8.87 24.58
CA LEU B 78 -7.23 7.99 25.20
C LEU B 78 -8.10 8.80 26.16
N VAL B 79 -9.41 8.57 26.12
CA VAL B 79 -10.37 9.32 26.92
C VAL B 79 -11.41 8.34 27.47
N GLY B 80 -11.89 8.62 28.69
CA GLY B 80 -12.92 7.81 29.31
C GLY B 80 -14.22 7.84 28.54
N SER B 81 -14.79 6.66 28.27
CA SER B 81 -15.94 6.52 27.38
C SER B 81 -17.17 7.31 27.84
N THR B 82 -17.17 7.88 29.04
CA THR B 82 -18.27 8.72 29.49
C THR B 82 -17.88 10.18 29.70
N SER B 83 -16.59 10.46 29.92
CA SER B 83 -16.10 11.79 30.26
C SER B 83 -16.01 12.66 29.01
N ILE B 84 -17.15 13.28 28.65
CA ILE B 84 -17.20 14.11 27.44
C ILE B 84 -16.33 15.35 27.58
N VAL B 85 -16.29 15.93 28.78
CA VAL B 85 -15.56 17.18 28.97
C VAL B 85 -14.08 17.00 28.64
N ASP B 86 -13.51 15.85 28.99
CA ASP B 86 -12.08 15.63 28.78
C ASP B 86 -11.74 15.56 27.30
N GLY B 87 -12.38 14.63 26.57
CA GLY B 87 -11.95 14.46 25.19
C GLY B 87 -12.39 15.56 24.24
N LEU B 88 -13.20 16.50 24.71
CA LEU B 88 -13.43 17.74 23.98
C LEU B 88 -12.19 18.62 24.03
N VAL B 89 -11.56 18.71 25.21
CA VAL B 89 -10.34 19.50 25.26
C VAL B 89 -9.24 18.75 24.54
N ALA B 90 -9.35 17.41 24.49
CA ALA B 90 -8.34 16.52 23.93
C ALA B 90 -8.34 16.49 22.41
N SER B 91 -9.46 16.82 21.76
CA SER B 91 -9.51 16.76 20.30
C SER B 91 -8.40 17.55 19.62
N PRO B 92 -8.11 18.82 19.99
CA PRO B 92 -6.92 19.48 19.44
C PRO B 92 -5.64 18.68 19.64
N LEU B 93 -5.44 18.10 20.83
CA LEU B 93 -4.22 17.33 21.12
C LEU B 93 -4.04 16.19 20.12
N ALA B 94 -5.09 15.39 19.92
CA ALA B 94 -5.01 14.30 18.96
C ALA B 94 -4.66 14.79 17.56
N SER B 95 -5.10 16.00 17.21
CA SER B 95 -4.82 16.52 15.87
C SER B 95 -3.35 16.88 15.73
N GLU B 96 -2.77 17.52 16.74
CA GLU B 96 -1.38 17.95 16.67
C GLU B 96 -0.40 16.78 16.77
N LYS B 97 -0.75 15.75 17.52
CA LYS B 97 0.10 14.59 17.69
C LYS B 97 -0.10 13.54 16.60
N THR B 98 -0.95 13.84 15.62
CA THR B 98 -1.28 12.90 14.54
C THR B 98 -1.75 11.57 15.14
N ALA B 99 -2.66 11.66 16.11
CA ALA B 99 -3.07 10.51 16.88
C ALA B 99 -4.58 10.29 16.74
N PRO B 100 -5.02 9.04 16.71
CA PRO B 100 -6.46 8.78 16.83
C PRO B 100 -6.92 9.02 18.25
N LEU B 101 -8.18 9.43 18.38
CA LEU B 101 -8.81 9.60 19.68
C LEU B 101 -9.66 8.36 19.93
N LEU B 102 -9.26 7.56 20.92
CA LEU B 102 -9.97 6.34 21.26
C LEU B 102 -10.57 6.43 22.66
N LEU B 103 -11.58 5.60 22.90
CA LEU B 103 -12.32 5.58 24.15
C LEU B 103 -12.14 4.25 24.87
N THR B 104 -12.03 4.31 26.19
CA THR B 104 -11.88 3.10 27.00
C THR B 104 -12.80 3.15 28.22
N SER B 105 -13.13 1.96 28.73
CA SER B 105 -13.88 1.83 29.96
C SER B 105 -12.98 2.02 31.17
N LYS B 106 -13.53 2.62 32.23
CA LYS B 106 -12.69 3.06 33.34
C LYS B 106 -12.05 1.88 34.08
N ASP B 107 -12.79 0.80 34.31
CA ASP B 107 -12.26 -0.30 35.12
C ASP B 107 -11.04 -0.90 34.41
N LYS B 108 -11.29 -1.46 33.24
CA LYS B 108 -10.40 -2.35 32.50
C LYS B 108 -10.25 -1.87 31.06
N LEU B 109 -9.06 -2.10 30.48
CA LEU B 109 -8.83 -1.75 29.08
C LEU B 109 -9.70 -2.71 28.25
N ASP B 110 -10.53 -2.19 27.37
CA ASP B 110 -11.41 -3.11 26.69
C ASP B 110 -10.59 -3.95 25.72
N SER B 111 -11.14 -5.11 25.39
CA SER B 111 -10.49 -6.00 24.44
C SER B 111 -10.34 -5.36 23.05
N SER B 112 -11.41 -4.69 22.57
CA SER B 112 -11.42 -4.18 21.20
C SER B 112 -10.40 -3.07 20.97
N VAL B 113 -10.41 -2.05 21.83
CA VAL B 113 -9.49 -0.92 21.70
C VAL B 113 -8.05 -1.39 21.82
N LYS B 114 -7.82 -2.44 22.61
CA LYS B 114 -6.47 -2.96 22.81
C LYS B 114 -5.89 -3.47 21.50
N SER B 115 -6.69 -4.25 20.75
CA SER B 115 -6.23 -4.73 19.46
C SER B 115 -6.06 -3.61 18.44
N GLU B 116 -6.90 -2.56 18.53
CA GLU B 116 -6.78 -1.44 17.58
C GLU B 116 -5.52 -0.63 17.83
N ILE B 117 -5.16 -0.44 19.11
CA ILE B 117 -3.88 0.17 19.47
C ILE B 117 -2.71 -0.58 18.83
N LYS B 118 -2.78 -1.91 18.78
CA LYS B 118 -1.73 -2.66 18.12
C LYS B 118 -1.76 -2.45 16.61
N ARG B 119 -2.96 -2.53 16.01
CA ARG B 119 -3.06 -2.39 14.56
C ARG B 119 -2.58 -1.04 14.10
N VAL B 120 -2.96 0.02 14.82
CA VAL B 120 -2.72 1.37 14.31
C VAL B 120 -1.26 1.79 14.52
N MET B 121 -0.58 1.27 15.54
CA MET B 121 0.84 1.52 15.70
C MET B 121 1.72 0.46 15.05
N ASN B 122 1.13 -0.61 14.51
CA ASN B 122 1.85 -1.73 13.91
C ASN B 122 2.83 -2.33 14.92
N LEU B 123 2.25 -2.90 15.97
CA LEU B 123 2.99 -3.58 17.02
C LEU B 123 3.02 -5.07 16.73
N LYS B 124 4.23 -5.64 16.72
CA LYS B 124 4.45 -7.04 16.40
C LYS B 124 5.49 -7.63 17.34
N SER B 125 5.37 -8.94 17.60
CA SER B 125 6.30 -9.61 18.50
C SER B 125 7.73 -9.60 17.97
N ASP B 126 7.90 -9.53 16.65
CA ASP B 126 9.24 -9.56 16.05
C ASP B 126 9.87 -8.18 15.88
N THR B 127 9.23 -7.10 16.37
CA THR B 127 9.81 -5.78 16.28
C THR B 127 9.76 -5.09 17.64
N GLY B 128 10.82 -4.36 17.96
CA GLY B 128 10.95 -3.77 19.28
C GLY B 128 10.11 -2.51 19.39
N ILE B 129 9.27 -2.45 20.41
CA ILE B 129 8.47 -1.25 20.66
C ILE B 129 9.37 -0.25 21.40
N ASN B 130 9.88 0.73 20.67
CA ASN B 130 10.80 1.73 21.21
C ASN B 130 10.05 2.92 21.81
N THR B 131 10.81 3.92 22.25
CA THR B 131 10.27 5.01 23.05
C THR B 131 9.35 5.95 22.28
N SER B 132 9.37 5.92 20.95
CA SER B 132 8.48 6.81 20.20
C SER B 132 7.01 6.44 20.31
N LYS B 133 6.69 5.20 20.70
CA LYS B 133 5.32 4.67 20.70
C LYS B 133 4.65 4.96 22.04
N LYS B 134 3.75 5.96 22.06
CA LYS B 134 3.16 6.55 23.25
C LYS B 134 1.64 6.64 23.22
N VAL B 135 1.06 6.66 24.43
CA VAL B 135 -0.36 6.81 24.66
C VAL B 135 -0.56 7.98 25.62
N TYR B 136 -1.42 8.93 25.24
CA TYR B 136 -1.81 10.02 26.15
C TYR B 136 -3.10 9.65 26.88
N LEU B 137 -3.12 9.89 28.18
CA LEU B 137 -4.31 9.67 28.99
C LEU B 137 -4.84 11.04 29.43
N ALA B 138 -5.93 11.47 28.81
CA ALA B 138 -6.56 12.75 29.13
C ALA B 138 -7.57 12.52 30.26
N GLY B 139 -7.18 12.88 31.48
CA GLY B 139 -8.07 12.74 32.61
C GLY B 139 -7.39 12.06 33.78
N GLY B 140 -7.96 12.22 34.97
CA GLY B 140 -7.43 11.59 36.17
C GLY B 140 -7.90 10.17 36.36
N VAL B 141 -7.51 9.60 37.49
CA VAL B 141 -7.97 8.29 37.92
C VAL B 141 -9.49 8.27 37.99
N ASN B 142 -10.09 9.45 38.06
CA ASN B 142 -11.55 9.56 38.10
C ASN B 142 -12.18 8.96 36.85
N SER B 143 -11.64 9.30 35.68
CA SER B 143 -12.19 8.85 34.40
C SER B 143 -11.51 7.59 33.85
N ILE B 144 -10.18 7.54 33.87
CA ILE B 144 -9.42 6.41 33.37
C ILE B 144 -8.58 5.89 34.54
N SER B 145 -8.90 4.70 35.02
CA SER B 145 -8.39 4.24 36.31
C SER B 145 -6.89 3.98 36.27
N LYS B 146 -6.34 3.74 37.45
CA LYS B 146 -4.94 3.35 37.59
C LYS B 146 -4.70 1.94 37.07
N ASP B 147 -5.72 1.08 37.13
CA ASP B 147 -5.61 -0.28 36.60
C ASP B 147 -5.35 -0.24 35.10
N VAL B 148 -6.18 0.50 34.36
CA VAL B 148 -6.03 0.59 32.91
C VAL B 148 -4.66 1.15 32.54
N GLU B 149 -4.20 2.16 33.28
CA GLU B 149 -2.89 2.74 33.02
C GLU B 149 -1.79 1.70 33.09
N ASN B 150 -1.83 0.84 34.12
CA ASN B 150 -0.79 -0.18 34.29
C ASN B 150 -0.92 -1.29 33.25
N GLU B 151 -2.15 -1.62 32.84
CA GLU B 151 -2.35 -2.59 31.77
C GLU B 151 -1.66 -2.13 30.48
N LEU B 152 -1.65 -0.81 30.24
CA LEU B 152 -0.96 -0.27 29.07
C LEU B 152 0.56 -0.35 29.24
N LYS B 153 1.05 0.04 30.43
CA LYS B 153 2.49 0.00 30.69
C LYS B 153 3.03 -1.41 30.52
N ASN B 154 2.29 -2.41 31.00
CA ASN B 154 2.76 -3.79 30.95
C ASN B 154 2.83 -4.33 29.53
N MET B 155 2.16 -3.70 28.57
CA MET B 155 2.36 -4.05 27.18
C MET B 155 3.74 -3.63 26.70
N GLY B 156 4.33 -2.63 27.33
CA GLY B 156 5.64 -2.12 26.97
C GLY B 156 5.50 -0.76 26.32
N LEU B 157 4.48 -0.02 26.75
CA LEU B 157 4.10 1.23 26.11
C LEU B 157 4.26 2.40 27.07
N LYS B 158 4.40 3.59 26.49
CA LYS B 158 4.62 4.84 27.22
C LYS B 158 3.27 5.51 27.43
N VAL B 159 3.00 5.92 28.67
CA VAL B 159 1.70 6.48 29.03
C VAL B 159 1.93 7.78 29.80
N THR B 160 1.81 8.91 29.11
CA THR B 160 1.81 10.21 29.76
C THR B 160 0.38 10.57 30.15
N ARG B 161 0.18 11.08 31.37
CA ARG B 161 -1.14 11.44 31.85
C ARG B 161 -1.20 12.93 32.12
N LEU B 162 -2.15 13.59 31.47
CA LEU B 162 -2.45 15.00 31.69
C LEU B 162 -3.72 15.06 32.52
N SER B 163 -3.64 15.62 33.72
CA SER B 163 -4.79 15.53 34.62
C SER B 163 -4.66 16.48 35.80
N GLY B 164 -5.71 16.48 36.61
CA GLY B 164 -5.75 17.14 37.89
C GLY B 164 -6.86 16.54 38.72
N GLU B 165 -7.24 17.27 39.77
CA GLU B 165 -8.32 16.87 40.67
C GLU B 165 -9.69 17.39 40.24
N ASP B 166 -9.77 18.22 39.20
CA ASP B 166 -11.04 18.77 38.77
C ASP B 166 -10.95 19.11 37.29
N ARG B 167 -12.11 19.40 36.70
CA ARG B 167 -12.19 19.55 35.25
C ARG B 167 -11.42 20.77 34.77
N TYR B 168 -11.28 21.78 35.62
CA TYR B 168 -10.73 23.06 35.22
C TYR B 168 -9.23 22.96 34.99
N GLU B 169 -8.53 22.15 35.78
CA GLU B 169 -7.09 22.03 35.66
C GLU B 169 -6.64 20.85 34.79
N THR B 170 -7.45 19.80 34.64
CA THR B 170 -7.16 18.82 33.60
C THR B 170 -7.10 19.49 32.24
N SER B 171 -8.09 20.32 31.93
CA SER B 171 -8.08 21.06 30.68
C SER B 171 -6.83 21.93 30.58
N LEU B 172 -6.42 22.52 31.71
CA LEU B 172 -5.16 23.25 31.74
C LEU B 172 -3.99 22.33 31.40
N ALA B 173 -3.96 21.14 32.00
CA ALA B 173 -2.89 20.18 31.71
C ALA B 173 -2.83 19.84 30.23
N ILE B 174 -3.98 19.53 29.63
CA ILE B 174 -4.03 19.23 28.20
C ILE B 174 -3.63 20.45 27.39
N ALA B 175 -4.19 21.62 27.71
CA ALA B 175 -3.87 22.82 26.96
C ALA B 175 -2.39 23.16 27.05
N ASP B 176 -1.74 22.83 28.18
CA ASP B 176 -0.31 23.11 28.33
C ASP B 176 0.52 22.24 27.39
N GLU B 177 0.10 21.00 27.17
CA GLU B 177 0.77 20.16 26.18
C GLU B 177 0.57 20.70 24.78
N ILE B 178 -0.69 21.01 24.41
CA ILE B 178 -0.97 21.56 23.10
C ILE B 178 -0.17 22.85 22.93
N GLY B 179 0.30 23.08 21.70
CA GLY B 179 1.12 24.25 21.50
C GLY B 179 0.34 25.55 21.57
N LEU B 180 0.48 26.28 22.68
CA LEU B 180 0.02 27.68 22.73
C LEU B 180 1.13 28.53 22.13
N ASP B 181 1.32 28.36 20.83
CA ASP B 181 2.42 28.97 20.11
C ASP B 181 1.92 30.10 19.24
N ASN B 182 0.66 30.49 19.41
CA ASN B 182 0.09 31.63 18.73
C ASN B 182 -1.05 32.14 19.60
N ASP B 183 -1.37 33.41 19.45
CA ASP B 183 -2.58 33.95 20.10
C ASP B 183 -3.98 33.42 19.86
N LYS B 184 -4.23 32.15 19.71
CA LYS B 184 -5.64 31.86 19.84
C LYS B 184 -5.85 30.87 20.97
N ALA B 185 -6.99 31.00 21.60
CA ALA B 185 -7.42 30.11 22.66
C ALA B 185 -8.93 30.24 22.72
N PHE B 186 -9.58 29.11 22.80
CA PHE B 186 -11.01 29.04 22.95
C PHE B 186 -11.31 28.79 24.41
N VAL B 187 -12.41 29.35 24.88
CA VAL B 187 -12.82 29.21 26.27
C VAL B 187 -14.23 28.64 26.29
N VAL B 188 -14.48 27.73 27.22
CA VAL B 188 -15.80 27.18 27.44
C VAL B 188 -16.00 27.00 28.94
N GLY B 189 -17.27 26.88 29.34
CA GLY B 189 -17.60 26.65 30.74
C GLY B 189 -17.72 25.18 31.08
N GLY B 190 -17.75 24.89 32.38
CA GLY B 190 -17.92 23.51 32.81
C GLY B 190 -19.26 22.92 32.37
N THR B 191 -20.28 23.76 32.25
CA THR B 191 -21.56 23.37 31.68
C THR B 191 -21.70 23.98 30.29
N GLY B 192 -22.63 23.43 29.52
CA GLY B 192 -22.82 23.84 28.14
C GLY B 192 -21.76 23.16 27.29
N LEU B 193 -21.90 21.84 27.18
CA LEU B 193 -20.97 21.04 26.42
C LEU B 193 -21.30 21.07 24.93
N ALA B 194 -22.61 21.01 24.61
CA ALA B 194 -23.05 21.06 23.22
C ALA B 194 -22.73 22.39 22.54
N ASP B 195 -22.55 23.46 23.30
CA ASP B 195 -21.93 24.63 22.73
C ASP B 195 -20.46 24.32 22.40
N ALA B 196 -19.79 23.60 23.30
CA ALA B 196 -18.35 23.36 23.16
C ALA B 196 -18.02 22.36 22.04
N MET B 197 -18.81 21.29 21.85
CA MET B 197 -18.45 20.33 20.78
C MET B 197 -18.38 20.99 19.42
N SER B 198 -19.14 22.06 19.21
CA SER B 198 -19.11 22.67 17.90
C SER B 198 -17.73 23.26 17.58
N ILE B 199 -16.96 23.65 18.60
CA ILE B 199 -15.66 24.25 18.37
C ILE B 199 -14.51 23.25 18.34
N ALA B 200 -14.75 21.99 18.73
CA ALA B 200 -13.73 20.96 18.66
C ALA B 200 -13.17 20.73 17.26
N PRO B 201 -13.97 20.63 16.19
CA PRO B 201 -13.37 20.49 14.86
C PRO B 201 -12.67 21.74 14.39
N VAL B 202 -12.93 22.89 15.02
CA VAL B 202 -12.26 24.12 14.63
C VAL B 202 -10.91 24.23 15.32
N ALA B 203 -10.89 24.01 16.64
CA ALA B 203 -9.63 23.99 17.37
C ALA B 203 -8.67 22.94 16.82
N SER B 204 -9.20 21.86 16.23
CA SER B 204 -8.37 20.82 15.66
C SER B 204 -7.75 21.21 14.32
N GLN B 205 -8.18 22.30 13.70
CA GLN B 205 -7.57 22.76 12.47
C GLN B 205 -6.15 23.24 12.74
N LEU B 206 -5.21 22.84 11.88
CA LEU B 206 -3.78 23.03 12.13
C LEU B 206 -3.22 24.15 11.25
N LYS B 207 -2.35 24.97 11.83
CA LYS B 207 -1.57 25.96 11.11
C LYS B 207 -0.10 25.76 11.49
N ASP B 208 0.71 25.34 10.51
CA ASP B 208 2.09 24.92 10.74
C ASP B 208 2.14 23.80 11.78
N GLY B 209 1.20 22.87 11.67
CA GLY B 209 1.12 21.75 12.59
C GLY B 209 0.84 22.16 14.01
N ASP B 210 0.21 23.32 14.21
CA ASP B 210 -0.14 23.79 15.54
C ASP B 210 -1.65 23.85 15.66
N ALA B 211 -2.17 23.24 16.72
CA ALA B 211 -3.58 23.25 17.05
C ALA B 211 -3.87 24.38 18.03
N THR B 212 -5.15 24.77 18.09
CA THR B 212 -5.57 25.81 19.02
C THR B 212 -6.11 25.18 20.30
N PRO B 213 -5.51 25.46 21.45
CA PRO B 213 -6.01 24.87 22.70
C PRO B 213 -7.32 25.51 23.16
N ILE B 214 -8.04 24.76 23.98
CA ILE B 214 -9.24 25.27 24.65
C ILE B 214 -9.02 25.12 26.15
N VAL B 215 -9.58 26.06 26.91
CA VAL B 215 -9.51 26.01 28.37
C VAL B 215 -10.93 26.06 28.93
N VAL B 216 -11.18 25.26 29.97
CA VAL B 216 -12.47 25.19 30.63
C VAL B 216 -12.41 26.04 31.89
N VAL B 217 -13.13 27.16 31.90
CA VAL B 217 -13.22 28.04 33.04
C VAL B 217 -14.51 27.74 33.82
N ASP B 218 -14.68 28.40 34.96
CA ASP B 218 -15.89 28.24 35.76
C ASP B 218 -17.01 29.19 35.36
N GLY B 219 -16.69 30.44 35.04
CA GLY B 219 -17.72 31.39 34.64
C GLY B 219 -18.80 31.58 35.69
N ILE B 224 -11.11 34.08 37.21
CA ILE B 224 -10.53 32.88 36.62
C ILE B 224 -9.57 32.29 37.63
N SER B 225 -9.29 31.00 37.52
CA SER B 225 -8.21 30.41 38.30
C SER B 225 -6.90 31.15 38.02
N ASP B 226 -6.06 31.24 39.05
CA ASP B 226 -4.77 31.93 38.87
C ASP B 226 -3.88 31.19 37.89
N ASP B 227 -3.92 29.85 37.89
CA ASP B 227 -3.18 29.09 36.89
C ASP B 227 -3.60 29.45 35.48
N ALA B 228 -4.91 29.54 35.24
CA ALA B 228 -5.40 29.93 33.92
C ALA B 228 -4.99 31.35 33.55
N LYS B 229 -4.88 32.25 34.53
CA LYS B 229 -4.46 33.62 34.23
C LYS B 229 -3.03 33.66 33.68
N SER B 230 -2.10 32.96 34.34
CA SER B 230 -0.74 32.88 33.83
C SER B 230 -0.71 32.18 32.46
N PHE B 231 -1.44 31.07 32.34
CA PHE B 231 -1.56 30.36 31.07
C PHE B 231 -2.00 31.28 29.95
N LEU B 232 -2.99 32.14 30.19
CA LEU B 232 -3.53 32.96 29.11
C LEU B 232 -2.84 34.32 29.08
N GLY B 233 -1.53 34.32 28.87
CA GLY B 233 -0.79 35.56 28.78
C GLY B 233 -1.18 36.27 27.50
N THR B 234 -1.75 37.48 27.63
CA THR B 234 -2.02 38.37 26.49
C THR B 234 -2.49 37.65 25.23
N SER B 235 -3.58 36.91 25.37
CA SER B 235 -4.19 36.15 24.26
C SER B 235 -5.49 36.74 23.75
N ASP B 236 -5.70 36.69 22.41
CA ASP B 236 -7.03 36.93 21.85
C ASP B 236 -7.87 35.70 22.13
N VAL B 237 -9.04 35.88 22.73
CA VAL B 237 -9.84 34.75 23.16
C VAL B 237 -11.19 34.79 22.48
N ASP B 238 -11.69 33.62 22.11
CA ASP B 238 -13.08 33.48 21.63
C ASP B 238 -13.80 32.61 22.64
N ILE B 239 -14.89 33.15 23.21
CA ILE B 239 -15.68 32.40 24.18
C ILE B 239 -16.79 31.73 23.40
N ILE B 240 -16.91 30.42 23.55
CA ILE B 240 -17.94 29.65 22.87
C ILE B 240 -18.97 29.24 23.92
N GLY B 241 -20.22 29.59 23.67
CA GLY B 241 -21.27 29.32 24.62
C GLY B 241 -21.99 30.59 25.05
N GLY B 242 -23.06 30.39 25.78
CA GLY B 242 -23.86 31.49 26.25
C GLY B 242 -23.35 31.99 27.57
N LYS B 243 -24.10 32.93 28.12
CA LYS B 243 -23.69 33.51 29.38
C LYS B 243 -24.08 32.58 30.49
N ASN B 244 -24.63 31.43 30.12
CA ASN B 244 -25.27 30.70 31.17
C ASN B 244 -24.18 29.89 31.81
N SER B 245 -23.22 29.56 30.94
CA SER B 245 -21.94 28.87 30.97
C SER B 245 -20.74 29.80 31.21
N VAL B 246 -20.69 30.96 30.55
CA VAL B 246 -19.64 31.96 30.78
C VAL B 246 -20.31 33.31 31.01
N SER B 247 -20.23 33.80 32.23
CA SER B 247 -20.80 35.08 32.59
C SER B 247 -20.07 36.22 31.87
N LYS B 248 -20.74 37.38 31.76
CA LYS B 248 -20.08 38.59 31.29
C LYS B 248 -19.11 39.13 32.33
N GLU B 249 -19.24 38.65 33.57
CA GLU B 249 -18.22 38.93 34.59
C GLU B 249 -16.88 38.31 34.23
N ILE B 250 -16.86 37.00 33.96
CA ILE B 250 -15.64 36.30 33.59
C ILE B 250 -15.21 36.66 32.18
N GLU B 251 -16.12 37.14 31.35
CA GLU B 251 -15.69 37.80 30.12
C GLU B 251 -14.82 38.99 30.45
N GLU B 252 -15.20 39.75 31.48
CA GLU B 252 -14.29 40.81 31.87
C GLU B 252 -13.07 40.30 32.60
N SER B 253 -13.17 39.21 33.35
CA SER B 253 -11.95 38.70 33.97
C SER B 253 -10.91 38.43 32.89
N ILE B 254 -11.34 37.93 31.73
CA ILE B 254 -10.43 37.76 30.60
C ILE B 254 -10.00 39.10 30.03
N ASP B 255 -10.92 40.06 29.92
CA ASP B 255 -10.57 41.37 29.38
C ASP B 255 -9.47 42.04 30.21
N SER B 256 -9.48 41.84 31.52
CA SER B 256 -8.48 42.47 32.39
C SER B 256 -7.18 41.65 32.44
N ALA B 257 -7.30 40.33 32.61
CA ALA B 257 -6.11 39.48 32.76
C ALA B 257 -5.23 39.49 31.53
N THR B 258 -5.81 39.60 30.35
CA THR B 258 -5.05 39.63 29.10
C THR B 258 -4.81 41.04 28.57
N GLY B 259 -5.83 41.88 28.60
CA GLY B 259 -5.77 43.19 27.96
C GLY B 259 -6.51 43.19 26.65
N LYS B 260 -7.12 42.07 26.29
CA LYS B 260 -7.75 41.84 25.01
C LYS B 260 -9.24 41.75 25.25
N THR B 261 -10.04 42.39 24.41
CA THR B 261 -11.48 42.28 24.54
C THR B 261 -11.94 41.06 23.77
N PRO B 262 -12.39 39.99 24.42
CA PRO B 262 -12.65 38.74 23.72
C PRO B 262 -13.97 38.77 22.95
N ASP B 263 -14.02 37.93 21.91
CA ASP B 263 -15.22 37.78 21.08
C ASP B 263 -16.01 36.56 21.53
N ARG B 264 -17.33 36.59 21.28
CA ARG B 264 -18.22 35.53 21.72
C ARG B 264 -19.08 35.01 20.57
N ILE B 265 -19.17 33.69 20.46
CA ILE B 265 -20.01 33.01 19.48
C ILE B 265 -21.04 32.18 20.25
N SER B 266 -22.32 32.56 20.12
CA SER B 266 -23.38 31.99 20.96
C SER B 266 -24.68 31.96 20.18
N GLY B 267 -25.62 31.16 20.69
CA GLY B 267 -26.96 31.06 20.13
C GLY B 267 -27.93 30.67 21.24
N ASP B 268 -29.21 30.58 20.88
CA ASP B 268 -30.23 30.23 21.87
C ASP B 268 -30.21 28.73 22.15
N ASP B 269 -30.17 27.93 21.10
CA ASP B 269 -30.14 26.48 21.15
C ASP B 269 -28.72 25.97 20.97
N ARG B 270 -28.52 24.69 21.29
CA ARG B 270 -27.24 24.07 20.96
C ARG B 270 -27.08 23.94 19.45
N GLN B 271 -28.18 23.70 18.73
CA GLN B 271 -28.15 23.69 17.27
C GLN B 271 -27.98 25.09 16.68
N ALA B 272 -28.38 26.14 17.42
CA ALA B 272 -28.20 27.50 16.93
C ALA B 272 -26.73 27.89 16.97
N THR B 273 -26.07 27.65 18.12
CA THR B 273 -24.64 27.92 18.22
C THR B 273 -23.82 27.04 17.29
N ASN B 274 -24.27 25.81 17.04
CA ASN B 274 -23.67 25.02 15.97
C ASN B 274 -23.71 25.80 14.66
N ALA B 275 -24.90 26.29 14.29
CA ALA B 275 -25.05 27.07 13.07
C ALA B 275 -24.22 28.35 13.11
N GLU B 276 -24.06 28.95 14.30
CA GLU B 276 -23.25 30.17 14.39
C GLU B 276 -21.77 29.88 14.15
N VAL B 277 -21.26 28.74 14.65
CA VAL B 277 -19.87 28.37 14.40
C VAL B 277 -19.60 28.25 12.91
N LEU B 278 -20.51 27.61 12.17
CA LEU B 278 -20.33 27.46 10.72
C LEU B 278 -20.24 28.82 10.04
N LYS B 279 -21.15 29.73 10.39
CA LYS B 279 -21.25 31.03 9.71
C LYS B 279 -20.13 31.98 10.08
N GLU B 280 -19.27 31.64 11.04
CA GLU B 280 -18.11 32.48 11.33
C GLU B 280 -17.06 32.31 10.24
N ASP B 281 -16.57 33.44 9.72
CA ASP B 281 -15.63 33.39 8.59
C ASP B 281 -14.23 32.94 9.01
N ASP B 282 -13.78 33.32 10.21
CA ASP B 282 -12.46 32.95 10.72
C ASP B 282 -12.30 31.46 10.90
N TYR B 283 -13.41 30.75 11.01
CA TYR B 283 -13.71 29.36 11.28
C TYR B 283 -13.84 28.53 10.00
N PHE B 284 -14.65 29.00 9.05
CA PHE B 284 -14.87 28.39 7.74
C PHE B 284 -15.16 29.51 6.75
N LYS B 285 -14.42 29.55 5.65
CA LYS B 285 -14.61 30.62 4.65
C LYS B 285 -15.92 30.42 3.89
N ASP B 286 -16.64 31.52 3.66
CA ASP B 286 -17.94 31.47 3.01
C ASP B 286 -17.86 30.86 1.61
N GLY B 287 -18.82 30.01 1.29
CA GLY B 287 -18.96 29.41 -0.02
C GLY B 287 -17.88 28.43 -0.42
N GLU B 288 -17.12 27.89 0.54
CA GLU B 288 -16.02 26.98 0.22
C GLU B 288 -16.02 25.71 1.07
N VAL B 289 -17.15 25.37 1.68
CA VAL B 289 -17.24 24.22 2.57
C VAL B 289 -17.86 23.06 1.80
N VAL B 290 -17.03 22.06 1.48
CA VAL B 290 -17.45 20.90 0.71
C VAL B 290 -17.53 19.62 1.53
N ASN B 291 -16.84 19.53 2.67
CA ASN B 291 -16.81 18.32 3.48
C ASN B 291 -17.58 18.53 4.77
N TYR B 292 -18.49 17.61 5.07
CA TYR B 292 -19.38 17.73 6.22
C TYR B 292 -19.43 16.44 7.02
N PHE B 293 -19.51 16.59 8.35
CA PHE B 293 -19.72 15.49 9.28
C PHE B 293 -21.04 15.72 10.03
N VAL B 294 -21.73 14.63 10.34
CA VAL B 294 -23.01 14.69 11.05
C VAL B 294 -22.94 13.77 12.26
N ALA B 295 -23.32 14.30 13.42
CA ALA B 295 -23.29 13.53 14.66
C ALA B 295 -24.43 13.97 15.56
N LYS B 296 -24.84 13.07 16.45
CA LYS B 296 -25.95 13.31 17.37
C LYS B 296 -25.65 14.51 18.28
N ASP B 297 -26.69 15.28 18.59
CA ASP B 297 -26.56 16.47 19.45
C ASP B 297 -26.77 16.21 20.93
N GLY B 298 -27.41 15.11 21.31
CA GLY B 298 -27.70 14.84 22.71
C GLY B 298 -29.02 15.40 23.21
N SER B 299 -29.95 15.72 22.30
CA SER B 299 -31.28 16.17 22.70
C SER B 299 -32.05 15.06 23.41
N THR B 300 -32.02 13.85 22.82
CA THR B 300 -32.70 12.70 23.39
C THR B 300 -31.96 12.11 24.59
N LYS B 301 -30.64 12.29 24.65
CA LYS B 301 -29.82 11.79 25.74
C LYS B 301 -28.45 12.45 25.67
N GLU B 302 -28.10 13.22 26.69
CA GLU B 302 -26.89 14.05 26.66
C GLU B 302 -25.63 13.24 26.49
N ASP B 303 -25.71 11.93 26.69
CA ASP B 303 -24.57 11.04 26.68
C ASP B 303 -24.10 10.69 25.28
N GLN B 304 -24.84 11.07 24.24
CA GLN B 304 -24.50 10.70 22.88
C GLN B 304 -23.61 11.72 22.18
N LEU B 305 -23.17 12.78 22.86
CA LEU B 305 -22.19 13.68 22.27
C LEU B 305 -20.81 13.05 22.21
N VAL B 306 -20.66 11.87 22.80
CA VAL B 306 -19.38 11.19 22.83
C VAL B 306 -18.88 10.89 21.42
N ASP B 307 -19.79 10.60 20.49
CA ASP B 307 -19.41 10.22 19.13
C ASP B 307 -18.78 11.39 18.37
N ALA B 308 -19.15 12.63 18.70
CA ALA B 308 -18.51 13.77 18.06
C ALA B 308 -17.07 13.95 18.53
N LEU B 309 -16.72 13.40 19.69
CA LEU B 309 -15.36 13.54 20.24
C LEU B 309 -14.33 12.93 19.31
N ALA B 310 -14.54 11.68 18.88
CA ALA B 310 -13.55 10.99 18.07
C ALA B 310 -13.47 11.54 16.66
N ALA B 311 -14.56 12.10 16.14
CA ALA B 311 -14.59 12.59 14.76
C ALA B 311 -14.04 14.00 14.61
N ALA B 312 -13.95 14.76 15.70
CA ALA B 312 -13.51 16.15 15.59
C ALA B 312 -12.11 16.34 15.02
N PRO B 313 -11.07 15.58 15.43
CA PRO B 313 -9.75 15.82 14.82
C PRO B 313 -9.68 15.37 13.38
N ILE B 314 -10.40 14.30 13.02
CA ILE B 314 -10.42 13.86 11.63
C ILE B 314 -11.08 14.89 10.74
N ALA B 315 -12.20 15.47 11.19
CA ALA B 315 -12.87 16.50 10.39
C ALA B 315 -12.02 17.75 10.22
N GLY B 316 -11.29 18.15 11.27
CA GLY B 316 -10.44 19.31 11.13
C GLY B 316 -9.16 19.08 10.34
N ARG B 317 -8.79 17.82 10.07
CA ARG B 317 -7.69 17.48 9.16
C ARG B 317 -8.16 16.87 7.84
N PHE B 318 -9.47 16.82 7.61
CA PHE B 318 -10.02 16.16 6.43
C PHE B 318 -9.50 16.79 5.14
N LYS B 319 -9.15 15.93 4.18
CA LYS B 319 -8.55 16.34 2.90
C LYS B 319 -7.64 17.54 3.09
N GLU B 320 -7.88 18.61 2.32
CA GLU B 320 -7.29 19.93 2.50
C GLU B 320 -8.30 21.02 2.81
N SER B 321 -9.60 20.73 2.80
CA SER B 321 -10.57 21.70 3.32
C SER B 321 -11.22 21.12 4.56
N PRO B 322 -11.14 21.82 5.70
CA PRO B 322 -11.70 21.32 6.95
C PRO B 322 -13.21 21.12 6.90
N ALA B 323 -13.71 20.34 7.85
CA ALA B 323 -15.11 19.99 7.91
C ALA B 323 -15.69 20.40 9.26
N PRO B 324 -16.92 20.92 9.27
CA PRO B 324 -17.64 21.11 10.53
C PRO B 324 -18.35 19.82 10.92
N ILE B 325 -18.87 19.80 12.15
CA ILE B 325 -19.79 18.75 12.57
C ILE B 325 -21.16 19.38 12.74
N ILE B 326 -22.15 18.82 12.05
CA ILE B 326 -23.52 19.27 12.15
C ILE B 326 -24.22 18.40 13.20
N LEU B 327 -24.52 19.00 14.35
CA LEU B 327 -25.14 18.30 15.47
C LEU B 327 -26.65 18.20 15.25
N ALA B 328 -27.14 16.97 15.05
CA ALA B 328 -28.57 16.76 14.79
C ALA B 328 -28.90 15.29 15.00
N THR B 329 -29.70 14.97 16.03
CA THR B 329 -30.14 13.59 16.25
C THR B 329 -31.41 13.29 15.47
N ASP B 330 -32.51 13.97 15.80
CA ASP B 330 -33.81 13.71 15.18
C ASP B 330 -34.13 14.65 14.03
N THR B 331 -33.77 15.93 14.14
CA THR B 331 -34.06 16.89 13.09
C THR B 331 -33.01 17.99 13.04
N LEU B 332 -32.96 18.66 11.90
CA LEU B 332 -32.18 19.87 11.65
C LEU B 332 -33.02 21.12 11.81
N SER B 333 -32.44 22.08 12.55
CA SER B 333 -33.03 23.39 12.79
C SER B 333 -32.88 24.28 11.55
N SER B 334 -33.78 25.27 11.44
CA SER B 334 -33.74 26.21 10.33
C SER B 334 -32.42 26.98 10.28
N ASP B 335 -31.84 27.30 11.45
CA ASP B 335 -30.55 27.96 11.48
C ASP B 335 -29.48 27.12 10.80
N GLN B 336 -29.43 25.83 11.15
CA GLN B 336 -28.48 24.93 10.48
C GLN B 336 -28.81 24.80 8.98
N ASN B 337 -30.10 24.71 8.63
CA ASN B 337 -30.50 24.63 7.23
C ASN B 337 -29.95 25.79 6.40
N VAL B 338 -30.06 27.03 6.90
CA VAL B 338 -29.60 28.17 6.10
C VAL B 338 -28.07 28.28 6.14
N ALA B 339 -27.46 27.99 7.28
CA ALA B 339 -26.00 28.09 7.38
C ALA B 339 -25.31 27.14 6.40
N VAL B 340 -25.77 25.89 6.32
CA VAL B 340 -25.21 24.93 5.37
C VAL B 340 -25.38 25.45 3.93
N SER B 341 -26.60 25.88 3.58
CA SER B 341 -26.88 26.35 2.23
C SER B 341 -26.01 27.55 1.85
N LYS B 342 -25.56 28.33 2.83
CA LYS B 342 -24.64 29.43 2.54
C LYS B 342 -23.20 28.95 2.49
N ALA B 343 -22.85 27.93 3.29
CA ALA B 343 -21.47 27.44 3.32
C ALA B 343 -21.10 26.74 2.03
N VAL B 344 -22.02 26.00 1.44
CA VAL B 344 -21.70 25.17 0.26
C VAL B 344 -21.45 26.07 -0.94
N PRO B 345 -20.50 25.73 -1.81
CA PRO B 345 -20.35 26.45 -3.06
C PRO B 345 -21.46 26.12 -4.05
N LYS B 346 -21.42 26.91 -5.14
CA LYS B 346 -22.37 26.72 -6.23
C LYS B 346 -22.51 25.25 -6.66
N ASP B 347 -21.37 24.56 -6.76
CA ASP B 347 -21.35 23.23 -7.37
C ASP B 347 -22.03 22.20 -6.48
N GLY B 348 -21.80 22.28 -5.17
CA GLY B 348 -22.33 21.33 -4.21
C GLY B 348 -21.22 20.83 -3.31
N GLY B 349 -21.56 19.86 -2.46
CA GLY B 349 -20.59 19.27 -1.57
C GLY B 349 -19.90 18.06 -2.18
N THR B 350 -18.78 17.66 -1.58
CA THR B 350 -18.05 16.49 -2.04
C THR B 350 -18.05 15.31 -1.07
N ASN B 351 -18.29 15.52 0.23
CA ASN B 351 -18.19 14.45 1.22
C ASN B 351 -19.16 14.64 2.38
N LEU B 352 -19.89 13.57 2.73
CA LEU B 352 -20.79 13.56 3.87
C LEU B 352 -20.54 12.30 4.70
N VAL B 353 -20.19 12.49 5.98
CA VAL B 353 -19.81 11.38 6.87
C VAL B 353 -20.75 11.37 8.08
N GLN B 354 -21.55 10.31 8.20
CA GLN B 354 -22.40 10.08 9.35
C GLN B 354 -21.65 9.27 10.42
N VAL B 355 -21.54 9.84 11.63
CA VAL B 355 -20.79 9.25 12.74
C VAL B 355 -21.81 8.72 13.74
N GLY B 356 -21.82 7.40 13.91
CA GLY B 356 -22.76 6.75 14.80
C GLY B 356 -24.09 6.57 14.09
N LYS B 357 -24.89 5.62 14.58
CA LYS B 357 -26.16 5.44 13.91
C LYS B 357 -27.32 5.43 14.91
N GLY B 358 -27.48 6.60 15.52
CA GLY B 358 -28.68 7.02 16.23
C GLY B 358 -29.29 8.19 15.54
N ILE B 359 -28.88 8.53 14.33
CA ILE B 359 -29.32 9.70 13.57
C ILE B 359 -30.43 9.32 12.59
N ALA B 360 -31.52 10.10 12.61
CA ALA B 360 -32.68 9.80 11.78
C ALA B 360 -32.37 9.99 10.31
N SER B 361 -32.94 9.09 9.48
CA SER B 361 -32.76 9.16 8.03
C SER B 361 -33.24 10.48 7.45
N SER B 362 -34.30 11.08 8.01
CA SER B 362 -34.74 12.40 7.57
C SER B 362 -33.56 13.38 7.51
N VAL B 363 -32.74 13.41 8.56
CA VAL B 363 -31.67 14.40 8.68
C VAL B 363 -30.63 14.22 7.58
N ILE B 364 -30.28 12.97 7.28
CA ILE B 364 -29.28 12.72 6.23
C ILE B 364 -29.82 13.15 4.88
N ASN B 365 -31.10 12.89 4.63
CA ASN B 365 -31.70 13.28 3.36
C ASN B 365 -31.75 14.80 3.21
N LYS B 366 -32.09 15.52 4.30
CA LYS B 366 -32.08 16.99 4.25
C LYS B 366 -30.69 17.49 3.85
N MET B 367 -29.65 16.90 4.43
CA MET B 367 -28.28 17.28 4.10
C MET B 367 -27.97 17.05 2.64
N LYS B 368 -28.41 15.90 2.10
CA LYS B 368 -28.12 15.56 0.73
C LYS B 368 -28.72 16.57 -0.23
N ASP B 369 -29.93 17.05 0.06
CA ASP B 369 -30.59 18.05 -0.78
C ASP B 369 -29.91 19.41 -0.69
N LEU B 370 -29.62 19.86 0.53
CA LEU B 370 -28.90 21.12 0.71
C LEU B 370 -27.60 21.15 -0.08
N LEU B 371 -26.93 20.01 -0.22
CA LEU B 371 -25.60 19.95 -0.79
C LEU B 371 -25.56 19.50 -2.25
N ASP B 372 -26.72 19.22 -2.85
CA ASP B 372 -26.80 18.73 -4.24
C ASP B 372 -26.04 17.42 -4.42
N MET B 373 -26.36 16.45 -3.56
CA MET B 373 -25.85 15.09 -3.68
C MET B 373 -26.93 14.02 -3.36
N SER C 2 25.76 -1.36 8.74
CA SER C 2 27.02 -0.63 8.83
C SER C 2 26.97 0.42 9.95
N THR C 3 27.23 -0.02 11.17
CA THR C 3 27.13 0.86 12.32
C THR C 3 28.32 1.83 12.34
N THR C 4 28.31 2.75 13.30
CA THR C 4 29.30 3.82 13.41
C THR C 4 30.18 3.61 14.63
N PRO C 5 31.50 3.52 14.48
CA PRO C 5 32.37 3.43 15.66
C PRO C 5 32.34 4.71 16.49
N GLY C 6 32.54 4.53 17.79
CA GLY C 6 32.50 5.64 18.73
C GLY C 6 32.24 5.10 20.14
N TYR C 7 31.66 5.97 20.98
CA TYR C 7 31.38 5.63 22.36
C TYR C 7 30.02 6.18 22.74
N THR C 8 29.26 5.41 23.50
CA THR C 8 27.89 5.77 23.88
C THR C 8 27.77 5.82 25.39
N VAL C 9 27.29 6.96 25.90
CA VAL C 9 27.21 7.24 27.33
C VAL C 9 25.75 7.30 27.73
N VAL C 10 25.37 6.53 28.75
CA VAL C 10 24.03 6.66 29.32
C VAL C 10 23.92 7.99 30.08
N LYS C 11 22.69 8.49 30.20
CA LYS C 11 22.48 9.79 30.85
C LYS C 11 23.13 9.84 32.23
N ASN C 12 22.85 8.85 33.08
CA ASN C 12 23.39 8.84 34.44
C ASN C 12 24.89 9.04 34.54
N ASP C 13 25.63 8.85 33.45
CA ASP C 13 27.07 9.03 33.50
C ASP C 13 27.57 10.27 32.78
N TRP C 14 26.69 11.21 32.39
CA TRP C 14 27.10 12.28 31.50
C TRP C 14 28.14 13.19 32.17
N LYS C 15 27.96 13.50 33.45
CA LYS C 15 28.93 14.35 34.13
C LYS C 15 30.32 13.72 34.12
N LYS C 16 30.40 12.44 34.49
CA LYS C 16 31.63 11.66 34.38
C LYS C 16 32.32 11.83 33.02
N ALA C 17 31.57 11.65 31.94
CA ALA C 17 32.14 11.77 30.60
C ALA C 17 32.58 13.20 30.32
N VAL C 18 31.74 14.18 30.69
CA VAL C 18 32.05 15.58 30.45
C VAL C 18 33.36 16.02 31.12
N LYS C 19 33.59 15.70 32.43
CA LYS C 19 34.93 16.07 32.95
C LYS C 19 36.03 15.57 32.08
N GLN C 20 35.90 14.34 31.59
CA GLN C 20 36.98 13.76 30.84
C GLN C 20 37.33 14.67 29.68
N LEU C 21 36.31 15.10 28.93
CA LEU C 21 36.56 16.04 27.85
C LEU C 21 37.18 17.33 28.39
N GLN C 22 36.68 17.78 29.55
CA GLN C 22 37.22 18.98 30.18
C GLN C 22 38.70 18.80 30.52
N ASP C 23 39.05 17.68 31.14
CA ASP C 23 40.46 17.37 31.41
C ASP C 23 41.25 17.28 30.12
N GLY C 24 40.67 16.67 29.10
CA GLY C 24 41.33 16.61 27.79
C GLY C 24 41.70 17.98 27.24
N LEU C 25 40.80 18.96 27.36
CA LEU C 25 41.09 20.30 26.89
C LEU C 25 42.19 20.97 27.70
N LYS C 26 42.19 20.77 29.03
CA LYS C 26 43.09 21.49 29.91
C LYS C 26 44.55 21.05 29.78
N ASN C 27 44.82 19.81 29.34
CA ASN C 27 46.21 19.35 29.20
C ASN C 27 46.65 19.27 27.74
N LYS C 28 45.99 20.03 26.85
CA LYS C 28 46.35 20.15 25.43
C LYS C 28 46.20 18.85 24.65
N THR C 29 45.46 17.87 25.18
CA THR C 29 45.25 16.66 24.39
C THR C 29 44.21 16.88 23.31
N ILE C 30 43.14 17.62 23.62
CA ILE C 30 42.05 17.88 22.67
C ILE C 30 42.27 19.27 22.07
N SER C 31 42.20 19.36 20.74
CA SER C 31 42.28 20.65 20.08
C SER C 31 40.91 21.27 19.82
N THR C 32 39.92 20.46 19.46
CA THR C 32 38.58 20.96 19.17
C THR C 32 37.54 19.89 19.48
N ILE C 33 36.34 20.35 19.85
CA ILE C 33 35.17 19.50 20.05
C ILE C 33 33.97 20.14 19.36
N LYS C 34 33.27 19.37 18.53
CA LYS C 34 32.06 19.85 17.86
C LYS C 34 30.83 19.24 18.52
N VAL C 35 29.96 20.10 19.06
CA VAL C 35 28.78 19.70 19.82
C VAL C 35 27.54 19.85 18.95
N SER C 36 26.56 18.97 19.16
CA SER C 36 25.30 19.05 18.44
C SER C 36 24.20 18.40 19.28
N PHE C 37 22.98 18.93 19.15
CA PHE C 37 21.80 18.47 19.87
C PHE C 37 20.82 17.85 18.90
N ASN C 38 20.32 16.66 19.22
CA ASN C 38 19.41 15.90 18.36
C ASN C 38 19.77 15.98 16.88
N GLY C 39 21.06 15.89 16.55
CA GLY C 39 21.51 15.87 15.17
C GLY C 39 21.79 17.24 14.55
N ASN C 40 21.65 18.32 15.31
CA ASN C 40 21.81 19.67 14.76
C ASN C 40 22.99 20.37 15.43
N SER C 41 23.85 20.97 14.61
CA SER C 41 25.03 21.64 15.13
C SER C 41 24.62 22.86 15.95
N VAL C 42 25.22 23.00 17.14
CA VAL C 42 24.89 24.13 17.99
C VAL C 42 26.15 24.78 18.54
N GLY C 43 27.30 24.47 17.97
CA GLY C 43 28.51 25.11 18.44
C GLY C 43 29.73 24.21 18.38
N GLU C 44 30.84 24.77 18.84
CA GLU C 44 32.17 24.22 18.69
C GLU C 44 33.06 24.85 19.75
N VAL C 45 33.80 24.02 20.49
CA VAL C 45 34.68 24.49 21.56
C VAL C 45 36.13 24.32 21.09
N THR C 46 36.91 25.40 21.17
CA THR C 46 38.28 25.41 20.69
C THR C 46 39.13 26.41 21.47
N PRO C 47 40.12 25.94 22.24
CA PRO C 47 40.99 26.88 22.96
C PRO C 47 41.68 27.84 22.00
N ALA C 48 41.85 29.08 22.46
CA ALA C 48 42.44 30.12 21.63
C ALA C 48 43.95 29.95 21.49
N SER C 49 44.44 30.13 20.26
CA SER C 49 45.87 30.10 19.94
C SER C 49 46.48 28.73 20.30
N SER C 50 45.88 27.67 19.76
CA SER C 50 46.32 26.28 19.99
C SER C 50 46.48 25.97 21.49
N GLY C 51 45.65 26.60 22.33
CA GLY C 51 45.70 26.34 23.76
C GLY C 51 47.03 26.63 24.41
N ALA C 52 47.70 27.72 24.00
CA ALA C 52 48.99 28.06 24.57
C ALA C 52 48.86 28.53 26.02
N LYS C 53 47.78 29.22 26.36
CA LYS C 53 47.63 29.78 27.70
C LYS C 53 46.63 28.98 28.52
N LYS C 54 46.96 28.79 29.80
CA LYS C 54 46.08 28.06 30.71
C LYS C 54 44.71 28.72 30.82
N ALA C 55 44.68 30.06 30.85
CA ALA C 55 43.41 30.78 30.97
C ALA C 55 42.48 30.47 29.80
N ASP C 56 43.05 30.32 28.59
CA ASP C 56 42.22 29.98 27.43
C ASP C 56 41.74 28.54 27.51
N ARG C 57 42.59 27.62 27.99
CA ARG C 57 42.19 26.22 28.10
C ARG C 57 41.10 26.04 29.15
N ASP C 58 41.23 26.73 30.29
CA ASP C 58 40.20 26.64 31.31
C ASP C 58 38.89 27.28 30.84
N ALA C 59 38.98 28.32 30.01
CA ALA C 59 37.78 28.94 29.44
C ALA C 59 37.06 27.98 28.51
N ALA C 60 37.80 27.22 27.70
CA ALA C 60 37.19 26.22 26.85
C ALA C 60 36.52 25.12 27.67
N ALA C 61 37.20 24.67 28.74
CA ALA C 61 36.59 23.67 29.62
C ALA C 61 35.27 24.15 30.18
N GLU C 62 35.21 25.41 30.62
CA GLU C 62 33.98 25.96 31.18
C GLU C 62 32.90 26.11 30.12
N LYS C 63 33.26 26.63 28.94
CA LYS C 63 32.30 26.80 27.87
C LYS C 63 31.57 25.49 27.57
N LEU C 64 32.31 24.38 27.55
CA LEU C 64 31.71 23.09 27.25
C LEU C 64 30.61 22.75 28.25
N TYR C 65 30.96 22.75 29.55
CA TYR C 65 29.97 22.46 30.58
C TYR C 65 28.78 23.40 30.50
N ASN C 66 29.06 24.71 30.42
CA ASN C 66 27.98 25.69 30.33
C ASN C 66 27.09 25.40 29.12
N LEU C 67 27.70 25.06 27.98
CA LEU C 67 26.94 24.81 26.77
C LEU C 67 25.95 23.67 26.95
N VAL C 68 26.38 22.56 27.57
CA VAL C 68 25.63 21.31 27.50
C VAL C 68 24.96 20.92 28.81
N ASN C 69 25.31 21.54 29.95
CA ASN C 69 24.86 20.99 31.23
C ASN C 69 23.33 20.91 31.31
N THR C 70 22.64 21.97 30.89
CA THR C 70 21.19 21.94 30.99
C THR C 70 20.59 20.97 29.99
N GLN C 71 21.12 20.93 28.77
CA GLN C 71 20.61 20.01 27.75
C GLN C 71 20.68 18.57 28.24
N LEU C 72 21.82 18.18 28.83
CA LEU C 72 21.99 16.81 29.27
C LEU C 72 21.15 16.51 30.50
N ASP C 73 21.10 17.44 31.47
CA ASP C 73 20.39 17.15 32.71
C ASP C 73 18.90 16.97 32.47
N LYS C 74 18.34 17.66 31.47
CA LYS C 74 16.94 17.54 31.10
C LYS C 74 16.75 16.65 29.87
N LEU C 75 17.69 15.75 29.62
CA LEU C 75 17.65 14.90 28.44
C LEU C 75 16.51 13.91 28.56
N GLY C 76 15.61 13.89 27.56
CA GLY C 76 14.46 13.03 27.58
C GLY C 76 14.50 11.93 26.52
N ASP C 77 13.41 11.17 26.50
CA ASP C 77 13.27 10.04 25.60
C ASP C 77 13.48 10.45 24.15
N GLY C 78 14.44 9.81 23.49
CA GLY C 78 14.71 10.05 22.08
C GLY C 78 15.75 11.10 21.80
N ASP C 79 16.09 11.94 22.77
CA ASP C 79 17.05 13.02 22.58
C ASP C 79 18.48 12.51 22.75
N TYR C 80 19.43 13.24 22.19
CA TYR C 80 20.82 12.82 22.24
C TYR C 80 21.74 13.99 21.89
N VAL C 81 22.91 14.01 22.53
CA VAL C 81 23.95 15.00 22.30
C VAL C 81 25.17 14.29 21.76
N ASP C 82 25.72 14.80 20.64
CA ASP C 82 26.88 14.22 19.99
C ASP C 82 28.10 15.13 20.13
N PHE C 83 29.24 14.52 20.45
CA PHE C 83 30.52 15.21 20.46
C PHE C 83 31.40 14.66 19.34
N GLU C 84 32.28 15.51 18.80
CA GLU C 84 33.31 15.10 17.85
C GLU C 84 34.64 15.60 18.39
N VAL C 85 35.45 14.69 18.94
CA VAL C 85 36.65 15.05 19.69
C VAL C 85 37.88 14.80 18.84
N THR C 86 38.59 15.88 18.48
CA THR C 86 39.87 15.77 17.79
C THR C 86 40.99 15.83 18.81
N TYR C 87 41.86 14.82 18.80
CA TYR C 87 42.86 14.68 19.84
C TYR C 87 44.21 14.30 19.27
N ASN C 88 45.24 14.49 20.09
CA ASN C 88 46.61 14.08 19.78
C ASN C 88 47.30 13.86 21.12
N LEU C 89 47.62 12.60 21.42
CA LEU C 89 48.18 12.27 22.73
C LEU C 89 49.59 12.81 22.90
N ALA C 90 50.31 13.07 21.80
CA ALA C 90 51.67 13.58 21.90
C ALA C 90 51.73 14.89 22.70
N THR C 91 50.74 15.76 22.49
CA THR C 91 50.76 17.10 23.06
C THR C 91 50.43 17.12 24.55
N GLN C 92 49.98 15.99 25.11
CA GLN C 92 49.56 15.91 26.51
C GLN C 92 50.65 16.44 27.44
N ILE C 93 50.22 17.17 28.47
CA ILE C 93 51.09 17.81 29.45
C ILE C 93 50.59 17.46 30.84
N ILE C 94 51.32 17.93 31.86
CA ILE C 94 51.01 17.64 33.26
C ILE C 94 51.01 18.93 34.08
N THR C 95 50.12 18.98 35.07
CA THR C 95 49.95 20.13 35.96
C THR C 95 51.01 20.12 37.06
N LYS C 96 51.03 21.21 37.84
CA LYS C 96 51.92 21.30 39.00
C LYS C 96 51.65 20.18 39.99
N ALA C 97 50.38 19.92 40.30
CA ALA C 97 50.03 18.88 41.26
C ALA C 97 50.35 17.50 40.71
N GLU C 98 50.19 17.30 39.40
CA GLU C 98 50.50 16.01 38.80
C GLU C 98 52.00 15.74 38.84
N ALA C 99 52.80 16.72 38.45
CA ALA C 99 54.26 16.57 38.46
C ALA C 99 54.79 16.40 39.89
N GLU C 100 54.22 17.12 40.85
CA GLU C 100 54.70 17.02 42.22
C GLU C 100 54.24 15.74 42.91
N ALA C 101 53.19 15.08 42.40
CA ALA C 101 52.78 13.79 42.95
C ALA C 101 53.60 12.64 42.39
N VAL C 102 54.00 12.73 41.12
CA VAL C 102 54.93 11.74 40.57
C VAL C 102 56.33 11.94 41.14
N LEU C 103 56.73 13.20 41.34
CA LEU C 103 58.05 13.48 41.91
C LEU C 103 58.19 12.81 43.26
N THR C 104 57.14 12.84 44.08
CA THR C 104 57.21 12.21 45.40
C THR C 104 57.39 10.70 45.29
N LYS C 105 56.70 10.07 44.34
CA LYS C 105 56.81 8.61 44.20
C LYS C 105 58.19 8.20 43.70
N LEU C 106 58.87 9.07 42.95
CA LEU C 106 60.23 8.78 42.51
C LEU C 106 61.22 8.82 43.67
N GLN C 107 61.07 9.81 44.57
CA GLN C 107 61.99 9.94 45.69
C GLN C 107 61.85 8.81 46.68
N GLN C 108 60.76 8.04 46.63
CA GLN C 108 60.65 6.86 47.48
C GLN C 108 61.57 5.73 47.05
N TYR C 109 62.12 5.80 45.82
CA TYR C 109 63.08 4.82 45.35
C TYR C 109 64.50 5.11 45.79
N ASN C 110 64.76 6.22 46.49
CA ASN C 110 66.12 6.57 46.91
C ASN C 110 66.81 5.44 47.67
N ASP C 111 66.07 4.74 48.53
CA ASP C 111 66.62 3.77 49.48
C ASP C 111 66.65 2.33 48.96
N LYS C 112 65.97 2.08 47.85
CA LYS C 112 65.97 0.82 47.10
C LYS C 112 67.36 0.33 46.70
N VAL C 113 67.60 -0.97 46.93
CA VAL C 113 68.86 -1.65 46.62
C VAL C 113 68.86 -2.22 45.21
N LEU C 114 69.96 -2.02 44.47
CA LEU C 114 70.22 -2.58 43.13
C LEU C 114 71.03 -3.89 43.17
N ILE C 115 72.15 -3.88 43.91
CA ILE C 115 73.09 -5.01 44.03
C ILE C 115 73.20 -5.39 45.50
N ASN C 116 73.14 -6.69 45.79
CA ASN C 116 73.44 -7.15 47.13
C ASN C 116 74.95 -7.33 47.31
N SER C 117 75.35 -7.57 48.56
CA SER C 117 76.78 -7.67 48.91
C SER C 117 77.42 -9.00 48.58
N ALA C 118 77.16 -10.02 49.41
CA ALA C 118 78.10 -11.08 49.73
C ALA C 118 78.13 -12.22 48.72
N THR C 119 79.27 -12.91 48.67
CA THR C 119 79.42 -14.16 47.95
C THR C 119 79.44 -15.34 48.93
N ASP C 120 79.32 -16.55 48.37
CA ASP C 120 79.50 -17.85 49.04
C ASP C 120 78.88 -18.93 48.16
N LYS C 142 72.67 1.17 46.48
CA LYS C 142 71.52 2.11 46.51
C LYS C 142 71.31 2.78 45.19
N VAL C 143 70.08 3.27 44.95
CA VAL C 143 69.94 4.13 43.77
C VAL C 143 70.62 5.47 44.00
N SER C 144 70.67 5.97 45.24
CA SER C 144 71.30 7.25 45.54
C SER C 144 72.78 7.28 45.17
N ASP C 145 73.41 6.10 45.06
CA ASP C 145 74.80 6.03 44.65
C ASP C 145 74.96 6.23 43.15
N MET C 146 74.03 5.72 42.36
CA MET C 146 74.16 5.80 40.91
C MET C 146 73.41 6.98 40.30
N TYR C 147 72.36 7.48 40.95
CA TYR C 147 71.52 8.50 40.35
C TYR C 147 71.17 9.58 41.36
N THR C 148 71.02 10.81 40.84
CA THR C 148 70.52 11.96 41.60
C THR C 148 69.20 12.45 41.04
N ILE C 149 68.12 12.21 41.78
CA ILE C 149 66.80 12.75 41.46
C ILE C 149 66.87 14.26 41.57
N PRO C 150 66.16 15.02 40.75
CA PRO C 150 66.06 16.46 41.02
C PRO C 150 65.19 16.65 42.24
N SER C 151 65.35 17.82 42.86
CA SER C 151 64.43 18.30 43.87
C SER C 151 63.58 19.38 43.21
N ALA C 152 62.28 19.32 43.47
CA ALA C 152 61.31 20.20 42.83
C ALA C 152 61.26 19.98 41.31
N ILE C 153 60.34 20.68 40.65
CA ILE C 153 60.03 20.49 39.25
C ILE C 153 60.32 21.77 38.46
N THR C 154 60.26 21.64 37.13
CA THR C 154 60.65 22.69 36.20
C THR C 154 59.52 22.94 35.21
N GLY C 155 59.14 24.20 35.06
CA GLY C 155 58.11 24.55 34.09
C GLY C 155 57.18 25.67 34.55
N SER C 156 56.17 25.96 33.74
CA SER C 156 55.17 26.97 34.03
C SER C 156 53.77 26.40 33.81
N ASP C 157 52.75 27.17 34.21
CA ASP C 157 51.37 26.72 34.03
C ASP C 157 50.98 26.68 32.55
N ASP C 158 51.44 27.66 31.77
CA ASP C 158 51.03 27.75 30.37
C ASP C 158 51.59 26.58 29.56
N SER C 159 52.88 26.29 29.72
CA SER C 159 53.54 25.28 28.89
C SER C 159 53.58 23.89 29.54
N GLY C 160 53.38 23.79 30.84
CA GLY C 160 53.41 22.52 31.54
C GLY C 160 54.66 22.36 32.38
N TYR C 161 54.68 21.26 33.13
CA TYR C 161 55.75 20.95 34.06
C TYR C 161 56.47 19.67 33.66
N SER C 162 57.67 19.49 34.21
CA SER C 162 58.54 18.43 33.75
C SER C 162 59.39 17.91 34.92
N ILE C 163 59.83 16.66 34.78
CA ILE C 163 60.80 16.04 35.68
C ILE C 163 62.09 15.88 34.89
N ALA C 164 63.17 16.46 35.38
CA ALA C 164 64.46 16.27 34.75
C ALA C 164 64.93 14.83 34.94
N LYS C 165 65.70 14.33 33.97
CA LYS C 165 66.29 13.01 34.12
C LYS C 165 67.25 13.02 35.30
N PRO C 166 67.19 12.04 36.19
CA PRO C 166 68.16 12.00 37.30
C PRO C 166 69.60 11.97 36.77
N THR C 167 70.43 12.85 37.32
CA THR C 167 71.80 12.96 36.85
C THR C 167 72.61 11.73 37.24
N GLU C 168 73.35 11.19 36.25
CA GLU C 168 74.03 9.91 36.37
C GLU C 168 75.41 10.06 36.99
N LYS C 169 75.81 9.04 37.76
CA LYS C 169 77.09 9.00 38.47
C LYS C 169 77.75 7.64 38.31
N THR C 170 79.01 7.56 38.75
CA THR C 170 79.83 6.37 38.65
C THR C 170 80.10 5.77 40.03
N THR C 171 80.46 4.49 40.03
CA THR C 171 80.97 3.82 41.23
C THR C 171 82.18 2.95 40.91
N ILE C 187 80.02 -2.41 36.87
CA ILE C 187 78.87 -1.50 36.84
C ILE C 187 78.99 -0.01 36.58
N THR C 188 78.27 0.32 35.51
CA THR C 188 78.11 1.63 34.92
C THR C 188 76.62 1.83 34.62
N VAL C 189 76.23 3.09 34.41
CA VAL C 189 74.85 3.43 34.07
C VAL C 189 74.55 3.08 32.61
N ASP C 190 73.28 2.83 32.32
CA ASP C 190 72.80 2.64 30.96
C ASP C 190 72.15 3.93 30.48
N THR C 191 72.84 4.64 29.59
CA THR C 191 72.19 5.71 28.84
C THR C 191 71.32 5.05 27.78
N ALA C 192 70.16 5.67 27.51
CA ALA C 192 69.08 5.15 26.68
C ALA C 192 68.17 4.30 27.57
N SER C 193 68.36 4.43 28.89
CA SER C 193 67.46 3.89 29.90
C SER C 193 67.38 4.87 31.06
N ASN C 194 67.37 6.17 30.72
CA ASN C 194 67.21 7.25 31.69
C ASN C 194 66.83 8.48 30.90
N GLU C 195 65.59 8.96 31.09
CA GLU C 195 65.09 10.08 30.32
C GLU C 195 64.20 10.94 31.21
N ALA C 196 63.99 12.17 30.76
CA ALA C 196 63.08 13.09 31.44
C ALA C 196 61.63 12.69 31.18
N PHE C 197 60.74 13.15 32.07
CA PHE C 197 59.32 12.87 31.98
C PHE C 197 58.55 14.17 32.02
N ALA C 198 57.60 14.33 31.08
CA ALA C 198 56.73 15.51 31.06
C ALA C 198 55.41 15.20 30.37
N GLY C 199 54.76 14.11 30.77
CA GLY C 199 53.51 13.69 30.15
C GLY C 199 53.70 13.14 28.75
N ASN C 200 53.20 13.86 27.74
CA ASN C 200 53.35 13.48 26.32
C ASN C 200 52.79 12.08 26.05
N GLY C 201 51.66 11.76 26.68
CA GLY C 201 51.03 10.47 26.45
C GLY C 201 51.83 9.29 26.97
N LYS C 202 52.60 9.48 28.05
CA LYS C 202 53.44 8.43 28.60
C LYS C 202 53.36 8.48 30.11
N VAL C 203 53.78 7.37 30.73
CA VAL C 203 53.89 7.26 32.18
C VAL C 203 55.20 6.56 32.51
N ILE C 204 55.56 6.58 33.78
CA ILE C 204 56.81 5.99 34.24
C ILE C 204 56.64 4.48 34.37
N ASP C 205 57.50 3.73 33.67
CA ASP C 205 57.49 2.27 33.72
C ASP C 205 58.30 1.82 34.93
N TYR C 206 57.61 1.63 36.06
CA TYR C 206 58.28 1.23 37.29
C TYR C 206 58.75 -0.22 37.22
N ASN C 207 58.24 -0.98 36.24
CA ASN C 207 58.65 -2.36 36.05
C ASN C 207 60.08 -2.44 35.53
N LYS C 208 60.50 -1.46 34.73
CA LYS C 208 61.83 -1.42 34.15
C LYS C 208 62.71 -0.32 34.74
N SER C 209 62.15 0.60 35.52
CA SER C 209 62.92 1.70 36.07
C SER C 209 63.74 1.26 37.29
N PHE C 210 64.93 1.84 37.41
CA PHE C 210 65.79 1.68 38.59
C PHE C 210 66.13 0.21 38.84
N LYS C 211 66.51 -0.49 37.78
CA LYS C 211 66.90 -1.90 37.85
C LYS C 211 68.37 -2.07 37.50
N ALA C 212 68.96 -3.15 38.01
CA ALA C 212 70.30 -3.59 37.65
C ALA C 212 70.19 -4.86 36.82
N THR C 213 70.81 -4.85 35.65
CA THR C 213 70.64 -5.94 34.70
C THR C 213 72.03 -6.49 34.37
N VAL C 214 72.29 -7.71 34.83
CA VAL C 214 73.55 -8.45 34.63
C VAL C 214 73.73 -8.92 33.20
N GLN C 215 74.95 -8.80 32.64
CA GLN C 215 74.94 -9.16 31.22
C GLN C 215 75.93 -10.24 30.83
N GLY C 216 75.87 -10.52 29.52
CA GLY C 216 76.56 -11.68 28.97
C GLY C 216 78.06 -11.71 29.25
N ASP C 217 78.72 -10.56 29.10
CA ASP C 217 80.14 -10.52 29.43
C ASP C 217 80.40 -10.57 30.94
N GLY C 218 79.37 -10.43 31.76
CA GLY C 218 79.49 -10.49 33.21
C GLY C 218 79.33 -9.16 33.90
N THR C 219 79.36 -8.07 33.15
CA THR C 219 79.18 -6.73 33.71
C THR C 219 77.71 -6.45 33.98
N VAL C 220 77.46 -5.40 34.74
CA VAL C 220 76.11 -5.01 35.13
C VAL C 220 75.86 -3.58 34.65
N LYS C 221 74.68 -3.34 34.09
CA LYS C 221 74.20 -2.00 33.73
C LYS C 221 72.97 -1.66 34.55
N THR C 222 72.85 -0.39 34.94
CA THR C 222 71.72 0.09 35.72
C THR C 222 70.85 1.03 34.88
N SER C 223 69.54 0.97 35.11
CA SER C 223 68.60 1.87 34.48
C SER C 223 68.12 2.94 35.47
N GLY C 224 67.61 4.04 34.91
CA GLY C 224 67.06 5.11 35.71
C GLY C 224 65.55 5.22 35.53
N VAL C 225 65.10 6.32 34.96
CA VAL C 225 63.69 6.53 34.66
C VAL C 225 63.43 6.12 33.21
N VAL C 226 62.63 5.06 33.03
CA VAL C 226 62.22 4.60 31.71
C VAL C 226 60.71 4.73 31.61
N LEU C 227 60.22 5.07 30.42
CA LEU C 227 58.81 5.38 30.20
C LEU C 227 58.14 4.31 29.36
N LYS C 228 56.81 4.46 29.21
CA LYS C 228 56.00 3.57 28.39
C LYS C 228 54.74 4.31 27.98
N ASP C 229 54.17 3.89 26.86
CA ASP C 229 52.92 4.49 26.37
C ASP C 229 51.81 4.34 27.41
N ALA C 230 51.06 5.43 27.62
CA ALA C 230 49.94 5.37 28.54
C ALA C 230 48.82 4.49 28.01
N SER C 231 48.71 4.35 26.69
CA SER C 231 47.65 3.57 26.08
C SER C 231 48.11 3.05 24.72
N ASP C 232 47.43 2.03 24.23
CA ASP C 232 47.69 1.47 22.91
C ASP C 232 46.81 2.07 21.83
N MET C 233 45.98 3.05 22.20
CA MET C 233 45.15 3.76 21.23
C MET C 233 46.01 4.59 20.27
N ALA C 234 45.46 4.86 19.09
CA ALA C 234 46.16 5.62 18.06
C ALA C 234 46.58 6.99 18.58
N ALA C 235 47.67 7.52 18.02
CA ALA C 235 48.23 8.78 18.50
C ALA C 235 47.27 9.95 18.30
N THR C 236 46.66 10.03 17.12
CA THR C 236 45.78 11.14 16.79
C THR C 236 44.52 10.63 16.12
N GLY C 237 43.52 11.49 16.04
CA GLY C 237 42.30 11.17 15.34
C GLY C 237 41.12 11.95 15.91
N THR C 238 39.92 11.55 15.46
CA THR C 238 38.69 12.20 15.87
C THR C 238 37.70 11.14 16.34
N ILE C 239 37.27 11.25 17.59
CA ILE C 239 36.40 10.27 18.25
C ILE C 239 35.03 10.90 18.46
N LYS C 240 33.98 10.18 18.08
CA LYS C 240 32.63 10.66 18.34
C LYS C 240 32.05 9.98 19.58
N VAL C 241 31.35 10.77 20.38
CA VAL C 241 30.79 10.35 21.66
C VAL C 241 29.33 10.79 21.70
N ARG C 242 28.42 9.86 22.00
CA ARG C 242 27.00 10.15 22.10
C ARG C 242 26.51 9.88 23.52
N VAL C 243 25.55 10.69 23.95
CA VAL C 243 24.82 10.45 25.20
C VAL C 243 23.36 10.28 24.84
N THR C 244 22.71 9.27 25.40
CA THR C 244 21.28 9.05 25.21
C THR C 244 20.62 8.89 26.57
N SER C 245 19.31 8.67 26.56
CA SER C 245 18.53 8.52 27.78
C SER C 245 18.42 7.07 28.26
N ALA C 246 19.04 6.14 27.55
CA ALA C 246 18.99 4.73 27.90
C ALA C 246 19.55 4.48 29.30
N LYS C 247 19.13 3.36 29.89
CA LYS C 247 19.58 2.91 31.20
C LYS C 247 20.60 1.79 31.08
N GLU C 248 21.52 1.70 32.05
CA GLU C 248 22.62 0.77 31.90
C GLU C 248 22.28 -0.49 32.70
N GLU C 249 22.42 -1.65 32.06
CA GLU C 249 22.12 -2.94 32.66
C GLU C 249 23.33 -3.88 32.68
N SER C 250 23.54 -4.55 33.82
CA SER C 250 24.68 -5.44 34.03
C SER C 250 24.20 -6.88 34.07
N ILE C 251 24.77 -7.72 33.21
CA ILE C 251 24.49 -9.15 33.18
C ILE C 251 25.78 -9.88 33.51
N ASP C 252 25.90 -10.36 34.75
CA ASP C 252 27.08 -11.15 35.16
C ASP C 252 26.68 -12.62 35.26
N VAL C 253 27.07 -13.42 34.26
CA VAL C 253 26.67 -14.83 34.21
C VAL C 253 27.36 -15.65 35.30
N ASP C 254 28.48 -15.16 35.84
CA ASP C 254 29.16 -15.81 36.95
C ASP C 254 28.58 -15.45 38.32
N SER C 255 27.67 -14.47 38.37
CA SER C 255 27.04 -14.06 39.62
C SER C 255 26.19 -15.19 40.22
N SER C 256 25.82 -14.99 41.49
CA SER C 256 24.90 -15.92 42.16
C SER C 256 23.54 -15.92 41.46
N SER C 257 22.95 -14.74 41.26
CA SER C 257 21.70 -14.57 40.54
C SER C 257 21.88 -13.61 39.38
N TYR C 258 21.24 -13.92 38.25
CA TYR C 258 21.29 -13.07 37.07
C TYR C 258 20.17 -13.47 36.13
N ILE C 259 19.66 -12.49 35.38
CA ILE C 259 18.55 -12.75 34.47
C ILE C 259 19.00 -13.72 33.39
N SER C 260 18.17 -14.73 33.13
CA SER C 260 18.53 -15.74 32.14
C SER C 260 18.42 -15.19 30.73
N ALA C 261 19.11 -15.87 29.80
CA ALA C 261 19.00 -15.52 28.39
C ALA C 261 17.57 -15.63 27.88
N GLU C 262 16.80 -16.58 28.41
CA GLU C 262 15.40 -16.71 28.00
C GLU C 262 14.60 -15.51 28.47
N ASN C 263 14.76 -15.14 29.74
CA ASN C 263 14.03 -14.00 30.28
C ASN C 263 14.53 -12.67 29.71
N LEU C 264 15.74 -12.64 29.14
CA LEU C 264 16.21 -11.44 28.48
C LEU C 264 15.48 -11.21 27.16
N ALA C 265 15.30 -12.27 26.36
CA ALA C 265 14.51 -12.14 25.14
C ALA C 265 13.02 -11.98 25.46
N LYS C 266 12.58 -12.48 26.61
CA LYS C 266 11.21 -12.25 27.06
C LYS C 266 10.96 -10.76 27.26
N LYS C 267 12.00 -10.03 27.66
CA LYS C 267 11.94 -8.62 28.02
C LYS C 267 12.24 -7.67 26.85
N TYR C 268 13.18 -8.04 25.97
CA TYR C 268 13.63 -7.15 24.91
C TYR C 268 13.66 -7.87 23.57
N VAL C 269 13.53 -7.09 22.49
CA VAL C 269 13.76 -7.56 21.13
C VAL C 269 15.14 -7.08 20.70
N PHE C 270 15.91 -7.98 20.09
CA PHE C 270 17.27 -7.68 19.65
C PHE C 270 17.37 -7.78 18.14
N ASN C 271 18.22 -6.92 17.56
CA ASN C 271 18.55 -7.01 16.14
C ASN C 271 19.28 -8.31 15.87
N PRO C 272 18.73 -9.22 15.05
CA PRO C 272 19.39 -10.52 14.84
C PRO C 272 20.80 -10.41 14.28
N LYS C 273 21.06 -9.44 13.40
CA LYS C 273 22.40 -9.30 12.85
C LYS C 273 23.40 -8.91 13.95
N GLU C 274 22.98 -8.04 14.86
CA GLU C 274 23.88 -7.59 15.93
C GLU C 274 24.26 -8.73 16.86
N VAL C 275 23.32 -9.65 17.12
CA VAL C 275 23.59 -10.75 18.04
C VAL C 275 24.53 -11.78 17.41
N SER C 276 24.31 -12.11 16.12
CA SER C 276 25.16 -13.14 15.51
C SER C 276 26.58 -12.62 15.28
N GLU C 277 26.73 -11.32 14.99
CA GLU C 277 28.07 -10.77 14.86
C GLU C 277 28.85 -10.87 16.17
N ALA C 278 28.17 -10.68 17.30
CA ALA C 278 28.83 -10.88 18.59
C ALA C 278 29.20 -12.33 18.77
N TYR C 279 28.24 -13.23 18.59
CA TYR C 279 28.52 -14.66 18.65
C TYR C 279 29.72 -15.02 17.78
N ASN C 280 29.70 -14.58 16.52
CA ASN C 280 30.79 -14.89 15.61
C ASN C 280 32.10 -14.30 16.09
N ALA C 281 32.06 -13.11 16.69
CA ALA C 281 33.30 -12.49 17.18
C ALA C 281 33.90 -13.28 18.32
N ILE C 282 33.06 -13.83 19.20
CA ILE C 282 33.54 -14.63 20.33
C ILE C 282 34.25 -15.89 19.83
N VAL C 283 33.62 -16.59 18.88
CA VAL C 283 34.17 -17.84 18.37
C VAL C 283 35.53 -17.60 17.70
N ALA C 284 35.65 -16.56 16.88
CA ALA C 284 36.92 -16.30 16.21
C ALA C 284 38.02 -15.92 17.18
N LEU C 285 37.68 -15.36 18.34
CA LEU C 285 38.69 -15.12 19.36
C LEU C 285 39.06 -16.42 20.07
N GLN C 286 38.04 -17.20 20.44
CA GLN C 286 38.24 -18.48 21.13
C GLN C 286 39.11 -19.43 20.30
N ASN C 287 38.92 -19.45 18.98
CA ASN C 287 39.56 -20.45 18.12
C ASN C 287 40.88 -19.95 17.54
N ASP C 288 40.84 -18.83 16.83
CA ASP C 288 42.01 -18.33 16.12
C ASP C 288 42.70 -17.18 16.82
N GLY C 289 42.19 -16.74 17.97
CA GLY C 289 42.78 -15.62 18.68
C GLY C 289 42.64 -14.30 17.97
N ILE C 290 41.60 -14.16 17.15
CA ILE C 290 41.38 -12.94 16.38
C ILE C 290 40.69 -11.90 17.25
N GLU C 291 41.32 -10.73 17.40
CA GLU C 291 40.77 -9.65 18.22
C GLU C 291 39.57 -8.98 17.54
N SER C 292 38.64 -8.48 18.36
CA SER C 292 37.43 -7.85 17.84
C SER C 292 36.93 -6.77 18.79
N ASP C 293 36.61 -5.61 18.22
CA ASP C 293 36.05 -4.53 19.02
C ASP C 293 34.78 -4.96 19.74
N LEU C 294 34.04 -5.91 19.17
CA LEU C 294 32.81 -6.38 19.79
C LEU C 294 33.07 -7.07 21.13
N VAL C 295 34.16 -7.83 21.24
CA VAL C 295 34.47 -8.57 22.47
C VAL C 295 35.70 -7.97 23.12
N GLN C 296 35.55 -7.49 24.36
CA GLN C 296 36.61 -6.86 25.11
C GLN C 296 36.80 -7.58 26.44
N LEU C 297 37.99 -7.39 27.02
CA LEU C 297 38.37 -7.94 28.31
C LEU C 297 38.59 -6.78 29.28
N VAL C 298 37.68 -6.58 30.23
CA VAL C 298 37.80 -5.48 31.20
C VAL C 298 37.65 -6.08 32.59
N ASN C 299 38.58 -5.73 33.50
CA ASN C 299 38.53 -6.18 34.89
C ASN C 299 38.49 -7.70 35.00
N GLY C 300 39.29 -8.38 34.18
CA GLY C 300 39.30 -9.84 34.20
C GLY C 300 37.99 -10.48 33.79
N LYS C 301 37.24 -9.86 32.90
CA LYS C 301 35.98 -10.42 32.40
C LYS C 301 35.80 -10.05 30.93
N TYR C 302 35.54 -11.06 30.10
CA TYR C 302 35.15 -10.81 28.71
C TYR C 302 33.71 -10.31 28.65
N GLN C 303 33.44 -9.37 27.73
CA GLN C 303 32.11 -8.76 27.69
C GLN C 303 31.71 -8.32 26.29
N VAL C 304 30.39 -8.30 26.07
CA VAL C 304 29.77 -7.74 24.88
C VAL C 304 28.69 -6.74 25.30
N ILE C 305 28.35 -5.84 24.37
CA ILE C 305 27.39 -4.75 24.62
C ILE C 305 26.26 -4.83 23.60
N PHE C 306 25.02 -4.92 24.07
CA PHE C 306 23.86 -4.88 23.19
C PHE C 306 22.98 -3.68 23.50
N TYR C 307 22.48 -3.02 22.45
CA TYR C 307 21.38 -2.05 22.57
C TYR C 307 20.16 -2.64 21.89
N PRO C 308 19.16 -3.08 22.63
CA PRO C 308 17.99 -3.71 22.00
C PRO C 308 17.13 -2.68 21.27
N GLU C 309 16.43 -3.15 20.24
CA GLU C 309 15.51 -2.30 19.49
C GLU C 309 14.48 -1.67 20.42
N GLY C 310 13.93 -2.45 21.35
CA GLY C 310 12.96 -1.93 22.28
C GLY C 310 12.45 -3.05 23.18
N LYS C 311 11.28 -2.84 23.76
CA LYS C 311 10.68 -3.88 24.59
C LYS C 311 9.86 -4.82 23.72
N ARG C 312 9.70 -6.04 24.21
CA ARG C 312 8.89 -7.02 23.51
C ARG C 312 7.45 -6.94 23.97
N LEU C 313 6.54 -7.12 23.03
CA LEU C 313 5.11 -7.05 23.33
C LEU C 313 4.64 -8.29 24.08
N GLU C 314 3.84 -8.07 25.12
CA GLU C 314 3.29 -9.17 25.89
C GLU C 314 2.30 -9.97 25.06
N THR C 315 2.04 -11.20 25.49
CA THR C 315 1.07 -12.05 24.82
C THR C 315 0.00 -12.54 25.81
N ALA D 1 36.42 2.10 19.76
CA ALA D 1 36.18 0.74 20.21
C ALA D 1 34.69 0.33 20.15
N ASP D 2 33.82 1.10 20.82
CA ASP D 2 32.41 0.72 20.91
C ASP D 2 31.68 1.23 19.69
N ILE D 3 30.38 1.51 19.81
CA ILE D 3 29.59 2.05 18.70
C ILE D 3 28.72 3.19 19.22
N ILE D 4 28.20 3.97 18.28
CA ILE D 4 27.20 5.00 18.55
C ILE D 4 25.81 4.35 18.47
N ALA D 5 25.14 4.24 19.61
CA ALA D 5 23.85 3.55 19.69
C ALA D 5 22.72 4.38 19.09
N ASP D 6 21.62 3.69 18.77
CA ASP D 6 20.41 4.36 18.31
C ASP D 6 19.68 5.05 19.46
N ALA D 7 19.33 6.31 19.26
CA ALA D 7 18.77 7.15 20.32
C ALA D 7 17.44 6.65 20.87
N ASP D 8 16.74 5.77 20.15
CA ASP D 8 15.48 5.23 20.66
C ASP D 8 15.65 3.97 21.53
N SER D 9 16.87 3.45 21.66
CA SER D 9 17.06 2.25 22.47
C SER D 9 16.93 2.57 23.96
N PRO D 10 16.24 1.72 24.73
CA PRO D 10 16.04 2.00 26.16
C PRO D 10 17.13 1.51 27.10
N ALA D 11 18.10 0.72 26.63
CA ALA D 11 19.08 0.15 27.55
C ALA D 11 20.42 -0.09 26.88
N LYS D 12 21.47 0.04 27.68
CA LYS D 12 22.84 -0.36 27.31
C LYS D 12 23.20 -1.56 28.17
N ILE D 13 23.01 -2.76 27.63
CA ILE D 13 23.24 -3.99 28.37
C ILE D 13 24.65 -4.49 28.11
N THR D 14 25.39 -4.77 29.18
CA THR D 14 26.70 -5.40 29.12
C THR D 14 26.64 -6.77 29.79
N ILE D 15 27.02 -7.80 29.05
CA ILE D 15 27.07 -9.19 29.54
C ILE D 15 28.54 -9.56 29.74
N LYS D 16 28.87 -10.03 30.93
CA LYS D 16 30.27 -10.28 31.26
C LYS D 16 30.47 -11.69 31.80
N ALA D 17 31.69 -12.19 31.64
CA ALA D 17 32.00 -13.54 32.10
C ALA D 17 33.50 -13.71 32.24
N ASN D 18 33.88 -14.55 33.19
CA ASN D 18 35.30 -14.87 33.40
C ASN D 18 35.83 -15.68 32.23
N LYS D 19 35.20 -16.83 32.00
CA LYS D 19 35.56 -17.71 30.90
C LYS D 19 34.82 -17.29 29.65
N LEU D 20 35.56 -17.13 28.54
CA LEU D 20 34.96 -16.84 27.26
C LEU D 20 34.01 -17.94 26.81
N LYS D 21 34.08 -19.13 27.44
CA LYS D 21 33.11 -20.17 27.15
C LYS D 21 31.74 -19.78 27.64
N ASP D 22 31.63 -19.28 28.88
CA ASP D 22 30.30 -19.08 29.43
C ASP D 22 29.61 -17.94 28.72
N LEU D 23 30.40 -17.03 28.15
CA LEU D 23 29.86 -15.92 27.38
C LEU D 23 29.23 -16.41 26.08
N LYS D 24 30.02 -17.18 25.29
CA LYS D 24 29.47 -17.85 24.12
C LYS D 24 28.15 -18.56 24.42
N ASP D 25 28.08 -19.30 25.55
CA ASP D 25 26.85 -20.03 25.86
C ASP D 25 25.68 -19.08 26.10
N TYR D 26 25.91 -17.95 26.79
CA TYR D 26 24.81 -17.03 27.04
C TYR D 26 24.36 -16.35 25.75
N VAL D 27 25.31 -15.92 24.91
CA VAL D 27 24.96 -15.28 23.65
C VAL D 27 24.26 -16.27 22.72
N ASP D 28 24.71 -17.52 22.73
CA ASP D 28 24.08 -18.55 21.90
C ASP D 28 22.63 -18.77 22.30
N ASP D 29 22.37 -18.85 23.61
CA ASP D 29 20.99 -18.98 24.08
C ASP D 29 20.16 -17.75 23.74
N LEU D 30 20.74 -16.55 23.86
CA LEU D 30 20.01 -15.34 23.48
C LEU D 30 19.64 -15.38 22.01
N LYS D 31 20.59 -15.74 21.14
CA LYS D 31 20.31 -15.80 19.71
C LYS D 31 19.08 -16.66 19.39
N THR D 32 18.90 -17.78 20.09
CA THR D 32 17.77 -18.65 19.77
C THR D 32 16.46 -18.14 20.38
N TYR D 33 16.47 -17.81 21.67
CA TYR D 33 15.23 -17.31 22.29
C TYR D 33 14.73 -16.03 21.61
N ASN D 34 15.64 -15.17 21.16
CA ASN D 34 15.26 -13.99 20.40
C ASN D 34 14.55 -14.37 19.10
N ASN D 35 15.14 -15.29 18.34
CA ASN D 35 14.57 -15.77 17.08
C ASN D 35 13.28 -16.56 17.29
N THR D 36 13.05 -17.10 18.50
CA THR D 36 11.85 -17.88 18.75
C THR D 36 10.60 -17.04 18.54
N TYR D 37 10.55 -15.87 19.21
CA TYR D 37 9.38 -14.99 19.14
C TYR D 37 9.13 -14.52 17.72
N SER D 38 10.20 -14.45 16.92
CA SER D 38 10.12 -14.00 15.54
C SER D 38 9.69 -15.09 14.58
N ASN D 39 10.19 -16.32 14.76
CA ASN D 39 10.02 -17.36 13.75
C ASN D 39 9.17 -18.54 14.19
N VAL D 40 8.66 -18.55 15.43
CA VAL D 40 7.75 -19.59 15.89
C VAL D 40 6.43 -18.91 16.28
N VAL D 41 5.37 -19.18 15.53
CA VAL D 41 4.10 -18.50 15.69
C VAL D 41 2.96 -19.50 15.70
N THR D 42 1.88 -19.15 16.38
CA THR D 42 0.62 -19.88 16.30
C THR D 42 -0.38 -19.03 15.53
N VAL D 43 -1.14 -19.66 14.65
CA VAL D 43 -2.17 -19.00 13.87
C VAL D 43 -3.46 -19.76 14.13
N ALA D 44 -4.30 -19.24 15.01
CA ALA D 44 -5.52 -19.93 15.38
C ALA D 44 -6.60 -18.95 15.79
N GLY D 45 -7.86 -19.35 15.53
CA GLY D 45 -9.01 -18.69 16.07
C GLY D 45 -9.69 -19.54 17.13
N GLU D 46 -10.88 -19.07 17.54
CA GLU D 46 -11.70 -19.79 18.50
C GLU D 46 -12.69 -20.72 17.82
N ASP D 47 -12.46 -21.02 16.55
CA ASP D 47 -13.45 -21.68 15.71
C ASP D 47 -12.73 -22.09 14.45
N ARG D 48 -13.21 -23.16 13.82
CA ARG D 48 -12.58 -23.57 12.57
C ARG D 48 -12.74 -22.48 11.52
N ILE D 49 -13.91 -21.83 11.50
CA ILE D 49 -14.13 -20.72 10.58
C ILE D 49 -13.18 -19.57 10.90
N GLU D 50 -12.99 -19.27 12.18
CA GLU D 50 -12.16 -18.13 12.55
C GLU D 50 -10.68 -18.40 12.32
N THR D 51 -10.25 -19.67 12.44
CA THR D 51 -8.87 -20.03 12.16
C THR D 51 -8.53 -19.86 10.68
N ALA D 52 -9.44 -20.25 9.78
CA ALA D 52 -9.22 -20.04 8.36
C ALA D 52 -9.07 -18.56 8.02
N ILE D 53 -9.77 -17.69 8.75
CA ILE D 53 -9.66 -16.26 8.47
C ILE D 53 -8.32 -15.72 8.94
N GLU D 54 -7.86 -16.18 10.11
CA GLU D 54 -6.58 -15.70 10.64
C GLU D 54 -5.44 -16.03 9.68
N LEU D 55 -5.53 -17.17 8.98
CA LEU D 55 -4.58 -17.47 7.93
C LEU D 55 -4.66 -16.45 6.81
N SER D 56 -5.88 -16.15 6.35
CA SER D 56 -6.09 -15.17 5.29
C SER D 56 -5.56 -13.79 5.68
N SER D 57 -5.81 -13.39 6.93
CA SER D 57 -5.35 -12.08 7.39
C SER D 57 -3.83 -12.00 7.39
N LYS D 58 -3.15 -13.10 7.72
CA LYS D 58 -1.71 -13.12 7.92
C LYS D 58 -0.94 -13.24 6.61
N TYR D 59 -1.49 -13.99 5.65
CA TYR D 59 -0.70 -14.38 4.49
C TYR D 59 -1.16 -13.77 3.18
N TYR D 60 -2.40 -13.29 3.10
CA TYR D 60 -2.92 -12.72 1.87
C TYR D 60 -3.28 -11.26 2.13
N ASN D 61 -2.79 -10.37 1.25
CA ASN D 61 -3.01 -8.93 1.38
C ASN D 61 -2.51 -8.41 2.73
N SER D 62 -1.24 -8.72 3.02
CA SER D 62 -0.71 -8.51 4.36
C SER D 62 0.66 -7.87 4.26
N ASP D 63 1.04 -7.18 5.34
CA ASP D 63 2.38 -6.66 5.52
C ASP D 63 3.31 -7.65 6.22
N ASP D 64 2.82 -8.85 6.54
CA ASP D 64 3.63 -9.86 7.21
C ASP D 64 4.84 -10.22 6.37
N LYS D 65 5.95 -10.60 7.04
CA LYS D 65 7.17 -10.90 6.31
C LYS D 65 7.05 -12.15 5.43
N ASN D 66 6.08 -13.02 5.69
CA ASN D 66 5.95 -14.26 4.93
C ASN D 66 4.66 -14.27 4.13
N ALA D 67 4.09 -13.11 3.85
CA ALA D 67 2.84 -13.05 3.10
C ALA D 67 3.02 -13.62 1.70
N ILE D 68 2.04 -14.39 1.26
CA ILE D 68 2.01 -14.85 -0.13
C ILE D 68 1.86 -13.66 -1.06
N THR D 69 0.93 -12.76 -0.73
CA THR D 69 0.74 -11.49 -1.43
C THR D 69 0.59 -10.37 -0.42
N ASP D 70 1.11 -9.19 -0.78
CA ASP D 70 0.94 -7.99 0.03
C ASP D 70 -0.08 -7.03 -0.58
N ASP D 71 -0.70 -7.41 -1.68
CA ASP D 71 -1.76 -6.64 -2.31
C ASP D 71 -3.04 -7.47 -2.29
N ALA D 72 -4.12 -6.88 -2.80
CA ALA D 72 -5.40 -7.56 -2.85
C ALA D 72 -5.35 -8.74 -3.81
N VAL D 73 -6.29 -9.65 -3.64
CA VAL D 73 -6.39 -10.85 -4.45
C VAL D 73 -7.68 -10.82 -5.24
N ASN D 74 -7.69 -11.52 -6.37
CA ASN D 74 -8.84 -11.59 -7.27
C ASN D 74 -9.72 -12.83 -7.03
N ASN D 75 -9.13 -13.96 -6.65
CA ASN D 75 -9.86 -15.20 -6.44
C ASN D 75 -9.93 -15.58 -4.97
N ILE D 76 -10.95 -16.38 -4.64
CA ILE D 76 -11.15 -16.97 -3.32
C ILE D 76 -11.74 -18.36 -3.49
N VAL D 77 -11.28 -19.32 -2.69
CA VAL D 77 -11.85 -20.66 -2.66
C VAL D 77 -12.63 -20.83 -1.37
N LEU D 78 -13.86 -21.34 -1.48
CA LEU D 78 -14.78 -21.46 -0.37
C LEU D 78 -15.28 -22.90 -0.25
N VAL D 79 -15.27 -23.42 0.98
CA VAL D 79 -15.69 -24.79 1.24
C VAL D 79 -16.44 -24.84 2.57
N GLY D 80 -17.44 -25.73 2.64
CA GLY D 80 -18.25 -25.88 3.83
C GLY D 80 -17.49 -26.30 5.08
N SER D 81 -17.73 -25.59 6.18
CA SER D 81 -16.95 -25.73 7.40
C SER D 81 -16.95 -27.13 8.01
N THR D 82 -17.85 -28.02 7.56
CA THR D 82 -17.80 -29.40 7.99
C THR D 82 -17.54 -30.38 6.86
N SER D 83 -17.88 -30.02 5.62
CA SER D 83 -17.79 -30.94 4.48
C SER D 83 -16.36 -31.00 3.97
N ILE D 84 -15.54 -31.78 4.69
CA ILE D 84 -14.15 -31.98 4.30
C ILE D 84 -14.03 -32.79 3.01
N VAL D 85 -14.89 -33.78 2.84
CA VAL D 85 -14.73 -34.71 1.72
C VAL D 85 -14.86 -33.98 0.39
N ASP D 86 -15.76 -32.99 0.31
CA ASP D 86 -15.95 -32.27 -0.94
C ASP D 86 -14.74 -31.39 -1.28
N GLY D 87 -14.42 -30.46 -0.38
CA GLY D 87 -13.34 -29.49 -0.50
C GLY D 87 -11.96 -30.03 -0.24
N LEU D 88 -11.83 -31.35 -0.15
CA LEU D 88 -10.56 -31.98 0.19
C LEU D 88 -9.48 -31.70 -0.84
N VAL D 89 -9.79 -31.86 -2.12
CA VAL D 89 -8.84 -31.61 -3.19
C VAL D 89 -8.62 -30.13 -3.46
N ALA D 90 -9.43 -29.24 -2.88
CA ALA D 90 -9.40 -27.83 -3.26
C ALA D 90 -8.09 -27.13 -2.95
N SER D 91 -7.25 -27.67 -2.06
CA SER D 91 -5.99 -27.02 -1.70
C SER D 91 -5.11 -26.70 -2.90
N PRO D 92 -4.81 -27.63 -3.82
CA PRO D 92 -4.11 -27.21 -5.07
C PRO D 92 -4.80 -26.07 -5.80
N LEU D 93 -6.13 -26.12 -5.90
CA LEU D 93 -6.87 -25.07 -6.60
C LEU D 93 -6.56 -23.69 -6.03
N ALA D 94 -6.64 -23.55 -4.70
CA ALA D 94 -6.34 -22.28 -4.06
C ALA D 94 -4.93 -21.81 -4.35
N SER D 95 -3.97 -22.75 -4.44
CA SER D 95 -2.59 -22.36 -4.67
C SER D 95 -2.39 -21.82 -6.08
N GLU D 96 -3.00 -22.48 -7.08
CA GLU D 96 -2.83 -22.03 -8.46
C GLU D 96 -3.62 -20.75 -8.73
N LYS D 97 -4.76 -20.55 -8.07
CA LYS D 97 -5.55 -19.33 -8.29
C LYS D 97 -5.11 -18.17 -7.43
N THR D 98 -4.04 -18.35 -6.64
CA THR D 98 -3.56 -17.33 -5.71
C THR D 98 -4.70 -16.85 -4.80
N ALA D 99 -5.42 -17.82 -4.24
CA ALA D 99 -6.62 -17.53 -3.48
C ALA D 99 -6.51 -18.06 -2.06
N PRO D 100 -7.04 -17.33 -1.07
CA PRO D 100 -7.17 -17.91 0.27
C PRO D 100 -8.27 -18.95 0.28
N LEU D 101 -8.12 -19.94 1.16
CA LEU D 101 -9.13 -20.97 1.34
C LEU D 101 -9.89 -20.65 2.63
N LEU D 102 -11.18 -20.34 2.50
CA LEU D 102 -12.02 -19.97 3.63
C LEU D 102 -13.14 -20.99 3.84
N LEU D 103 -13.67 -21.00 5.06
CA LEU D 103 -14.74 -21.92 5.47
C LEU D 103 -16.01 -21.14 5.80
N THR D 104 -17.16 -21.67 5.36
CA THR D 104 -18.45 -21.04 5.62
C THR D 104 -19.47 -22.08 6.07
N SER D 105 -20.51 -21.59 6.75
CA SER D 105 -21.62 -22.42 7.16
C SER D 105 -22.59 -22.63 5.99
N LYS D 106 -23.21 -23.81 5.95
CA LYS D 106 -23.94 -24.22 4.74
C LYS D 106 -25.16 -23.33 4.51
N ASP D 107 -25.92 -23.05 5.58
CA ASP D 107 -27.16 -22.28 5.47
C ASP D 107 -26.88 -20.82 5.14
N LYS D 108 -26.11 -20.12 5.97
CA LYS D 108 -25.97 -18.68 5.80
C LYS D 108 -24.50 -18.31 5.80
N LEU D 109 -24.13 -17.34 4.97
CA LEU D 109 -22.76 -16.85 4.89
C LEU D 109 -22.39 -16.11 6.18
N ASP D 110 -21.34 -16.54 6.85
CA ASP D 110 -21.06 -16.02 8.17
C ASP D 110 -20.69 -14.54 8.11
N SER D 111 -21.00 -13.83 9.21
CA SER D 111 -20.68 -12.40 9.27
C SER D 111 -19.18 -12.16 9.15
N SER D 112 -18.39 -12.95 9.88
CA SER D 112 -16.93 -12.79 9.90
C SER D 112 -16.31 -13.07 8.54
N VAL D 113 -16.70 -14.18 7.90
CA VAL D 113 -16.10 -14.49 6.60
C VAL D 113 -16.45 -13.42 5.57
N LYS D 114 -17.65 -12.83 5.66
CA LYS D 114 -18.07 -11.81 4.70
C LYS D 114 -17.16 -10.58 4.78
N SER D 115 -16.83 -10.15 6.00
CA SER D 115 -15.92 -9.02 6.19
C SER D 115 -14.52 -9.31 5.67
N GLU D 116 -14.05 -10.56 5.82
CA GLU D 116 -12.71 -10.91 5.37
C GLU D 116 -12.63 -10.97 3.85
N ILE D 117 -13.68 -11.48 3.21
CA ILE D 117 -13.75 -11.48 1.75
C ILE D 117 -13.59 -10.06 1.21
N LYS D 118 -14.17 -9.08 1.90
CA LYS D 118 -14.02 -7.68 1.49
C LYS D 118 -12.59 -7.20 1.73
N ARG D 119 -12.04 -7.51 2.91
CA ARG D 119 -10.69 -7.05 3.25
C ARG D 119 -9.66 -7.60 2.28
N VAL D 120 -9.75 -8.90 1.96
CA VAL D 120 -8.69 -9.53 1.17
C VAL D 120 -8.82 -9.19 -0.31
N MET D 121 -10.02 -8.91 -0.79
CA MET D 121 -10.16 -8.44 -2.16
C MET D 121 -10.13 -6.93 -2.28
N ASN D 122 -10.12 -6.22 -1.15
CA ASN D 122 -10.14 -4.76 -1.11
C ASN D 122 -11.35 -4.22 -1.90
N LEU D 123 -12.53 -4.56 -1.40
CA LEU D 123 -13.79 -4.15 -2.01
C LEU D 123 -14.28 -2.88 -1.33
N LYS D 124 -14.59 -1.85 -2.13
CA LYS D 124 -15.00 -0.56 -1.60
C LYS D 124 -16.15 0.02 -2.42
N SER D 125 -17.03 0.77 -1.74
CA SER D 125 -18.20 1.34 -2.40
C SER D 125 -17.80 2.34 -3.48
N ASP D 126 -16.64 2.95 -3.36
CA ASP D 126 -16.14 3.91 -4.33
C ASP D 126 -15.32 3.31 -5.46
N THR D 127 -15.16 1.98 -5.50
CA THR D 127 -14.39 1.35 -6.57
C THR D 127 -15.17 0.19 -7.17
N GLY D 128 -15.04 0.03 -8.49
CA GLY D 128 -15.84 -0.94 -9.22
C GLY D 128 -15.32 -2.36 -9.11
N ILE D 129 -16.21 -3.29 -8.80
CA ILE D 129 -15.91 -4.73 -8.77
C ILE D 129 -15.87 -5.22 -10.22
N ASN D 130 -14.67 -5.36 -10.78
CA ASN D 130 -14.58 -5.76 -12.17
C ASN D 130 -14.57 -7.29 -12.30
N THR D 131 -14.44 -7.76 -13.54
CA THR D 131 -14.68 -9.17 -13.85
C THR D 131 -13.63 -10.12 -13.28
N SER D 132 -12.47 -9.60 -12.86
CA SER D 132 -11.44 -10.47 -12.31
C SER D 132 -11.78 -11.03 -10.94
N LYS D 133 -12.76 -10.44 -10.23
CA LYS D 133 -13.04 -10.81 -8.84
C LYS D 133 -14.03 -11.98 -8.80
N LYS D 134 -13.50 -13.19 -8.60
CA LYS D 134 -14.31 -14.41 -8.67
C LYS D 134 -14.14 -15.21 -7.38
N VAL D 135 -15.18 -15.99 -7.06
CA VAL D 135 -15.20 -16.85 -5.88
C VAL D 135 -15.53 -18.27 -6.34
N TYR D 136 -14.68 -19.22 -5.95
CA TYR D 136 -14.89 -20.64 -6.23
C TYR D 136 -15.59 -21.33 -5.06
N LEU D 137 -16.61 -22.12 -5.37
CA LEU D 137 -17.34 -22.93 -4.39
C LEU D 137 -17.06 -24.39 -4.65
N ALA D 138 -16.25 -25.01 -3.79
CA ALA D 138 -15.90 -26.43 -3.89
C ALA D 138 -16.96 -27.25 -3.18
N GLY D 139 -17.84 -27.89 -3.95
CA GLY D 139 -18.85 -28.74 -3.37
C GLY D 139 -20.25 -28.48 -3.91
N GLY D 140 -21.15 -29.44 -3.72
CA GLY D 140 -22.52 -29.28 -4.16
C GLY D 140 -23.36 -28.49 -3.18
N VAL D 141 -24.65 -28.38 -3.52
CA VAL D 141 -25.62 -27.70 -2.66
C VAL D 141 -25.69 -28.30 -1.28
N ASN D 142 -25.26 -29.57 -1.12
CA ASN D 142 -25.25 -30.20 0.19
C ASN D 142 -24.34 -29.46 1.15
N SER D 143 -23.15 -29.07 0.70
CA SER D 143 -22.11 -28.50 1.52
C SER D 143 -22.21 -26.97 1.60
N ILE D 144 -22.37 -26.32 0.45
CA ILE D 144 -22.51 -24.87 0.36
C ILE D 144 -23.83 -24.61 -0.34
N SER D 145 -24.81 -24.08 0.40
CA SER D 145 -26.17 -24.04 -0.10
C SER D 145 -26.31 -23.09 -1.29
N LYS D 146 -27.46 -23.17 -1.95
CA LYS D 146 -27.77 -22.21 -3.01
C LYS D 146 -28.03 -20.83 -2.44
N ASP D 147 -28.46 -20.75 -1.18
CA ASP D 147 -28.70 -19.46 -0.54
C ASP D 147 -27.42 -18.65 -0.44
N VAL D 148 -26.38 -19.22 0.16
CA VAL D 148 -25.11 -18.52 0.31
C VAL D 148 -24.52 -18.16 -1.05
N GLU D 149 -24.69 -19.05 -2.04
CA GLU D 149 -24.20 -18.75 -3.38
C GLU D 149 -24.80 -17.45 -3.92
N ASN D 150 -26.12 -17.27 -3.74
CA ASN D 150 -26.76 -16.06 -4.23
C ASN D 150 -26.41 -14.84 -3.38
N GLU D 151 -26.20 -15.03 -2.07
CA GLU D 151 -25.75 -13.92 -1.24
C GLU D 151 -24.43 -13.37 -1.75
N LEU D 152 -23.57 -14.23 -2.28
CA LEU D 152 -22.31 -13.78 -2.87
C LEU D 152 -22.55 -13.06 -4.19
N LYS D 153 -23.42 -13.63 -5.04
CA LYS D 153 -23.73 -13.01 -6.33
C LYS D 153 -24.30 -11.60 -6.15
N ASN D 154 -25.19 -11.41 -5.17
CA ASN D 154 -25.83 -10.12 -4.97
C ASN D 154 -24.87 -9.07 -4.44
N MET D 155 -23.72 -9.47 -3.91
CA MET D 155 -22.69 -8.49 -3.59
C MET D 155 -22.07 -7.90 -4.85
N GLY D 156 -22.13 -8.63 -5.96
CA GLY D 156 -21.55 -8.20 -7.22
C GLY D 156 -20.34 -9.01 -7.62
N LEU D 157 -20.32 -10.28 -7.26
CA LEU D 157 -19.18 -11.14 -7.49
C LEU D 157 -19.54 -12.30 -8.41
N LYS D 158 -18.52 -12.86 -9.05
CA LYS D 158 -18.66 -14.00 -9.94
C LYS D 158 -18.45 -15.25 -9.10
N VAL D 159 -19.33 -16.23 -9.25
CA VAL D 159 -19.30 -17.43 -8.40
C VAL D 159 -19.36 -18.68 -9.28
N THR D 160 -18.20 -19.28 -9.55
CA THR D 160 -18.09 -20.58 -10.20
C THR D 160 -18.15 -21.70 -9.17
N ARG D 161 -18.91 -22.75 -9.48
CA ARG D 161 -19.12 -23.89 -8.59
C ARG D 161 -18.61 -25.17 -9.23
N LEU D 162 -17.72 -25.86 -8.54
CA LEU D 162 -17.20 -27.15 -9.00
C LEU D 162 -17.85 -28.24 -8.14
N SER D 163 -18.60 -29.16 -8.76
CA SER D 163 -19.29 -30.14 -7.94
C SER D 163 -19.81 -31.28 -8.82
N GLY D 164 -20.39 -32.24 -8.14
CA GLY D 164 -21.09 -33.34 -8.77
C GLY D 164 -22.07 -33.86 -7.81
N GLU D 165 -22.46 -35.10 -8.04
CA GLU D 165 -23.39 -35.79 -7.11
C GLU D 165 -22.72 -36.48 -5.92
N ASP D 166 -21.42 -36.51 -5.86
CA ASP D 166 -20.69 -37.23 -4.82
C ASP D 166 -19.24 -36.78 -4.80
N ARG D 167 -18.53 -37.28 -3.77
CA ARG D 167 -17.16 -36.84 -3.48
C ARG D 167 -16.20 -37.23 -4.60
N TYR D 168 -16.52 -38.32 -5.32
CA TYR D 168 -15.58 -38.85 -6.29
C TYR D 168 -15.48 -37.96 -7.50
N GLU D 169 -16.61 -37.38 -7.91
CA GLU D 169 -16.62 -36.61 -9.12
C GLU D 169 -16.64 -35.10 -8.86
N THR D 170 -17.05 -34.67 -7.67
CA THR D 170 -16.74 -33.32 -7.24
C THR D 170 -15.23 -33.09 -7.33
N SER D 171 -14.46 -34.07 -6.85
CA SER D 171 -13.00 -33.99 -6.97
C SER D 171 -12.55 -33.90 -8.43
N LEU D 172 -13.21 -34.66 -9.32
CA LEU D 172 -12.92 -34.49 -10.75
C LEU D 172 -13.24 -33.07 -11.21
N ALA D 173 -14.36 -32.51 -10.76
CA ALA D 173 -14.71 -31.15 -11.13
C ALA D 173 -13.60 -30.18 -10.74
N ILE D 174 -13.10 -30.28 -9.51
CA ILE D 174 -12.00 -29.43 -9.06
C ILE D 174 -10.73 -29.73 -9.86
N ALA D 175 -10.38 -31.02 -9.99
CA ALA D 175 -9.15 -31.39 -10.67
C ALA D 175 -9.15 -30.94 -12.13
N ASP D 176 -10.32 -30.92 -12.77
CA ASP D 176 -10.40 -30.46 -14.16
C ASP D 176 -10.14 -28.97 -14.26
N GLU D 177 -10.57 -28.21 -13.25
CA GLU D 177 -10.26 -26.78 -13.19
C GLU D 177 -8.77 -26.55 -12.98
N ILE D 178 -8.15 -27.31 -12.07
CA ILE D 178 -6.71 -27.19 -11.83
C ILE D 178 -5.93 -27.43 -13.12
N GLY D 179 -6.21 -28.53 -13.80
CA GLY D 179 -5.46 -28.83 -15.01
C GLY D 179 -4.35 -29.83 -14.83
N LEU D 180 -4.54 -31.03 -15.37
CA LEU D 180 -3.49 -32.06 -15.45
C LEU D 180 -2.60 -31.72 -16.63
N ASP D 181 -1.76 -30.70 -16.42
CA ASP D 181 -0.98 -30.07 -17.47
C ASP D 181 0.50 -30.40 -17.42
N ASN D 182 0.92 -31.40 -16.64
CA ASN D 182 2.32 -31.78 -16.57
C ASN D 182 2.48 -33.29 -16.36
N ASP D 183 1.48 -34.06 -16.80
CA ASP D 183 1.54 -35.52 -16.90
C ASP D 183 1.87 -36.17 -15.56
N LYS D 184 1.47 -35.54 -14.45
CA LYS D 184 1.54 -36.13 -13.13
C LYS D 184 0.22 -35.94 -12.38
N ALA D 185 -0.12 -36.88 -11.49
CA ALA D 185 -1.35 -36.74 -10.68
C ALA D 185 -1.27 -37.63 -9.44
N PHE D 186 -1.84 -37.13 -8.33
CA PHE D 186 -1.96 -37.89 -7.10
C PHE D 186 -3.36 -38.48 -6.95
N VAL D 187 -3.43 -39.67 -6.35
CA VAL D 187 -4.67 -40.39 -6.15
C VAL D 187 -4.80 -40.74 -4.68
N VAL D 188 -6.03 -40.65 -4.15
CA VAL D 188 -6.34 -41.05 -2.79
C VAL D 188 -7.73 -41.68 -2.79
N GLY D 189 -8.03 -42.41 -1.71
CA GLY D 189 -9.34 -42.99 -1.53
C GLY D 189 -10.28 -42.11 -0.72
N GLY D 190 -11.57 -42.43 -0.82
CA GLY D 190 -12.62 -41.73 -0.09
C GLY D 190 -12.52 -41.83 1.42
N THR D 191 -11.80 -42.83 1.93
CA THR D 191 -11.63 -43.01 3.38
C THR D 191 -10.33 -42.44 3.91
N GLY D 192 -9.28 -42.42 3.09
CA GLY D 192 -7.98 -41.94 3.49
C GLY D 192 -7.85 -40.43 3.41
N LEU D 193 -8.46 -39.71 4.36
CA LEU D 193 -8.42 -38.26 4.33
C LEU D 193 -7.11 -37.71 4.85
N ALA D 194 -6.63 -38.24 5.99
CA ALA D 194 -5.34 -37.84 6.51
C ALA D 194 -4.20 -38.28 5.60
N ASP D 195 -4.43 -39.31 4.78
CA ASP D 195 -3.48 -39.65 3.73
C ASP D 195 -3.38 -38.51 2.73
N ALA D 196 -4.53 -37.99 2.30
CA ALA D 196 -4.55 -36.92 1.30
C ALA D 196 -4.05 -35.59 1.87
N MET D 197 -4.39 -35.28 3.12
CA MET D 197 -3.91 -34.03 3.70
C MET D 197 -2.39 -33.98 3.74
N SER D 198 -1.72 -35.12 3.85
CA SER D 198 -0.27 -35.13 3.85
C SER D 198 0.28 -34.72 2.49
N ILE D 199 -0.44 -35.03 1.41
CA ILE D 199 -0.02 -34.66 0.06
C ILE D 199 -0.60 -33.31 -0.37
N ALA D 200 -1.52 -32.75 0.40
CA ALA D 200 -2.05 -31.43 0.04
C ALA D 200 -0.97 -30.37 -0.09
N PRO D 201 0.01 -30.23 0.81
CA PRO D 201 1.05 -29.21 0.62
C PRO D 201 2.01 -29.53 -0.50
N VAL D 202 2.00 -30.76 -1.00
CA VAL D 202 2.88 -31.12 -2.12
C VAL D 202 2.22 -30.77 -3.44
N ALA D 203 0.97 -31.21 -3.62
CA ALA D 203 0.21 -30.87 -4.81
C ALA D 203 0.07 -29.34 -4.96
N SER D 204 0.12 -28.62 -3.84
CA SER D 204 0.07 -27.16 -3.86
C SER D 204 1.37 -26.51 -4.29
N GLN D 205 2.47 -27.26 -4.39
CA GLN D 205 3.71 -26.69 -4.90
C GLN D 205 3.55 -26.43 -6.39
N LEU D 206 4.02 -25.25 -6.83
CA LEU D 206 3.77 -24.78 -8.19
C LEU D 206 5.03 -24.87 -9.04
N LYS D 207 4.85 -25.31 -10.30
CA LYS D 207 5.91 -25.30 -11.31
C LYS D 207 5.38 -24.54 -12.51
N ASP D 208 5.96 -23.37 -12.78
CA ASP D 208 5.42 -22.42 -13.77
C ASP D 208 3.96 -22.07 -13.47
N GLY D 209 3.68 -21.87 -12.18
CA GLY D 209 2.33 -21.53 -11.75
C GLY D 209 1.30 -22.59 -11.99
N ASP D 210 1.72 -23.86 -12.06
CA ASP D 210 0.82 -24.99 -12.26
C ASP D 210 0.84 -25.87 -11.03
N ALA D 211 -0.35 -26.21 -10.52
CA ALA D 211 -0.52 -27.11 -9.39
C ALA D 211 -0.72 -28.55 -9.87
N THR D 212 -0.50 -29.49 -8.97
CA THR D 212 -0.72 -30.90 -9.29
C THR D 212 -2.10 -31.32 -8.82
N PRO D 213 -2.97 -31.80 -9.70
CA PRO D 213 -4.31 -32.20 -9.26
C PRO D 213 -4.29 -33.46 -8.40
N ILE D 214 -5.35 -33.60 -7.59
CA ILE D 214 -5.60 -34.79 -6.78
C ILE D 214 -6.95 -35.35 -7.20
N VAL D 215 -7.07 -36.68 -7.24
CA VAL D 215 -8.34 -37.32 -7.57
C VAL D 215 -8.70 -38.28 -6.45
N VAL D 216 -9.98 -38.32 -6.11
CA VAL D 216 -10.49 -39.22 -5.08
C VAL D 216 -11.22 -40.37 -5.77
N VAL D 217 -10.67 -41.58 -5.67
CA VAL D 217 -11.29 -42.77 -6.21
C VAL D 217 -11.99 -43.56 -5.12
N ASP D 218 -12.76 -44.57 -5.53
CA ASP D 218 -13.38 -45.54 -4.63
C ASP D 218 -12.43 -46.71 -4.49
N GLY D 219 -11.62 -46.70 -3.43
CA GLY D 219 -10.64 -47.76 -3.23
C GLY D 219 -11.23 -49.16 -3.18
N LYS D 220 -12.45 -49.29 -2.69
CA LYS D 220 -13.03 -50.61 -2.44
C LYS D 220 -13.73 -51.23 -3.64
N ALA D 221 -13.77 -50.54 -4.78
CA ALA D 221 -14.34 -51.11 -6.01
C ALA D 221 -13.30 -52.01 -6.68
N LYS D 222 -13.53 -52.41 -7.94
CA LYS D 222 -12.66 -53.32 -8.67
C LYS D 222 -11.99 -52.68 -9.88
N GLU D 223 -12.55 -51.58 -10.34
CA GLU D 223 -12.12 -50.61 -11.35
C GLU D 223 -12.55 -49.20 -11.00
N ILE D 224 -11.87 -48.24 -11.65
CA ILE D 224 -12.11 -46.81 -11.44
C ILE D 224 -13.18 -46.30 -12.39
N SER D 225 -13.77 -45.17 -12.02
CA SER D 225 -14.76 -44.49 -12.84
C SER D 225 -14.22 -44.27 -14.26
N ASP D 226 -15.14 -44.32 -15.23
CA ASP D 226 -14.75 -44.07 -16.61
C ASP D 226 -14.30 -42.62 -16.81
N ASP D 227 -14.95 -41.66 -16.14
CA ASP D 227 -14.47 -40.28 -16.22
C ASP D 227 -13.05 -40.16 -15.70
N ALA D 228 -12.75 -40.82 -14.57
CA ALA D 228 -11.40 -40.80 -14.02
C ALA D 228 -10.39 -41.39 -14.99
N LYS D 229 -10.82 -42.38 -15.79
CA LYS D 229 -9.94 -42.95 -16.80
C LYS D 229 -9.61 -41.91 -17.87
N SER D 230 -10.64 -41.21 -18.40
CA SER D 230 -10.42 -40.18 -19.40
C SER D 230 -9.58 -39.04 -18.86
N PHE D 231 -9.91 -38.57 -17.65
CA PHE D 231 -9.18 -37.48 -17.04
C PHE D 231 -7.68 -37.78 -16.94
N LEU D 232 -7.31 -39.04 -16.78
CA LEU D 232 -5.91 -39.37 -16.50
C LEU D 232 -5.07 -39.52 -17.76
N GLY D 233 -5.46 -40.39 -18.70
CA GLY D 233 -4.66 -40.54 -19.91
C GLY D 233 -3.43 -41.38 -19.67
N THR D 234 -2.35 -41.02 -20.36
CA THR D 234 -1.05 -41.64 -20.15
C THR D 234 -0.26 -40.81 -19.14
N SER D 235 -0.83 -40.81 -17.93
CA SER D 235 -0.45 -40.05 -16.74
C SER D 235 0.46 -40.88 -15.83
N ASP D 236 1.41 -40.19 -15.24
CA ASP D 236 2.14 -40.73 -14.09
C ASP D 236 1.31 -40.54 -12.82
N VAL D 237 1.07 -41.62 -12.09
CA VAL D 237 0.24 -41.58 -10.89
C VAL D 237 1.02 -42.02 -9.66
N ASP D 238 0.83 -41.30 -8.56
CA ASP D 238 1.29 -41.66 -7.23
C ASP D 238 0.06 -41.84 -6.34
N ILE D 239 -0.09 -43.02 -5.76
CA ILE D 239 -1.18 -43.27 -4.80
C ILE D 239 -0.64 -43.01 -3.41
N ILE D 240 -1.35 -42.19 -2.65
CA ILE D 240 -0.99 -41.90 -1.27
C ILE D 240 -2.00 -42.60 -0.37
N GLY D 241 -1.48 -43.44 0.52
CA GLY D 241 -2.31 -44.24 1.40
C GLY D 241 -2.05 -45.72 1.26
N GLY D 242 -2.64 -46.48 2.17
CA GLY D 242 -2.47 -47.91 2.21
C GLY D 242 -3.49 -48.67 1.39
N LYS D 243 -3.52 -49.98 1.60
CA LYS D 243 -4.44 -50.84 0.85
C LYS D 243 -5.85 -50.73 1.41
N ASN D 244 -5.98 -50.36 2.69
CA ASN D 244 -7.28 -50.05 3.27
C ASN D 244 -7.92 -48.84 2.61
N SER D 245 -7.11 -47.91 2.13
CA SER D 245 -7.60 -46.71 1.47
C SER D 245 -7.73 -46.89 -0.04
N VAL D 246 -6.72 -47.48 -0.68
CA VAL D 246 -6.74 -47.74 -2.11
C VAL D 246 -6.26 -49.17 -2.36
N SER D 247 -7.16 -50.01 -2.86
CA SER D 247 -6.87 -51.42 -3.09
C SER D 247 -5.83 -51.59 -4.19
N LYS D 248 -5.18 -52.76 -4.15
CA LYS D 248 -4.25 -53.12 -5.21
C LYS D 248 -4.94 -53.63 -6.47
N GLU D 249 -6.21 -54.01 -6.37
CA GLU D 249 -6.99 -54.26 -7.57
C GLU D 249 -7.01 -53.01 -8.41
N ILE D 250 -7.33 -51.88 -7.78
CA ILE D 250 -7.39 -50.59 -8.44
C ILE D 250 -6.01 -50.04 -8.80
N GLU D 251 -4.96 -50.46 -8.10
CA GLU D 251 -3.63 -50.13 -8.59
C GLU D 251 -3.41 -50.71 -9.98
N GLU D 252 -3.87 -51.94 -10.21
CA GLU D 252 -3.79 -52.52 -11.54
C GLU D 252 -4.75 -51.84 -12.49
N SER D 253 -5.90 -51.37 -11.98
CA SER D 253 -6.83 -50.60 -12.81
C SER D 253 -6.19 -49.33 -13.33
N ILE D 254 -5.45 -48.63 -12.47
CA ILE D 254 -4.72 -47.45 -12.89
C ILE D 254 -3.57 -47.85 -13.82
N ASP D 255 -2.91 -48.95 -13.52
CA ASP D 255 -1.86 -49.45 -14.40
C ASP D 255 -2.40 -49.73 -15.80
N SER D 256 -3.61 -50.26 -15.88
CA SER D 256 -4.19 -50.66 -17.16
C SER D 256 -4.75 -49.46 -17.93
N ALA D 257 -5.44 -48.56 -17.22
CA ALA D 257 -6.02 -47.39 -17.87
C ALA D 257 -4.95 -46.51 -18.49
N THR D 258 -3.80 -46.40 -17.83
CA THR D 258 -2.65 -45.70 -18.36
C THR D 258 -1.73 -46.74 -19.00
N GLY D 259 -0.48 -46.38 -19.24
CA GLY D 259 0.45 -47.36 -19.77
C GLY D 259 1.55 -47.60 -18.76
N LYS D 260 1.42 -46.92 -17.62
CA LYS D 260 2.46 -46.80 -16.62
C LYS D 260 2.07 -47.49 -15.32
N THR D 261 3.05 -48.13 -14.69
CA THR D 261 2.84 -48.76 -13.39
C THR D 261 3.00 -47.70 -12.29
N PRO D 262 1.96 -47.39 -11.55
CA PRO D 262 2.01 -46.26 -10.61
C PRO D 262 2.80 -46.57 -9.35
N ASP D 263 3.23 -45.50 -8.67
CA ASP D 263 3.96 -45.57 -7.41
C ASP D 263 3.00 -45.48 -6.23
N ARG D 264 3.43 -46.02 -5.10
CA ARG D 264 2.64 -45.96 -3.87
C ARG D 264 3.52 -45.45 -2.73
N ILE D 265 3.00 -44.48 -1.99
CA ILE D 265 3.63 -43.93 -0.80
C ILE D 265 2.70 -44.27 0.34
N SER D 266 3.13 -45.16 1.24
CA SER D 266 2.17 -45.73 2.17
C SER D 266 2.82 -46.08 3.50
N GLY D 267 1.97 -46.20 4.51
CA GLY D 267 2.35 -46.59 5.84
C GLY D 267 1.17 -47.20 6.57
N ASP D 268 1.47 -47.60 7.80
CA ASP D 268 0.50 -48.20 8.71
C ASP D 268 -0.48 -47.21 9.30
N ASP D 269 0.04 -46.14 9.86
CA ASP D 269 -0.77 -45.10 10.47
C ASP D 269 -0.88 -43.92 9.51
N ARG D 270 -1.81 -43.01 9.82
CA ARG D 270 -1.84 -41.75 9.10
C ARG D 270 -0.59 -40.93 9.38
N GLN D 271 -0.03 -41.06 10.59
CA GLN D 271 1.24 -40.42 10.90
C GLN D 271 2.41 -41.10 10.19
N ALA D 272 2.25 -42.39 9.85
CA ALA D 272 3.30 -43.10 9.13
C ALA D 272 3.38 -42.65 7.68
N THR D 273 2.24 -42.55 7.00
CA THR D 273 2.22 -42.05 5.63
C THR D 273 2.64 -40.58 5.59
N ASN D 274 2.25 -39.83 6.61
CA ASN D 274 2.74 -38.47 6.77
C ASN D 274 4.25 -38.45 6.75
N ALA D 275 4.87 -39.25 7.61
CA ALA D 275 6.33 -39.31 7.64
C ALA D 275 6.91 -39.78 6.32
N GLU D 276 6.20 -40.68 5.62
CA GLU D 276 6.70 -41.17 4.33
C GLU D 276 6.64 -40.08 3.26
N VAL D 277 5.59 -39.23 3.27
CA VAL D 277 5.52 -38.13 2.31
C VAL D 277 6.74 -37.22 2.44
N LEU D 278 7.11 -36.88 3.68
CA LEU D 278 8.26 -36.01 3.91
C LEU D 278 9.54 -36.60 3.34
N LYS D 279 9.86 -37.85 3.67
CA LYS D 279 11.14 -38.42 3.26
C LYS D 279 11.20 -38.83 1.79
N GLU D 280 10.12 -38.68 1.03
CA GLU D 280 10.17 -38.90 -0.42
C GLU D 280 10.92 -37.77 -1.13
N ASP D 281 11.85 -38.15 -2.02
CA ASP D 281 12.77 -37.20 -2.66
C ASP D 281 12.07 -36.27 -3.62
N ASP D 282 11.13 -36.79 -4.40
CA ASP D 282 10.43 -35.97 -5.38
C ASP D 282 9.61 -34.89 -4.71
N TYR D 283 9.25 -35.07 -3.44
CA TYR D 283 8.44 -34.10 -2.71
C TYR D 283 9.34 -33.12 -1.96
N PHE D 284 10.41 -33.60 -1.32
CA PHE D 284 11.28 -32.75 -0.51
C PHE D 284 12.75 -33.19 -0.56
N LYS D 285 13.63 -32.21 -0.84
CA LYS D 285 15.07 -32.48 -0.94
C LYS D 285 15.54 -32.98 0.42
N ASP D 286 16.44 -33.99 0.43
CA ASP D 286 17.09 -34.36 1.69
C ASP D 286 17.94 -33.22 2.24
N GLY D 287 17.75 -32.93 3.53
CA GLY D 287 18.53 -31.94 4.23
C GLY D 287 18.30 -30.48 3.86
N GLU D 288 17.18 -30.13 3.21
CA GLU D 288 16.99 -28.74 2.80
C GLU D 288 15.62 -28.17 3.17
N VAL D 289 14.94 -28.76 4.14
CA VAL D 289 13.60 -28.34 4.54
C VAL D 289 13.73 -27.50 5.80
N VAL D 290 13.50 -26.19 5.66
CA VAL D 290 13.65 -25.26 6.78
C VAL D 290 12.32 -24.74 7.32
N ASN D 291 11.23 -24.82 6.57
CA ASN D 291 9.93 -24.30 6.99
C ASN D 291 8.98 -25.46 7.27
N TYR D 292 8.31 -25.43 8.42
CA TYR D 292 7.44 -26.52 8.83
C TYR D 292 6.09 -26.02 9.33
N PHE D 293 5.04 -26.77 9.01
CA PHE D 293 3.69 -26.55 9.51
C PHE D 293 3.25 -27.75 10.35
N VAL D 294 2.50 -27.47 11.42
CA VAL D 294 1.98 -28.50 12.32
C VAL D 294 0.48 -28.29 12.47
N ALA D 295 -0.28 -29.37 12.29
CA ALA D 295 -1.73 -29.31 12.40
C ALA D 295 -2.25 -30.62 12.98
N LYS D 296 -3.42 -30.55 13.62
CA LYS D 296 -4.03 -31.71 14.26
C LYS D 296 -4.35 -32.81 13.25
N ASP D 297 -4.17 -34.05 13.69
CA ASP D 297 -4.57 -35.22 12.91
C ASP D 297 -6.01 -35.60 13.28
N GLY D 298 -6.68 -36.26 12.33
CA GLY D 298 -8.08 -36.60 12.54
C GLY D 298 -8.33 -37.91 13.26
N SER D 299 -7.37 -38.37 14.06
CA SER D 299 -7.56 -39.61 14.79
C SER D 299 -8.71 -39.50 15.78
N THR D 300 -8.73 -38.43 16.57
CA THR D 300 -9.79 -38.26 17.57
C THR D 300 -11.11 -37.81 16.96
N LYS D 301 -11.08 -37.13 15.81
CA LYS D 301 -12.28 -36.69 15.12
C LYS D 301 -11.94 -36.26 13.70
N GLU D 302 -12.49 -36.96 12.70
CA GLU D 302 -12.06 -36.75 11.32
C GLU D 302 -12.34 -35.34 10.79
N ASP D 303 -13.24 -34.59 11.42
CA ASP D 303 -13.60 -33.28 10.87
C ASP D 303 -12.62 -32.18 11.24
N GLN D 304 -11.68 -32.43 12.14
CA GLN D 304 -10.73 -31.41 12.56
C GLN D 304 -9.50 -31.36 11.67
N LEU D 305 -9.48 -32.11 10.58
CA LEU D 305 -8.48 -31.94 9.54
C LEU D 305 -8.72 -30.68 8.70
N VAL D 306 -9.83 -29.97 8.92
CA VAL D 306 -10.15 -28.77 8.15
C VAL D 306 -9.09 -27.69 8.33
N ASP D 307 -8.47 -27.61 9.51
CA ASP D 307 -7.45 -26.59 9.74
C ASP D 307 -6.25 -26.82 8.84
N ALA D 308 -5.90 -28.08 8.60
CA ALA D 308 -4.83 -28.40 7.66
C ALA D 308 -5.24 -28.18 6.21
N LEU D 309 -6.54 -28.19 5.92
CA LEU D 309 -7.01 -27.89 4.57
C LEU D 309 -6.64 -26.46 4.16
N ALA D 310 -6.92 -25.50 5.05
CA ALA D 310 -6.67 -24.10 4.73
C ALA D 310 -5.18 -23.76 4.75
N ALA D 311 -4.38 -24.49 5.53
CA ALA D 311 -2.96 -24.16 5.61
C ALA D 311 -2.15 -24.80 4.49
N ALA D 312 -2.71 -25.82 3.84
CA ALA D 312 -1.98 -26.54 2.80
C ALA D 312 -1.55 -25.66 1.63
N PRO D 313 -2.38 -24.76 1.09
CA PRO D 313 -1.88 -23.93 -0.02
C PRO D 313 -0.85 -22.92 0.42
N ILE D 314 -0.91 -22.40 1.65
CA ILE D 314 0.12 -21.47 2.11
C ILE D 314 1.45 -22.17 2.27
N ALA D 315 1.46 -23.34 2.92
CA ALA D 315 2.66 -24.17 2.97
C ALA D 315 2.90 -24.78 1.60
N GLY D 316 4.08 -24.56 1.03
CA GLY D 316 4.35 -25.06 -0.31
C GLY D 316 4.35 -23.98 -1.38
N ARG D 317 3.77 -22.82 -1.06
CA ARG D 317 4.09 -21.54 -1.70
C ARG D 317 4.84 -20.70 -0.70
N PHE D 318 5.13 -21.26 0.47
CA PHE D 318 5.75 -20.53 1.56
C PHE D 318 7.10 -19.98 1.14
N LYS D 319 7.27 -18.69 1.37
CA LYS D 319 8.47 -17.91 1.11
C LYS D 319 9.38 -18.47 0.03
N GLU D 320 10.45 -19.14 0.45
CA GLU D 320 11.54 -19.53 -0.42
C GLU D 320 11.70 -21.03 -0.64
N SER D 321 11.46 -21.84 0.38
CA SER D 321 11.41 -23.30 0.22
C SER D 321 10.11 -23.82 0.73
N PRO D 322 9.40 -24.68 -0.02
CA PRO D 322 8.11 -25.23 0.42
C PRO D 322 8.12 -25.92 1.79
N ALA D 323 6.94 -26.11 2.36
CA ALA D 323 6.78 -26.66 3.70
C ALA D 323 5.86 -27.87 3.70
N PRO D 324 6.20 -28.90 4.49
CA PRO D 324 5.24 -29.97 4.75
C PRO D 324 4.33 -29.59 5.91
N ILE D 325 3.29 -30.39 6.12
CA ILE D 325 2.49 -30.33 7.32
C ILE D 325 2.78 -31.58 8.15
N ILE D 326 3.12 -31.37 9.42
CA ILE D 326 3.32 -32.47 10.35
C ILE D 326 2.01 -32.70 11.08
N LEU D 327 1.33 -33.81 10.78
CA LEU D 327 0.05 -34.11 11.40
C LEU D 327 0.28 -34.75 12.76
N ALA D 328 -0.09 -34.04 13.82
CA ALA D 328 0.10 -34.55 15.18
C ALA D 328 -0.73 -33.76 16.18
N THR D 329 -1.77 -34.39 16.74
CA THR D 329 -2.60 -33.73 17.74
C THR D 329 -2.00 -33.87 19.14
N ASP D 330 -1.86 -35.11 19.62
CA ASP D 330 -1.42 -35.39 20.98
C ASP D 330 0.07 -35.65 21.09
N THR D 331 0.67 -36.36 20.14
CA THR D 331 2.09 -36.66 20.21
C THR D 331 2.65 -36.84 18.81
N LEU D 332 3.98 -36.82 18.72
CA LEU D 332 4.70 -37.03 17.47
C LEU D 332 5.15 -38.48 17.38
N SER D 333 4.88 -39.14 16.25
CA SER D 333 5.31 -40.51 16.08
C SER D 333 6.81 -40.58 15.80
N SER D 334 7.39 -41.73 16.12
CA SER D 334 8.82 -41.94 15.93
C SER D 334 9.22 -41.77 14.48
N ASP D 335 8.35 -42.19 13.55
CA ASP D 335 8.61 -42.02 12.13
C ASP D 335 8.76 -40.55 11.78
N GLN D 336 7.83 -39.72 12.25
CA GLN D 336 7.91 -38.28 12.04
C GLN D 336 9.16 -37.70 12.69
N ASN D 337 9.46 -38.14 13.92
CA ASN D 337 10.65 -37.68 14.63
C ASN D 337 11.91 -37.86 13.80
N VAL D 338 12.11 -39.05 13.24
CA VAL D 338 13.33 -39.32 12.49
C VAL D 338 13.29 -38.64 11.13
N ALA D 339 12.10 -38.57 10.52
CA ALA D 339 11.95 -37.92 9.21
C ALA D 339 12.31 -36.44 9.27
N VAL D 340 11.79 -35.73 10.28
CA VAL D 340 12.13 -34.31 10.44
C VAL D 340 13.64 -34.14 10.64
N SER D 341 14.22 -34.95 11.54
CA SER D 341 15.64 -34.84 11.86
C SER D 341 16.50 -35.06 10.63
N LYS D 342 16.01 -35.80 9.64
CA LYS D 342 16.73 -35.93 8.38
C LYS D 342 16.43 -34.78 7.43
N ALA D 343 15.21 -34.24 7.44
CA ALA D 343 14.84 -33.19 6.50
C ALA D 343 15.60 -31.90 6.78
N VAL D 344 15.82 -31.57 8.04
CA VAL D 344 16.38 -30.28 8.41
C VAL D 344 17.84 -30.21 7.98
N PRO D 345 18.34 -29.06 7.53
CA PRO D 345 19.79 -28.91 7.31
C PRO D 345 20.54 -28.84 8.64
N LYS D 346 21.88 -28.93 8.55
CA LYS D 346 22.72 -28.87 9.74
C LYS D 346 22.43 -27.63 10.60
N ASP D 347 22.18 -26.48 9.95
CA ASP D 347 22.06 -25.24 10.72
C ASP D 347 20.81 -25.25 11.59
N GLY D 348 19.71 -25.78 11.08
CA GLY D 348 18.44 -25.86 11.78
C GLY D 348 17.33 -25.33 10.91
N GLY D 349 16.13 -25.24 11.50
CA GLY D 349 14.99 -24.72 10.79
C GLY D 349 14.84 -23.21 10.94
N THR D 350 14.08 -22.61 10.02
CA THR D 350 13.86 -21.17 10.05
C THR D 350 12.43 -20.74 10.34
N ASN D 351 11.43 -21.62 10.16
CA ASN D 351 10.05 -21.22 10.36
C ASN D 351 9.22 -22.40 10.86
N LEU D 352 8.44 -22.17 11.91
CA LEU D 352 7.51 -23.15 12.47
C LEU D 352 6.15 -22.49 12.71
N VAL D 353 5.11 -23.04 12.09
CA VAL D 353 3.75 -22.48 12.17
C VAL D 353 2.81 -23.53 12.76
N GLN D 354 2.28 -23.25 13.95
CA GLN D 354 1.24 -24.06 14.58
C GLN D 354 -0.14 -23.53 14.17
N VAL D 355 -0.96 -24.40 13.57
CA VAL D 355 -2.27 -24.05 13.02
C VAL D 355 -3.36 -24.64 13.89
N GLY D 356 -4.20 -23.77 14.45
CA GLY D 356 -5.33 -24.25 15.22
C GLY D 356 -4.98 -24.49 16.67
N LYS D 357 -6.02 -24.71 17.45
CA LYS D 357 -5.69 -24.94 18.83
C LYS D 357 -6.09 -26.38 19.17
N GLY D 358 -5.60 -26.89 20.29
CA GLY D 358 -5.80 -28.29 20.60
C GLY D 358 -4.62 -29.18 20.28
N ILE D 359 -3.48 -28.58 19.97
CA ILE D 359 -2.23 -29.28 19.74
C ILE D 359 -1.44 -29.23 21.04
N ALA D 360 -0.97 -30.39 21.48
CA ALA D 360 -0.32 -30.50 22.79
C ALA D 360 1.00 -29.76 22.82
N SER D 361 1.29 -29.12 23.96
CA SER D 361 2.58 -28.46 24.13
C SER D 361 3.73 -29.45 23.93
N SER D 362 3.50 -30.70 24.28
CA SER D 362 4.48 -31.76 24.03
C SER D 362 5.01 -31.73 22.59
N VAL D 363 4.10 -31.75 21.61
CA VAL D 363 4.54 -31.90 20.21
C VAL D 363 5.27 -30.65 19.72
N ILE D 364 4.83 -29.47 20.15
CA ILE D 364 5.52 -28.25 19.70
C ILE D 364 6.94 -28.24 20.26
N ASN D 365 7.11 -28.69 21.49
CA ASN D 365 8.44 -28.71 22.08
C ASN D 365 9.36 -29.70 21.37
N LYS D 366 8.88 -30.91 21.05
CA LYS D 366 9.71 -31.88 20.35
C LYS D 366 10.20 -31.31 19.02
N MET D 367 9.29 -30.66 18.27
CA MET D 367 9.65 -30.02 17.00
C MET D 367 10.71 -28.94 17.19
N LYS D 368 10.57 -28.12 18.23
CA LYS D 368 11.52 -27.04 18.45
C LYS D 368 12.92 -27.60 18.70
N ASP D 369 13.02 -28.74 19.40
CA ASP D 369 14.31 -29.36 19.64
C ASP D 369 14.91 -29.94 18.36
N LEU D 370 14.09 -30.69 17.61
CA LEU D 370 14.55 -31.24 16.33
C LEU D 370 15.11 -30.15 15.41
N LEU D 371 14.54 -28.95 15.45
CA LEU D 371 14.88 -27.88 14.50
C LEU D 371 15.85 -26.85 15.06
N ASP D 372 16.35 -27.04 16.28
CA ASP D 372 17.31 -26.12 16.90
C ASP D 372 16.71 -24.73 17.03
N MET D 373 15.52 -24.67 17.62
CA MET D 373 14.84 -23.41 17.85
C MET D 373 14.23 -23.41 19.25
C1 NAG E . -13.35 -1.29 -41.49
C2 NAG E . -13.27 -0.23 -40.39
C3 NAG E . -13.62 1.16 -40.94
C4 NAG E . -12.86 1.44 -42.24
C5 NAG E . -13.05 0.28 -43.20
C6 NAG E . -12.37 0.47 -44.53
C7 NAG E . -14.38 0.10 -38.18
C8 NAG E . -15.33 -0.51 -37.20
N2 NAG E . -14.17 -0.61 -39.30
O1 NAG E . -12.94 -2.51 -40.97
O3 NAG E . -13.27 2.14 -39.97
O4 NAG E . -13.34 2.62 -42.87
O5 NAG E . -12.54 -0.89 -42.59
O6 NAG E . -13.24 1.14 -45.43
O7 NAG E . -13.83 1.18 -37.97
S SO4 F . -19.93 -3.51 -35.36
O1 SO4 F . -21.04 -2.80 -35.99
O2 SO4 F . -18.70 -2.76 -35.51
O3 SO4 F . -19.80 -4.80 -36.01
O4 SO4 F . -20.21 -3.73 -33.93
C1 NAG G . 38.56 10.60 26.40
C2 NAG G . 38.42 9.53 25.30
C3 NAG G . 39.79 8.90 25.01
C4 NAG G . 40.85 9.97 24.79
C5 NAG G . 40.83 10.98 25.93
C6 NAG G . 41.81 12.12 25.73
C7 NAG G . 36.12 8.73 25.65
C8 NAG G . 35.25 7.58 26.05
N2 NAG G . 37.45 8.52 25.66
O1 NAG G . 37.33 11.22 26.63
O3 NAG G . 39.67 8.07 23.87
O4 NAG G . 42.15 9.39 24.74
O5 NAG G . 39.53 11.57 26.00
O6 NAG G . 42.88 12.06 26.65
O7 NAG G . 35.65 9.82 25.33
S SO4 H . 31.89 7.25 31.22
O1 SO4 H . 30.66 7.82 31.76
O2 SO4 H . 31.81 7.17 29.76
O3 SO4 H . 32.99 8.14 31.61
O4 SO4 H . 32.07 5.90 31.76
#